data_8PIN
#
_entry.id   8PIN
#
_cell.length_a   98.160
_cell.length_b   148.520
_cell.length_c   161.740
_cell.angle_alpha   90.00
_cell.angle_beta   90.00
_cell.angle_gamma   90.00
#
_symmetry.space_group_name_H-M   'P 21 21 21'
#
loop_
_entity.id
_entity.type
_entity.pdbx_description
1 polymer 'D-3-phosphoglycerate dehydrogenase 2'
2 polymer Poli-ALA
3 non-polymer NICOTINAMIDE-ADENINE-DINUCLEOTIDE
4 non-polymer 'HYDROGENPHOSPHATE ION'
#
loop_
_entity_poly.entity_id
_entity_poly.type
_entity_poly.pdbx_seq_one_letter_code
_entity_poly.pdbx_strand_id
1 'polypeptide(L)'
;KQPKALKPFSTGDMNILLLENVNATAIKIFKDQGYQVEFHKSSLPEDELIEKIKDVHAIGIRSKTRLTEKILQHARNLVC
IGCFCIGTNQVDLKYAASKGIAVFNSPFSNSRSVAELVIGEIISLARQLGDRSIELHTGTWNKVAARCWEVRGKTLGIIG
YGHIGSQLSVLAEAMGLHVLYYDIVTIMALGTARQVSTLDELLNKSDFVTLHVPATPETEKMLSAPQFAAMKDGAYVINA
SRGTVVDIPSLIQAVKANKIAGAALDVYPHEPAKNGEGSFNDELNSWTSELVSLPNIILTPHIGGSTEEAQSSIGIEVAT
ALSKYINEGNSVGSVNFPEVSLKSLDYDQENTVRVLYIHRNVPGVLKTVNDILSDHNIEKQFSDSHGEIAYLMADISSVN
QSEIKDIYEKLNQTSAKVSIRLLY
;
A,C,D,B
2 'polypeptide(L)' (UNK)(UNK)(UNK)(UNK)(UNK)(UNK)(UNK)(UNK) F,G,H
#
loop_
_chem_comp.id
_chem_comp.type
_chem_comp.name
_chem_comp.formula
NAD non-polymer NICOTINAMIDE-ADENINE-DINUCLEOTIDE 'C21 H27 N7 O14 P2'
PI non-polymer 'HYDROGENPHOSPHATE ION' 'H O4 P -2'
#
# COMPACT_ATOMS: atom_id res chain seq x y z
N LYS A 4 -20.30 14.16 -50.19
CA LYS A 4 -21.12 15.36 -50.33
C LYS A 4 -22.40 15.26 -49.50
N ALA A 5 -23.01 14.06 -49.48
CA ALA A 5 -24.30 13.85 -48.84
C ALA A 5 -24.24 14.28 -47.39
N LEU A 6 -25.42 14.50 -46.80
CA LEU A 6 -25.50 15.36 -45.63
C LEU A 6 -26.96 15.61 -45.20
N LYS A 7 -27.28 15.39 -43.92
CA LYS A 7 -28.66 15.24 -43.45
C LYS A 7 -28.98 16.13 -42.26
N PRO A 8 -30.20 16.65 -42.17
CA PRO A 8 -30.53 17.70 -41.19
C PRO A 8 -30.78 17.20 -39.78
N PHE A 9 -30.56 18.09 -38.81
CA PHE A 9 -30.81 17.74 -37.40
C PHE A 9 -32.31 17.75 -37.11
N SER A 10 -32.78 16.71 -36.40
CA SER A 10 -34.16 16.57 -35.91
C SER A 10 -34.14 16.72 -34.40
N THR A 11 -34.40 17.93 -33.91
CA THR A 11 -34.57 18.06 -32.48
C THR A 11 -36.02 17.83 -32.10
N GLY A 12 -36.21 17.29 -30.90
CA GLY A 12 -37.56 16.98 -30.49
C GLY A 12 -38.08 15.75 -31.18
N ASP A 13 -37.21 15.05 -31.91
CA ASP A 13 -37.61 13.84 -32.62
C ASP A 13 -37.86 12.71 -31.63
N MET A 14 -37.03 12.60 -30.62
CA MET A 14 -37.22 11.63 -29.55
C MET A 14 -37.84 12.31 -28.34
N ASN A 15 -38.60 11.53 -27.59
CA ASN A 15 -39.34 12.06 -26.46
C ASN A 15 -39.24 11.01 -25.36
N ILE A 16 -38.64 11.40 -24.25
CA ILE A 16 -38.34 10.47 -23.17
C ILE A 16 -38.99 10.94 -21.88
N LEU A 17 -39.48 9.99 -21.09
CA LEU A 17 -40.31 10.29 -19.92
C LEU A 17 -39.64 9.65 -18.73
N LEU A 18 -39.34 10.45 -17.72
CA LEU A 18 -38.69 9.98 -16.51
C LEU A 18 -39.63 10.13 -15.32
N LEU A 19 -39.90 9.01 -14.64
CA LEU A 19 -40.84 8.92 -13.51
C LEU A 19 -40.15 8.60 -12.19
N GLU A 20 -40.91 8.84 -11.11
CA GLU A 20 -40.47 8.63 -9.73
C GLU A 20 -39.06 9.19 -9.46
N ASN A 21 -38.81 10.42 -9.89
CA ASN A 21 -37.63 11.17 -9.46
C ASN A 21 -36.34 10.41 -9.74
N VAL A 22 -35.96 10.44 -10.97
CA VAL A 22 -34.71 9.82 -11.41
C VAL A 22 -33.62 10.86 -11.22
N ASN A 23 -32.45 10.40 -10.82
CA ASN A 23 -31.37 11.32 -10.50
C ASN A 23 -31.03 12.22 -11.69
N ALA A 24 -30.54 13.42 -11.37
CA ALA A 24 -30.20 14.39 -12.40
C ALA A 24 -29.08 13.93 -13.31
N THR A 25 -28.23 12.98 -12.90
CA THR A 25 -27.18 12.53 -13.83
C THR A 25 -27.81 11.91 -15.06
N ALA A 26 -28.97 11.28 -14.89
CA ALA A 26 -29.69 10.77 -16.03
C ALA A 26 -30.12 11.89 -16.97
N ILE A 27 -30.64 13.01 -16.43
CA ILE A 27 -31.05 14.08 -17.34
C ILE A 27 -29.83 14.67 -18.07
N LYS A 28 -28.70 14.82 -17.37
CA LYS A 28 -27.52 15.31 -18.08
C LYS A 28 -27.17 14.40 -19.25
N ILE A 29 -27.18 13.07 -19.02
CA ILE A 29 -26.79 12.13 -20.09
C ILE A 29 -27.77 12.21 -21.26
N PHE A 30 -29.07 12.35 -20.96
CA PHE A 30 -30.07 12.43 -22.02
C PHE A 30 -30.03 13.76 -22.75
N LYS A 31 -30.03 14.88 -22.03
CA LYS A 31 -30.08 16.17 -22.69
C LYS A 31 -28.82 16.44 -23.51
N ASP A 32 -27.63 16.11 -22.99
CA ASP A 32 -26.40 16.34 -23.76
C ASP A 32 -26.43 15.60 -25.09
N GLN A 33 -27.20 14.53 -25.16
CA GLN A 33 -27.53 13.90 -26.43
C GLN A 33 -28.70 14.57 -27.15
N GLY A 34 -29.57 15.30 -26.46
CA GLY A 34 -30.59 15.99 -27.20
C GLY A 34 -31.87 15.21 -27.32
N TYR A 35 -32.73 15.25 -26.28
CA TYR A 35 -34.04 14.60 -26.30
C TYR A 35 -35.06 15.56 -25.71
N GLN A 36 -36.33 15.34 -25.99
CA GLN A 36 -37.38 16.02 -25.23
C GLN A 36 -37.75 15.13 -24.06
N VAL A 37 -37.48 15.61 -22.84
CA VAL A 37 -37.58 14.80 -21.63
C VAL A 37 -38.60 15.41 -20.67
N GLU A 38 -39.68 14.66 -20.45
CA GLU A 38 -40.76 15.02 -19.53
C GLU A 38 -40.48 14.36 -18.18
N PHE A 39 -40.06 15.17 -17.21
CA PHE A 39 -39.68 14.70 -15.90
C PHE A 39 -40.85 14.88 -14.92
N HIS A 40 -41.01 13.90 -14.05
CA HIS A 40 -42.03 13.90 -12.99
C HIS A 40 -41.39 13.44 -11.69
N LYS A 41 -41.71 14.11 -10.59
CA LYS A 41 -41.05 13.71 -9.35
C LYS A 41 -41.75 12.54 -8.71
N SER A 42 -42.95 12.22 -9.17
CA SER A 42 -43.76 11.19 -8.56
C SER A 42 -44.16 10.16 -9.60
N SER A 43 -44.88 9.14 -9.17
CA SER A 43 -45.42 8.15 -10.07
C SER A 43 -46.79 8.64 -10.55
N LEU A 44 -47.03 8.55 -11.84
CA LEU A 44 -48.22 9.17 -12.44
C LEU A 44 -49.43 8.25 -12.33
N PRO A 45 -50.65 8.79 -12.50
CA PRO A 45 -51.86 7.95 -12.40
C PRO A 45 -52.12 7.18 -13.70
N GLU A 46 -53.02 6.17 -13.61
CA GLU A 46 -53.30 5.30 -14.76
C GLU A 46 -53.74 6.11 -15.97
N ASP A 47 -54.60 7.11 -15.77
CA ASP A 47 -55.08 7.92 -16.88
C ASP A 47 -53.95 8.75 -17.46
N GLU A 48 -53.26 9.51 -16.62
CA GLU A 48 -52.20 10.42 -17.07
C GLU A 48 -51.05 9.67 -17.74
N LEU A 49 -50.75 8.46 -17.24
CA LEU A 49 -49.66 7.68 -17.82
C LEU A 49 -50.00 7.29 -19.26
N ILE A 50 -51.13 6.59 -19.43
CA ILE A 50 -51.54 6.12 -20.74
C ILE A 50 -51.66 7.29 -21.69
N GLU A 51 -52.15 8.42 -21.19
CA GLU A 51 -52.19 9.63 -22.00
C GLU A 51 -50.78 10.07 -22.37
N LYS A 52 -49.84 10.01 -21.42
CA LYS A 52 -48.51 10.51 -21.69
C LYS A 52 -47.58 9.49 -22.35
N ILE A 53 -47.96 8.21 -22.37
CA ILE A 53 -47.07 7.13 -22.83
C ILE A 53 -47.27 6.73 -24.29
N LYS A 54 -48.39 7.10 -24.92
CA LYS A 54 -48.71 6.62 -26.26
C LYS A 54 -47.59 6.89 -27.25
N ASP A 55 -47.11 8.14 -27.34
CA ASP A 55 -46.03 8.54 -28.24
C ASP A 55 -44.71 8.82 -27.55
N VAL A 56 -44.54 8.46 -26.28
CA VAL A 56 -43.20 8.58 -25.72
C VAL A 56 -42.27 7.61 -26.43
N HIS A 57 -40.97 7.89 -26.37
CA HIS A 57 -39.98 7.01 -27.00
C HIS A 57 -39.14 6.20 -26.02
N ALA A 58 -39.00 6.63 -24.77
CA ALA A 58 -38.24 5.86 -23.80
C ALA A 58 -38.76 6.27 -22.44
N ILE A 59 -39.04 5.30 -21.60
CA ILE A 59 -39.56 5.59 -20.28
C ILE A 59 -38.55 5.09 -19.26
N GLY A 60 -38.26 5.95 -18.27
CA GLY A 60 -37.44 5.62 -17.13
C GLY A 60 -38.23 5.62 -15.84
N ILE A 61 -38.39 4.45 -15.26
CA ILE A 61 -39.18 4.29 -14.06
C ILE A 61 -38.34 3.72 -12.93
N ARG A 62 -38.97 3.61 -11.77
CA ARG A 62 -38.35 2.98 -10.62
C ARG A 62 -39.28 1.87 -10.16
N SER A 63 -39.08 1.39 -8.93
CA SER A 63 -39.85 0.23 -8.48
C SER A 63 -41.32 0.54 -8.27
N LYS A 64 -41.72 1.82 -8.20
CA LYS A 64 -43.12 2.09 -7.96
C LYS A 64 -43.95 1.94 -9.24
N THR A 65 -43.53 2.57 -10.33
CA THR A 65 -44.35 2.61 -11.54
C THR A 65 -44.57 1.21 -12.12
N ARG A 66 -45.82 0.85 -12.30
CA ARG A 66 -46.20 -0.49 -12.74
C ARG A 66 -46.58 -0.45 -14.22
N LEU A 67 -45.76 -1.09 -15.04
CA LEU A 67 -45.95 -1.15 -16.48
C LEU A 67 -46.32 -2.59 -16.80
N THR A 68 -47.57 -2.79 -17.17
CA THR A 68 -48.14 -4.10 -17.42
C THR A 68 -48.74 -4.09 -18.81
N GLU A 69 -49.21 -5.27 -19.23
CA GLU A 69 -49.73 -5.41 -20.57
C GLU A 69 -50.79 -4.36 -20.88
N LYS A 70 -51.62 -4.03 -19.88
CA LYS A 70 -52.69 -3.07 -20.12
C LYS A 70 -52.15 -1.69 -20.52
N ILE A 71 -51.12 -1.22 -19.82
CA ILE A 71 -50.62 0.12 -20.11
C ILE A 71 -49.64 0.16 -21.28
N LEU A 72 -49.05 -0.97 -21.66
CA LEU A 72 -48.11 -1.02 -22.77
C LEU A 72 -48.78 -1.37 -24.10
N GLN A 73 -49.98 -1.94 -24.03
CA GLN A 73 -50.74 -2.20 -25.24
C GLN A 73 -50.87 -0.95 -26.10
N HIS A 74 -51.30 0.15 -25.48
CA HIS A 74 -51.56 1.38 -26.24
C HIS A 74 -50.27 2.05 -26.70
N ALA A 75 -49.18 1.82 -25.99
CA ALA A 75 -47.93 2.51 -26.27
C ALA A 75 -47.27 1.97 -27.53
N ARG A 76 -47.32 2.77 -28.58
CA ARG A 76 -46.69 2.54 -29.86
C ARG A 76 -45.49 3.48 -29.92
N ASN A 77 -44.57 3.21 -30.84
CA ASN A 77 -43.36 4.04 -31.00
C ASN A 77 -42.49 4.11 -29.72
N LEU A 78 -42.59 3.11 -28.83
CA LEU A 78 -41.72 2.94 -27.65
C LEU A 78 -40.54 2.05 -28.00
N VAL A 79 -39.37 2.33 -27.41
CA VAL A 79 -38.13 1.67 -27.79
C VAL A 79 -37.54 0.89 -26.63
N CYS A 80 -37.52 1.49 -25.45
CA CYS A 80 -36.86 0.80 -24.35
C CYS A 80 -37.34 1.39 -23.03
N ILE A 81 -37.32 0.54 -21.99
CA ILE A 81 -37.75 0.92 -20.65
C ILE A 81 -36.53 0.87 -19.74
N GLY A 82 -36.28 1.95 -19.02
CA GLY A 82 -35.16 1.92 -18.11
C GLY A 82 -35.54 1.85 -16.64
N CYS A 83 -35.27 0.72 -15.98
CA CYS A 83 -35.52 0.58 -14.55
C CYS A 83 -34.35 1.20 -13.82
N PHE A 84 -34.55 2.39 -13.25
CA PHE A 84 -33.50 3.01 -12.45
C PHE A 84 -33.47 2.40 -11.04
N CYS A 85 -33.35 1.08 -11.02
CA CYS A 85 -33.57 0.23 -9.86
C CYS A 85 -32.40 -0.70 -9.74
N ILE A 86 -32.52 -1.58 -8.76
CA ILE A 86 -31.80 -2.84 -8.79
C ILE A 86 -32.66 -3.91 -9.45
N GLY A 87 -33.89 -4.10 -8.98
CA GLY A 87 -34.81 -5.10 -9.53
C GLY A 87 -35.74 -4.56 -10.61
N THR A 88 -36.19 -5.46 -11.49
CA THR A 88 -37.13 -5.10 -12.55
C THR A 88 -38.56 -5.09 -12.02
N ASN A 89 -38.73 -4.33 -10.95
CA ASN A 89 -39.94 -4.38 -10.18
C ASN A 89 -41.10 -3.79 -10.96
N GLN A 90 -42.13 -4.63 -11.14
CA GLN A 90 -43.40 -4.22 -11.72
C GLN A 90 -43.32 -3.86 -13.21
N VAL A 91 -42.51 -4.58 -13.98
CA VAL A 91 -42.48 -4.42 -15.44
C VAL A 91 -42.80 -5.74 -16.11
N ASP A 92 -43.78 -5.73 -17.01
CA ASP A 92 -44.23 -7.01 -17.56
C ASP A 92 -43.26 -7.37 -18.67
N LEU A 93 -42.10 -7.91 -18.26
CA LEU A 93 -41.03 -8.17 -19.23
C LEU A 93 -41.48 -9.04 -20.40
N LYS A 94 -42.20 -10.13 -20.12
CA LYS A 94 -42.60 -11.03 -21.21
C LYS A 94 -43.43 -10.27 -22.24
N TYR A 95 -44.35 -9.41 -21.79
CA TYR A 95 -45.09 -8.61 -22.77
C TYR A 95 -44.17 -7.63 -23.47
N ALA A 96 -43.27 -6.98 -22.72
CA ALA A 96 -42.38 -6.00 -23.33
C ALA A 96 -41.53 -6.63 -24.41
N ALA A 97 -40.96 -7.79 -24.12
CA ALA A 97 -40.23 -8.51 -25.14
C ALA A 97 -41.14 -8.80 -26.32
N SER A 98 -42.39 -9.22 -26.03
CA SER A 98 -43.33 -9.59 -27.09
C SER A 98 -43.49 -8.48 -28.11
N LYS A 99 -43.56 -7.23 -27.66
CA LYS A 99 -43.67 -6.11 -28.58
C LYS A 99 -42.30 -5.51 -28.96
N GLY A 100 -41.20 -6.19 -28.64
CA GLY A 100 -39.86 -5.73 -29.01
C GLY A 100 -39.35 -4.54 -28.21
N ILE A 101 -39.61 -4.55 -26.91
CA ILE A 101 -39.22 -3.48 -25.99
C ILE A 101 -38.12 -3.97 -25.06
N ALA A 102 -36.98 -3.29 -25.07
CA ALA A 102 -35.84 -3.67 -24.23
C ALA A 102 -35.95 -3.02 -22.86
N VAL A 103 -35.64 -3.78 -21.83
CA VAL A 103 -35.68 -3.29 -20.46
C VAL A 103 -34.27 -3.32 -19.89
N PHE A 104 -33.87 -2.23 -19.22
CA PHE A 104 -32.53 -2.15 -18.65
C PHE A 104 -32.58 -1.74 -17.18
N ASN A 105 -31.51 -2.04 -16.44
CA ASN A 105 -31.44 -1.67 -15.02
C ASN A 105 -29.97 -1.55 -14.68
N SER A 106 -29.67 -1.26 -13.40
CA SER A 106 -28.27 -1.19 -12.94
C SER A 106 -28.18 -1.90 -11.63
N PRO A 107 -27.81 -3.19 -11.65
CA PRO A 107 -27.91 -4.00 -10.43
C PRO A 107 -26.77 -3.84 -9.46
N PHE A 108 -25.61 -3.32 -9.88
CA PHE A 108 -24.43 -3.30 -9.04
C PHE A 108 -24.05 -1.90 -8.55
N SER A 109 -24.98 -0.95 -8.59
CA SER A 109 -24.64 0.42 -8.26
C SER A 109 -24.60 0.70 -6.77
N ASN A 110 -25.15 -0.20 -5.94
CA ASN A 110 -25.18 -0.02 -4.49
C ASN A 110 -24.00 -0.67 -3.76
N SER A 111 -22.90 -0.96 -4.46
CA SER A 111 -21.85 -1.75 -3.83
C SER A 111 -21.12 -0.98 -2.75
N ARG A 112 -20.57 0.21 -3.07
CA ARG A 112 -19.86 0.92 -2.01
C ARG A 112 -20.83 1.37 -0.94
N SER A 113 -22.06 1.73 -1.32
CA SER A 113 -23.00 2.22 -0.33
C SER A 113 -23.35 1.14 0.69
N VAL A 114 -23.40 -0.13 0.28
CA VAL A 114 -23.63 -1.22 1.24
C VAL A 114 -22.36 -1.56 2.03
N ALA A 115 -21.17 -1.48 1.40
CA ALA A 115 -19.94 -1.78 2.11
C ALA A 115 -19.70 -0.80 3.24
N GLU A 116 -19.81 0.51 2.93
CA GLU A 116 -19.60 1.53 3.96
C GLU A 116 -20.58 1.38 5.10
N LEU A 117 -21.84 1.07 4.79
CA LEU A 117 -22.81 0.79 5.85
C LEU A 117 -22.29 -0.30 6.76
N VAL A 118 -21.84 -1.42 6.17
CA VAL A 118 -21.37 -2.54 6.98
C VAL A 118 -20.22 -2.09 7.87
N ILE A 119 -19.25 -1.40 7.29
CA ILE A 119 -18.10 -0.93 8.07
C ILE A 119 -18.57 -0.10 9.25
N GLY A 120 -19.51 0.83 9.00
CA GLY A 120 -20.05 1.62 10.09
C GLY A 120 -20.75 0.77 11.14
N GLU A 121 -21.54 -0.20 10.70
CA GLU A 121 -22.26 -1.03 11.65
C GLU A 121 -21.31 -1.92 12.45
N ILE A 122 -20.23 -2.41 11.84
CA ILE A 122 -19.23 -3.17 12.60
C ILE A 122 -18.73 -2.33 13.76
N ILE A 123 -18.41 -1.07 13.49
CA ILE A 123 -17.89 -0.19 14.52
C ILE A 123 -18.97 0.08 15.56
N SER A 124 -20.21 0.35 15.13
CA SER A 124 -21.26 0.63 16.12
C SER A 124 -21.50 -0.55 17.04
N LEU A 125 -21.46 -1.77 16.51
CA LEU A 125 -21.71 -2.93 17.37
C LEU A 125 -20.54 -3.13 18.34
N ALA A 126 -19.31 -3.06 17.83
CA ALA A 126 -18.13 -3.23 18.66
C ALA A 126 -18.11 -2.22 19.79
N ARG A 127 -18.47 -0.98 19.51
CA ARG A 127 -18.45 0.02 20.55
C ARG A 127 -19.80 0.15 21.19
N GLN A 128 -20.79 -0.61 20.74
CA GLN A 128 -22.15 -0.50 21.26
C GLN A 128 -22.68 0.94 21.19
N LEU A 129 -22.28 1.70 20.16
CA LEU A 129 -22.66 3.11 20.07
C LEU A 129 -24.16 3.28 19.98
N GLY A 130 -24.86 2.31 19.40
CA GLY A 130 -26.29 2.42 19.19
C GLY A 130 -27.10 2.42 20.48
N ASP A 131 -26.90 1.40 21.30
CA ASP A 131 -27.56 1.34 22.61
C ASP A 131 -27.13 2.48 23.52
N ARG A 132 -25.82 2.80 23.57
CA ARG A 132 -25.34 3.87 24.43
C ARG A 132 -25.88 5.25 23.99
N SER A 133 -26.02 5.49 22.69
CA SER A 133 -26.57 6.76 22.23
C SER A 133 -28.06 6.84 22.51
N ILE A 134 -28.77 5.71 22.46
CA ILE A 134 -30.17 5.68 22.89
C ILE A 134 -30.27 5.99 24.38
N GLU A 135 -29.34 5.44 25.18
CA GLU A 135 -29.37 5.64 26.64
C GLU A 135 -29.21 7.11 26.99
N LEU A 136 -28.19 7.77 26.45
CA LEU A 136 -28.01 9.20 26.74
C LEU A 136 -29.18 10.01 26.22
N HIS A 137 -29.77 9.60 25.09
CA HIS A 137 -30.96 10.28 24.59
C HIS A 137 -32.14 10.15 25.56
N THR A 138 -32.24 9.04 26.28
CA THR A 138 -33.33 8.84 27.24
C THR A 138 -32.93 9.20 28.67
N GLY A 139 -31.77 9.84 28.87
CA GLY A 139 -31.36 10.32 30.18
C GLY A 139 -30.50 9.37 31.00
N THR A 140 -30.31 8.12 30.57
CA THR A 140 -29.46 7.17 31.27
C THR A 140 -28.01 7.28 30.79
N TRP A 141 -27.08 7.06 31.72
CA TRP A 141 -25.66 7.23 31.46
C TRP A 141 -24.91 5.98 31.90
N ASN A 142 -24.55 5.10 30.95
CA ASN A 142 -23.87 3.84 31.26
C ASN A 142 -22.57 3.74 30.45
N LYS A 143 -21.47 4.23 31.01
CA LYS A 143 -20.18 4.20 30.30
C LYS A 143 -19.54 2.85 30.58
N VAL A 144 -19.71 1.91 29.66
CA VAL A 144 -19.23 0.54 29.86
C VAL A 144 -18.16 0.22 28.82
N ALA A 145 -17.10 -0.47 29.24
CA ALA A 145 -16.01 -0.89 28.36
C ALA A 145 -15.81 -2.40 28.25
N ALA A 146 -16.56 -3.20 29.01
CA ALA A 146 -16.44 -4.66 28.92
C ALA A 146 -17.14 -5.20 27.67
N ARG A 147 -16.41 -6.01 26.90
CA ARG A 147 -16.89 -6.57 25.63
C ARG A 147 -17.16 -5.45 24.60
N CYS A 148 -16.50 -4.31 24.78
CA CYS A 148 -16.45 -3.27 23.76
C CYS A 148 -15.04 -3.32 23.21
N TRP A 149 -14.91 -3.57 21.92
CA TRP A 149 -13.62 -3.88 21.37
C TRP A 149 -13.22 -2.82 20.35
N GLU A 150 -11.92 -2.69 20.15
CA GLU A 150 -11.42 -2.02 18.96
C GLU A 150 -11.53 -3.01 17.82
N VAL A 151 -11.86 -2.51 16.63
CA VAL A 151 -12.00 -3.35 15.45
C VAL A 151 -10.64 -3.88 15.01
N ARG A 152 -9.59 -3.09 15.20
CA ARG A 152 -8.27 -3.49 14.75
C ARG A 152 -7.88 -4.82 15.38
N GLY A 153 -7.41 -5.74 14.55
CA GLY A 153 -6.93 -7.00 15.04
C GLY A 153 -7.94 -8.12 15.08
N LYS A 154 -9.24 -7.81 14.99
CA LYS A 154 -10.28 -8.83 14.93
C LYS A 154 -10.39 -9.37 13.49
N THR A 155 -11.22 -10.40 13.31
CA THR A 155 -11.42 -10.95 11.99
C THR A 155 -12.88 -10.78 11.59
N LEU A 156 -13.09 -10.42 10.32
CA LEU A 156 -14.39 -10.24 9.72
C LEU A 156 -14.65 -11.43 8.82
N GLY A 157 -15.77 -12.12 9.06
CA GLY A 157 -16.16 -13.20 8.19
C GLY A 157 -17.18 -12.76 7.15
N ILE A 158 -16.77 -12.72 5.88
CA ILE A 158 -17.63 -12.28 4.80
C ILE A 158 -18.28 -13.51 4.19
N ILE A 159 -19.62 -13.54 4.17
CA ILE A 159 -20.28 -14.70 3.58
C ILE A 159 -20.36 -14.59 2.05
N GLY A 160 -20.52 -13.42 1.48
CA GLY A 160 -20.67 -13.46 0.03
C GLY A 160 -19.63 -12.68 -0.72
N TYR A 161 -18.72 -13.32 -1.45
CA TYR A 161 -17.59 -12.51 -1.91
C TYR A 161 -17.79 -11.94 -3.30
N GLY A 162 -18.96 -11.35 -3.53
CA GLY A 162 -19.29 -10.81 -4.85
C GLY A 162 -18.86 -9.38 -5.07
N HIS A 163 -19.78 -8.55 -5.55
CA HIS A 163 -19.48 -7.15 -5.70
C HIS A 163 -19.31 -6.48 -4.35
N ILE A 164 -20.30 -6.63 -3.47
CA ILE A 164 -20.24 -6.05 -2.13
C ILE A 164 -19.20 -6.76 -1.29
N GLY A 165 -19.08 -8.07 -1.45
CA GLY A 165 -18.15 -8.80 -0.62
C GLY A 165 -16.72 -8.34 -0.82
N SER A 166 -16.28 -8.24 -2.09
CA SER A 166 -14.90 -7.87 -2.35
C SER A 166 -14.65 -6.45 -1.86
N GLN A 167 -15.52 -5.53 -2.24
CA GLN A 167 -15.38 -4.15 -1.79
C GLN A 167 -15.37 -4.07 -0.28
N LEU A 168 -16.18 -4.87 0.40
CA LEU A 168 -16.12 -4.90 1.86
C LEU A 168 -14.74 -5.35 2.33
N SER A 169 -14.16 -6.32 1.63
CA SER A 169 -12.91 -6.94 2.07
C SER A 169 -11.77 -5.94 2.14
N VAL A 170 -11.53 -5.18 1.06
CA VAL A 170 -10.40 -4.24 1.06
C VAL A 170 -10.61 -3.16 2.10
N LEU A 171 -11.83 -2.64 2.22
CA LEU A 171 -12.08 -1.66 3.25
C LEU A 171 -11.79 -2.24 4.62
N ALA A 172 -12.28 -3.44 4.89
CA ALA A 172 -12.09 -4.02 6.21
C ALA A 172 -10.62 -4.27 6.53
N GLU A 173 -9.82 -4.72 5.54
CA GLU A 173 -8.39 -4.89 5.82
C GLU A 173 -7.76 -3.53 6.12
N ALA A 174 -8.13 -2.49 5.36
CA ALA A 174 -7.63 -1.16 5.64
C ALA A 174 -7.94 -0.74 7.07
N MET A 175 -9.05 -1.19 7.64
CA MET A 175 -9.34 -0.87 9.03
C MET A 175 -8.60 -1.73 10.03
N GLY A 176 -7.82 -2.70 9.58
CA GLY A 176 -7.08 -3.51 10.52
C GLY A 176 -7.78 -4.78 10.95
N LEU A 177 -8.70 -5.27 10.13
CA LEU A 177 -9.38 -6.54 10.39
C LEU A 177 -8.72 -7.62 9.56
N HIS A 178 -8.71 -8.82 10.09
CA HIS A 178 -8.34 -9.97 9.28
C HIS A 178 -9.61 -10.47 8.59
N VAL A 179 -9.56 -10.65 7.27
CA VAL A 179 -10.75 -10.99 6.50
C VAL A 179 -10.65 -12.43 6.05
N LEU A 180 -11.72 -13.17 6.30
CA LEU A 180 -11.92 -14.51 5.74
C LEU A 180 -13.25 -14.54 5.00
N TYR A 181 -13.31 -15.26 3.89
CA TYR A 181 -14.56 -15.30 3.14
C TYR A 181 -14.85 -16.71 2.65
N TYR A 182 -16.11 -17.13 2.84
CA TYR A 182 -16.62 -18.40 2.32
C TYR A 182 -17.58 -18.14 1.18
N ASP A 183 -17.33 -18.78 0.05
CA ASP A 183 -18.16 -18.59 -1.14
C ASP A 183 -18.27 -19.90 -1.92
N ILE A 184 -19.48 -20.19 -2.42
CA ILE A 184 -19.67 -21.44 -3.13
C ILE A 184 -18.74 -21.51 -4.32
N VAL A 185 -18.32 -20.38 -4.82
CA VAL A 185 -17.33 -20.30 -5.88
C VAL A 185 -15.98 -19.92 -5.27
N THR A 186 -14.92 -20.52 -5.77
CA THR A 186 -13.58 -20.07 -5.46
C THR A 186 -13.32 -18.76 -6.20
N ILE A 187 -13.02 -17.71 -5.45
CA ILE A 187 -12.81 -16.37 -6.00
C ILE A 187 -11.40 -15.91 -5.66
N MET A 188 -10.72 -15.36 -6.66
CA MET A 188 -9.38 -14.82 -6.50
C MET A 188 -9.41 -13.77 -5.39
N ALA A 189 -8.74 -14.06 -4.28
CA ALA A 189 -8.79 -13.16 -3.15
C ALA A 189 -8.20 -11.82 -3.53
N LEU A 190 -8.78 -10.75 -2.96
CA LEU A 190 -8.24 -9.42 -3.12
C LEU A 190 -7.44 -9.02 -1.88
N GLY A 191 -6.26 -8.47 -2.12
CA GLY A 191 -5.43 -8.03 -1.02
C GLY A 191 -4.98 -9.17 -0.12
N THR A 192 -5.22 -8.98 1.16
CA THR A 192 -4.76 -9.87 2.20
C THR A 192 -5.86 -10.80 2.68
N ALA A 193 -6.90 -10.99 1.87
CA ALA A 193 -8.04 -11.81 2.26
C ALA A 193 -7.69 -13.29 2.20
N ARG A 194 -8.51 -14.12 2.87
CA ARG A 194 -8.32 -15.57 2.89
C ARG A 194 -9.59 -16.30 2.48
N GLN A 195 -9.49 -17.12 1.41
CA GLN A 195 -10.56 -18.02 0.99
C GLN A 195 -10.65 -19.22 1.92
N VAL A 196 -11.83 -19.50 2.43
CA VAL A 196 -12.02 -20.59 3.39
C VAL A 196 -12.53 -21.82 2.66
N SER A 197 -12.26 -23.00 3.23
CA SER A 197 -12.68 -24.26 2.60
C SER A 197 -14.16 -24.57 2.86
N THR A 198 -14.55 -24.63 4.13
CA THR A 198 -15.93 -24.83 4.55
C THR A 198 -16.50 -23.59 5.22
N LEU A 199 -17.81 -23.41 5.10
CA LEU A 199 -18.47 -22.35 5.83
C LEU A 199 -18.25 -22.48 7.34
N ASP A 200 -18.24 -23.70 7.84
CA ASP A 200 -18.09 -23.87 9.28
C ASP A 200 -16.77 -23.33 9.79
N GLU A 201 -15.68 -23.45 9.01
CA GLU A 201 -14.42 -22.87 9.46
C GLU A 201 -14.56 -21.37 9.66
N LEU A 202 -15.23 -20.71 8.72
CA LEU A 202 -15.44 -19.27 8.84
C LEU A 202 -16.18 -18.96 10.14
N LEU A 203 -17.26 -19.70 10.40
CA LEU A 203 -18.10 -19.43 11.57
C LEU A 203 -17.29 -19.60 12.84
N ASN A 204 -16.40 -20.60 12.85
CA ASN A 204 -15.61 -20.90 14.04
C ASN A 204 -14.63 -19.76 14.34
N LYS A 205 -14.00 -19.27 13.30
CA LYS A 205 -12.88 -18.36 13.43
C LYS A 205 -13.27 -16.89 13.39
N SER A 206 -14.52 -16.53 13.22
CA SER A 206 -14.81 -15.15 12.92
C SER A 206 -15.40 -14.42 14.12
N ASP A 207 -15.02 -13.15 14.26
CA ASP A 207 -15.58 -12.25 15.28
C ASP A 207 -16.77 -11.46 14.79
N PHE A 208 -16.78 -11.11 13.51
CA PHE A 208 -17.91 -10.48 12.85
C PHE A 208 -18.24 -11.32 11.63
N VAL A 209 -19.52 -11.55 11.38
CA VAL A 209 -19.93 -12.27 10.17
C VAL A 209 -20.97 -11.44 9.43
N THR A 210 -20.73 -11.20 8.15
CA THR A 210 -21.68 -10.48 7.33
C THR A 210 -22.11 -11.40 6.21
N LEU A 211 -23.35 -11.17 5.78
CA LEU A 211 -24.01 -11.90 4.70
C LEU A 211 -24.05 -10.99 3.49
N HIS A 212 -23.63 -11.53 2.35
CA HIS A 212 -23.65 -10.82 1.08
C HIS A 212 -24.03 -11.73 -0.07
N VAL A 213 -25.05 -12.55 0.14
CA VAL A 213 -25.46 -13.56 -0.80
C VAL A 213 -26.77 -13.15 -1.45
N PRO A 214 -27.16 -13.75 -2.57
CA PRO A 214 -28.49 -13.53 -3.12
C PRO A 214 -29.51 -14.42 -2.41
N ALA A 215 -30.78 -14.22 -2.80
CA ALA A 215 -31.87 -15.05 -2.28
C ALA A 215 -31.92 -16.30 -3.13
N THR A 216 -31.62 -17.44 -2.52
CA THR A 216 -31.71 -18.73 -3.18
C THR A 216 -32.27 -19.72 -2.17
N PRO A 217 -32.84 -20.85 -2.64
CA PRO A 217 -33.24 -21.89 -1.69
C PRO A 217 -32.10 -22.38 -0.81
N GLU A 218 -30.88 -22.40 -1.35
CA GLU A 218 -29.73 -22.77 -0.53
C GLU A 218 -29.42 -21.70 0.51
N THR A 219 -29.78 -20.43 0.26
CA THR A 219 -29.40 -19.39 1.22
C THR A 219 -30.52 -19.09 2.24
N GLU A 220 -31.75 -19.55 2.02
CA GLU A 220 -32.80 -19.20 2.97
C GLU A 220 -32.51 -19.79 4.32
N LYS A 221 -32.52 -18.92 5.33
CA LYS A 221 -32.19 -19.29 6.69
C LYS A 221 -30.83 -20.00 6.71
N MET A 222 -29.91 -19.48 5.90
CA MET A 222 -28.54 -19.96 5.83
C MET A 222 -27.85 -20.00 7.19
N LEU A 223 -28.03 -18.97 8.01
CA LEU A 223 -27.54 -18.94 9.39
C LEU A 223 -28.69 -19.29 10.32
N SER A 224 -28.68 -20.52 10.83
CA SER A 224 -29.64 -21.01 11.81
C SER A 224 -28.92 -21.37 13.10
N ALA A 225 -29.66 -21.92 14.05
CA ALA A 225 -29.11 -22.23 15.37
C ALA A 225 -27.84 -23.10 15.35
N PRO A 226 -27.72 -24.15 14.52
CA PRO A 226 -26.42 -24.85 14.46
C PRO A 226 -25.28 -23.92 14.09
N GLN A 227 -25.52 -23.02 13.14
CA GLN A 227 -24.48 -22.12 12.66
C GLN A 227 -24.04 -21.15 13.76
N PHE A 228 -25.00 -20.64 14.55
CA PHE A 228 -24.67 -19.72 15.62
C PHE A 228 -23.78 -20.37 16.64
N ALA A 229 -24.17 -21.55 17.12
CA ALA A 229 -23.37 -22.23 18.12
C ALA A 229 -21.97 -22.50 17.60
N ALA A 230 -21.81 -22.61 16.27
CA ALA A 230 -20.47 -22.77 15.68
C ALA A 230 -19.74 -21.44 15.53
N MET A 231 -20.12 -20.39 16.25
CA MET A 231 -19.43 -19.12 16.16
C MET A 231 -18.92 -18.78 17.55
N LYS A 232 -17.88 -17.93 17.54
CA LYS A 232 -17.11 -17.65 18.76
C LYS A 232 -18.00 -17.00 19.81
N ASP A 233 -17.72 -17.37 21.07
CA ASP A 233 -18.54 -16.93 22.17
C ASP A 233 -18.54 -15.42 22.22
N GLY A 234 -19.67 -14.84 21.91
CA GLY A 234 -19.83 -13.40 21.91
C GLY A 234 -19.36 -12.71 20.63
N ALA A 235 -19.86 -13.17 19.48
CA ALA A 235 -19.48 -12.59 18.20
C ALA A 235 -20.67 -11.75 17.71
N TYR A 236 -20.56 -11.18 16.51
CA TYR A 236 -21.55 -10.27 15.95
C TYR A 236 -21.95 -10.70 14.54
N VAL A 237 -23.20 -10.36 14.17
CA VAL A 237 -23.84 -10.77 12.92
C VAL A 237 -24.46 -9.57 12.21
N ILE A 238 -24.17 -9.44 10.91
CA ILE A 238 -24.74 -8.36 10.10
C ILE A 238 -25.34 -8.94 8.84
N ASN A 239 -26.58 -8.55 8.53
CA ASN A 239 -27.19 -9.02 7.29
C ASN A 239 -27.83 -7.86 6.55
N ALA A 240 -27.22 -7.47 5.44
CA ALA A 240 -27.82 -6.47 4.57
C ALA A 240 -27.92 -7.01 3.17
N SER A 241 -28.19 -8.31 3.06
CA SER A 241 -28.36 -8.95 1.76
C SER A 241 -29.83 -9.13 1.45
N ARG A 242 -30.47 -10.16 2.01
CA ARG A 242 -31.85 -10.49 1.71
C ARG A 242 -32.55 -10.95 2.97
N GLY A 243 -33.83 -10.56 3.09
CA GLY A 243 -34.56 -10.62 4.34
C GLY A 243 -34.91 -12.02 4.76
N THR A 244 -34.41 -12.97 4.02
CA THR A 244 -34.68 -14.35 4.27
C THR A 244 -33.44 -15.10 4.69
N VAL A 245 -32.27 -14.45 4.71
CA VAL A 245 -31.04 -15.22 4.80
C VAL A 245 -30.75 -15.64 6.21
N VAL A 246 -31.33 -14.97 7.19
CA VAL A 246 -31.06 -15.25 8.60
C VAL A 246 -32.33 -15.74 9.24
N ASP A 247 -32.22 -16.78 10.05
CA ASP A 247 -33.36 -17.26 10.83
C ASP A 247 -33.56 -16.37 12.04
N ILE A 248 -34.42 -15.37 11.88
CA ILE A 248 -34.58 -14.34 12.90
C ILE A 248 -34.96 -14.93 14.25
N PRO A 249 -35.92 -15.87 14.36
CA PRO A 249 -36.17 -16.49 15.68
C PRO A 249 -34.97 -17.20 16.27
N SER A 250 -34.22 -17.92 15.43
CA SER A 250 -33.05 -18.63 15.91
C SER A 250 -32.05 -17.66 16.52
N LEU A 251 -31.89 -16.49 15.88
CA LEU A 251 -30.93 -15.48 16.31
C LEU A 251 -31.35 -14.85 17.63
N ILE A 252 -32.62 -14.47 17.77
CA ILE A 252 -33.07 -13.86 19.01
C ILE A 252 -32.87 -14.85 20.17
N GLN A 253 -33.05 -16.14 19.92
CA GLN A 253 -32.74 -17.16 20.92
C GLN A 253 -31.25 -17.12 21.28
N ALA A 254 -30.37 -17.08 20.28
CA ALA A 254 -28.93 -17.12 20.56
C ALA A 254 -28.43 -15.87 21.28
N VAL A 255 -28.90 -14.68 20.89
CA VAL A 255 -28.42 -13.44 21.52
C VAL A 255 -28.84 -13.36 22.98
N LYS A 256 -30.11 -13.69 23.26
CA LYS A 256 -30.61 -13.70 24.63
C LYS A 256 -29.82 -14.70 25.48
N ALA A 257 -29.32 -15.79 24.86
CA ALA A 257 -28.47 -16.78 25.51
C ALA A 257 -27.02 -16.32 25.63
N ASN A 258 -26.76 -15.06 25.29
CA ASN A 258 -25.43 -14.47 25.35
C ASN A 258 -24.40 -15.27 24.52
N LYS A 259 -24.82 -15.98 23.47
CA LYS A 259 -23.89 -16.59 22.52
C LYS A 259 -23.45 -15.63 21.43
N ILE A 260 -24.31 -14.70 21.02
CA ILE A 260 -24.00 -13.64 20.06
C ILE A 260 -24.16 -12.30 20.78
N ALA A 261 -23.11 -11.48 20.74
CA ALA A 261 -23.08 -10.27 21.54
C ALA A 261 -24.06 -9.22 21.02
N GLY A 262 -24.11 -9.02 19.70
CA GLY A 262 -25.02 -8.09 19.07
C GLY A 262 -25.15 -8.45 17.60
N ALA A 263 -26.01 -7.71 16.89
CA ALA A 263 -26.15 -7.89 15.44
C ALA A 263 -26.83 -6.67 14.81
N ALA A 264 -26.66 -6.52 13.49
CA ALA A 264 -27.25 -5.42 12.74
C ALA A 264 -27.93 -5.94 11.46
N LEU A 265 -29.17 -5.48 11.24
CA LEU A 265 -30.03 -5.98 10.18
C LEU A 265 -30.57 -4.82 9.34
N ASP A 266 -30.48 -4.95 8.03
CA ASP A 266 -31.06 -3.97 7.12
C ASP A 266 -32.20 -4.54 6.29
N VAL A 267 -32.33 -5.85 6.23
CA VAL A 267 -33.37 -6.50 5.46
C VAL A 267 -34.04 -7.52 6.37
N TYR A 268 -35.35 -7.69 6.19
CA TYR A 268 -36.17 -8.54 7.04
C TYR A 268 -37.06 -9.43 6.18
N PRO A 269 -37.60 -10.52 6.75
CA PRO A 269 -38.47 -11.40 5.95
C PRO A 269 -39.68 -10.72 5.35
N HIS A 270 -40.34 -9.82 6.09
CA HIS A 270 -41.56 -9.15 5.62
C HIS A 270 -41.35 -7.65 5.73
N GLU A 271 -40.90 -7.05 4.67
CA GLU A 271 -40.75 -5.61 4.77
C GLU A 271 -42.02 -4.96 4.19
N PRO A 272 -42.49 -3.85 4.74
CA PRO A 272 -43.66 -3.16 4.16
C PRO A 272 -43.41 -2.58 2.77
N ALA A 273 -44.49 -2.51 1.99
CA ALA A 273 -44.47 -2.02 0.62
C ALA A 273 -44.71 -0.52 0.52
N LYS A 274 -45.17 0.09 1.60
CA LYS A 274 -45.36 1.54 1.66
C LYS A 274 -44.86 2.04 3.02
N ASN A 275 -44.35 3.26 3.02
CA ASN A 275 -43.91 3.91 4.26
C ASN A 275 -45.09 4.23 5.16
N GLY A 276 -44.91 4.03 6.47
CA GLY A 276 -45.95 4.34 7.42
C GLY A 276 -45.39 4.78 8.75
N GLU A 277 -46.25 5.45 9.52
CA GLU A 277 -45.84 5.94 10.84
C GLU A 277 -45.74 4.81 11.87
N GLY A 278 -46.43 3.70 11.68
CA GLY A 278 -46.34 2.60 12.62
C GLY A 278 -46.12 1.29 11.90
N SER A 279 -45.46 1.37 10.73
CA SER A 279 -45.37 0.23 9.82
C SER A 279 -44.66 -0.97 10.43
N PHE A 280 -43.52 -0.74 11.08
CA PHE A 280 -42.68 -1.86 11.53
C PHE A 280 -43.24 -2.41 12.84
N ASN A 281 -44.31 -3.17 12.69
CA ASN A 281 -45.00 -3.71 13.84
C ASN A 281 -44.91 -5.23 13.82
N ASP A 282 -45.51 -5.81 14.86
CA ASP A 282 -45.50 -7.25 15.04
C ASP A 282 -46.40 -7.96 14.01
N GLU A 283 -47.36 -7.24 13.40
CA GLU A 283 -48.21 -7.85 12.38
C GLU A 283 -47.40 -8.26 11.16
N LEU A 284 -46.32 -7.51 10.85
CA LEU A 284 -45.45 -7.86 9.74
C LEU A 284 -44.63 -9.09 10.06
N ASN A 285 -44.06 -9.15 11.27
CA ASN A 285 -43.24 -10.28 11.70
C ASN A 285 -43.56 -10.64 13.15
N SER A 286 -43.87 -11.92 13.40
CA SER A 286 -44.34 -12.37 14.71
C SER A 286 -43.33 -12.12 15.82
N TRP A 287 -42.06 -11.88 15.48
CA TRP A 287 -40.98 -11.69 16.45
C TRP A 287 -40.65 -10.23 16.74
N THR A 288 -41.34 -9.27 16.10
CA THR A 288 -40.94 -7.85 16.17
C THR A 288 -40.75 -7.35 17.60
N SER A 289 -41.65 -7.71 18.50
CA SER A 289 -41.53 -7.30 19.90
C SER A 289 -40.30 -7.94 20.56
N GLU A 290 -40.07 -9.23 20.30
CA GLU A 290 -38.92 -9.91 20.90
C GLU A 290 -37.61 -9.34 20.39
N LEU A 291 -37.54 -9.03 19.09
CA LEU A 291 -36.33 -8.46 18.50
C LEU A 291 -35.96 -7.10 19.11
N VAL A 292 -36.91 -6.15 19.12
CA VAL A 292 -36.60 -4.82 19.64
C VAL A 292 -36.11 -4.87 21.08
N SER A 293 -36.47 -5.91 21.80
CA SER A 293 -36.15 -6.01 23.22
C SER A 293 -34.68 -6.36 23.46
N LEU A 294 -34.00 -7.01 22.52
CA LEU A 294 -32.62 -7.39 22.72
C LEU A 294 -31.76 -6.14 23.00
N PRO A 295 -30.58 -6.30 23.65
CA PRO A 295 -29.81 -5.13 24.11
C PRO A 295 -28.98 -4.37 23.05
N ASN A 296 -28.20 -5.10 22.24
CA ASN A 296 -27.31 -4.48 21.24
C ASN A 296 -27.71 -4.87 19.81
N ILE A 297 -28.85 -4.36 19.32
CA ILE A 297 -29.29 -4.64 17.96
C ILE A 297 -29.45 -3.32 17.21
N ILE A 298 -28.83 -3.22 16.04
CA ILE A 298 -28.91 -2.04 15.17
C ILE A 298 -29.81 -2.40 14.00
N LEU A 299 -30.97 -1.73 13.92
CA LEU A 299 -31.99 -1.97 12.90
C LEU A 299 -32.12 -0.80 11.94
N THR A 300 -32.25 -1.11 10.67
CA THR A 300 -32.33 -0.13 9.61
C THR A 300 -33.40 -0.54 8.61
N PRO A 301 -34.06 0.43 8.00
CA PRO A 301 -35.16 0.13 7.08
C PRO A 301 -34.70 -0.06 5.63
N HIS A 302 -34.06 -1.19 5.35
CA HIS A 302 -33.64 -1.55 3.99
C HIS A 302 -32.92 -0.37 3.35
N ILE A 303 -32.01 0.23 4.14
CA ILE A 303 -31.26 1.43 3.74
C ILE A 303 -29.89 1.10 3.18
N GLY A 304 -29.53 -0.17 3.09
CA GLY A 304 -28.25 -0.50 2.51
C GLY A 304 -28.22 0.14 1.14
N GLY A 305 -27.27 1.01 0.88
CA GLY A 305 -27.24 1.59 -0.45
C GLY A 305 -28.24 2.70 -0.79
N SER A 306 -28.84 3.38 0.17
CA SER A 306 -29.75 4.47 -0.12
C SER A 306 -28.95 5.75 0.08
N THR A 307 -28.07 6.05 -0.88
CA THR A 307 -27.20 7.22 -0.80
C THR A 307 -27.26 8.04 -2.08
N GLU A 308 -26.96 9.33 -1.97
CA GLU A 308 -26.97 10.15 -3.17
C GLU A 308 -26.01 9.59 -4.20
N GLU A 309 -24.80 9.21 -3.77
CA GLU A 309 -23.84 8.68 -4.72
C GLU A 309 -24.34 7.39 -5.36
N ALA A 310 -25.09 6.56 -4.60
CA ALA A 310 -25.63 5.32 -5.19
C ALA A 310 -26.61 5.65 -6.27
N GLN A 311 -27.57 6.53 -6.00
CA GLN A 311 -28.56 6.93 -6.99
C GLN A 311 -27.91 7.64 -8.18
N SER A 312 -26.92 8.47 -7.92
CA SER A 312 -26.27 9.15 -9.03
C SER A 312 -25.63 8.13 -9.97
N SER A 313 -24.97 7.10 -9.42
CA SER A 313 -24.38 6.10 -10.30
C SER A 313 -25.45 5.35 -11.08
N ILE A 314 -26.58 5.04 -10.44
CA ILE A 314 -27.62 4.32 -11.16
C ILE A 314 -28.05 5.14 -12.37
N GLY A 315 -28.26 6.44 -12.15
CA GLY A 315 -28.61 7.30 -13.26
C GLY A 315 -27.57 7.25 -14.37
N ILE A 316 -26.29 7.41 -14.02
CA ILE A 316 -25.24 7.35 -15.04
C ILE A 316 -25.27 6.01 -15.77
N GLU A 317 -25.30 4.90 -15.03
CA GLU A 317 -25.21 3.59 -15.69
C GLU A 317 -26.44 3.32 -16.57
N VAL A 318 -27.65 3.52 -16.06
CA VAL A 318 -28.81 3.14 -16.87
C VAL A 318 -29.03 4.13 -18.00
N ALA A 319 -28.83 5.43 -17.76
CA ALA A 319 -29.01 6.39 -18.84
C ALA A 319 -28.00 6.17 -19.96
N THR A 320 -26.71 5.95 -19.65
CA THR A 320 -25.81 5.63 -20.75
C THR A 320 -26.23 4.34 -21.45
N ALA A 321 -26.73 3.35 -20.72
CA ALA A 321 -27.08 2.08 -21.35
C ALA A 321 -28.17 2.25 -22.38
N LEU A 322 -29.25 2.96 -22.01
CA LEU A 322 -30.36 3.22 -22.93
C LEU A 322 -29.90 4.10 -24.09
N SER A 323 -29.09 5.12 -23.79
CA SER A 323 -28.55 5.95 -24.85
C SER A 323 -27.73 5.12 -25.84
N LYS A 324 -26.87 4.21 -25.36
CA LYS A 324 -26.13 3.34 -26.26
C LYS A 324 -27.05 2.39 -27.04
N TYR A 325 -28.20 1.98 -26.47
CA TYR A 325 -29.10 1.14 -27.27
C TYR A 325 -29.83 1.94 -28.35
N ILE A 326 -30.24 3.17 -28.04
CA ILE A 326 -30.94 3.99 -29.01
C ILE A 326 -30.01 4.41 -30.14
N ASN A 327 -28.74 4.64 -29.85
CA ASN A 327 -27.89 5.18 -30.90
C ASN A 327 -27.17 4.12 -31.71
N GLU A 328 -26.74 3.02 -31.08
CA GLU A 328 -26.00 1.96 -31.77
C GLU A 328 -26.67 0.60 -31.71
N GLY A 329 -27.93 0.51 -31.29
CA GLY A 329 -28.57 -0.78 -31.19
C GLY A 329 -28.03 -1.70 -30.13
N ASN A 330 -26.91 -1.38 -29.47
CA ASN A 330 -26.28 -2.22 -28.44
C ASN A 330 -27.21 -2.58 -27.28
N SER A 331 -27.51 -3.87 -27.13
CA SER A 331 -28.42 -4.34 -26.09
C SER A 331 -27.75 -5.16 -25.00
N VAL A 332 -26.42 -5.22 -24.93
CA VAL A 332 -25.78 -6.04 -23.89
C VAL A 332 -26.23 -5.52 -22.54
N GLY A 333 -26.68 -6.41 -21.69
CA GLY A 333 -27.14 -6.00 -20.38
C GLY A 333 -28.62 -5.83 -20.23
N SER A 334 -29.41 -6.06 -21.27
CA SER A 334 -30.87 -5.99 -21.16
C SER A 334 -31.39 -7.13 -20.30
N VAL A 335 -32.49 -6.88 -19.60
CA VAL A 335 -32.97 -7.91 -18.70
C VAL A 335 -33.78 -8.94 -19.46
N ASN A 336 -34.54 -8.50 -20.47
CA ASN A 336 -35.53 -9.33 -21.15
C ASN A 336 -35.28 -9.56 -22.64
N PHE A 337 -34.08 -9.34 -23.12
CA PHE A 337 -33.79 -9.15 -24.53
C PHE A 337 -32.56 -9.96 -24.89
N PRO A 338 -32.34 -10.27 -26.17
CA PRO A 338 -31.05 -10.82 -26.57
C PRO A 338 -29.97 -9.77 -26.40
N GLU A 339 -28.79 -10.24 -26.02
CA GLU A 339 -27.65 -9.35 -25.82
C GLU A 339 -26.84 -9.38 -27.11
N VAL A 340 -26.90 -8.29 -27.86
CA VAL A 340 -26.29 -8.16 -29.17
C VAL A 340 -25.55 -6.84 -29.25
N SER A 341 -24.34 -6.87 -29.82
CA SER A 341 -23.64 -5.60 -29.95
C SER A 341 -22.57 -5.74 -31.01
N LEU A 342 -22.25 -4.62 -31.67
CA LEU A 342 -21.23 -4.59 -32.70
C LEU A 342 -20.41 -3.31 -32.61
N LYS A 343 -19.19 -3.38 -33.16
CA LYS A 343 -18.27 -2.24 -33.19
C LYS A 343 -18.91 -1.03 -33.82
N SER A 344 -19.08 0.00 -32.99
CA SER A 344 -19.72 1.26 -33.31
C SER A 344 -19.81 1.53 -34.81
N LEU A 345 -18.69 1.86 -35.44
CA LEU A 345 -18.39 2.06 -36.86
C LEU A 345 -17.14 2.91 -36.86
N ASP A 346 -16.43 2.96 -37.96
CA ASP A 346 -15.16 3.67 -37.98
C ASP A 346 -15.29 5.09 -38.50
N TYR A 347 -16.40 5.41 -39.17
CA TYR A 347 -16.69 6.73 -39.74
C TYR A 347 -15.90 6.98 -41.03
N ASP A 348 -14.79 6.28 -41.22
CA ASP A 348 -14.00 6.51 -42.42
C ASP A 348 -14.75 6.06 -43.66
N GLN A 349 -15.41 4.91 -43.60
CA GLN A 349 -16.20 4.41 -44.71
C GLN A 349 -17.62 4.95 -44.64
N GLU A 350 -18.07 5.56 -45.74
CA GLU A 350 -19.38 6.18 -45.84
C GLU A 350 -20.40 5.22 -46.42
N ASN A 351 -21.65 5.67 -46.36
CA ASN A 351 -22.77 4.92 -46.92
C ASN A 351 -22.83 3.49 -46.41
N THR A 352 -22.63 3.33 -45.10
CA THR A 352 -22.77 2.02 -44.47
C THR A 352 -23.96 2.13 -43.53
N VAL A 353 -25.02 1.32 -43.77
CA VAL A 353 -26.23 1.37 -42.96
C VAL A 353 -26.20 0.23 -41.96
N ARG A 354 -26.85 0.41 -40.80
CA ARG A 354 -27.00 -0.66 -39.82
C ARG A 354 -28.48 -1.01 -39.60
N VAL A 355 -28.80 -2.30 -39.75
CA VAL A 355 -30.16 -2.84 -39.61
C VAL A 355 -30.30 -3.36 -38.19
N LEU A 356 -31.37 -2.96 -37.51
CA LEU A 356 -31.72 -3.49 -36.20
C LEU A 356 -33.05 -4.20 -36.37
N TYR A 357 -32.99 -5.52 -36.50
CA TYR A 357 -34.15 -6.29 -36.90
C TYR A 357 -34.53 -7.19 -35.74
N ILE A 358 -35.63 -6.86 -35.07
CA ILE A 358 -36.14 -7.68 -33.99
C ILE A 358 -37.24 -8.53 -34.59
N HIS A 359 -37.17 -9.84 -34.40
CA HIS A 359 -38.09 -10.76 -35.06
C HIS A 359 -38.56 -11.84 -34.11
N ARG A 360 -39.54 -12.62 -34.60
CA ARG A 360 -39.96 -13.84 -33.92
C ARG A 360 -38.93 -14.93 -34.20
N ASN A 361 -38.65 -15.73 -33.18
CA ASN A 361 -37.57 -16.73 -33.23
C ASN A 361 -38.12 -18.01 -33.91
N VAL A 362 -38.24 -17.92 -35.22
CA VAL A 362 -38.86 -18.96 -36.04
C VAL A 362 -37.90 -19.27 -37.17
N PRO A 363 -37.79 -20.52 -37.62
CA PRO A 363 -36.85 -20.81 -38.70
C PRO A 363 -37.18 -20.04 -39.97
N GLY A 364 -36.13 -19.84 -40.78
CA GLY A 364 -36.21 -19.24 -42.09
C GLY A 364 -36.12 -17.73 -42.14
N VAL A 365 -36.18 -17.06 -40.99
CA VAL A 365 -36.16 -15.61 -40.99
C VAL A 365 -34.84 -15.09 -41.51
N LEU A 366 -33.75 -15.71 -41.11
CA LEU A 366 -32.45 -15.22 -41.56
C LEU A 366 -32.27 -15.42 -43.07
N LYS A 367 -32.89 -16.48 -43.62
CA LYS A 367 -32.99 -16.62 -45.09
C LYS A 367 -33.69 -15.42 -45.69
N THR A 368 -34.84 -15.06 -45.11
CA THR A 368 -35.61 -13.93 -45.62
C THR A 368 -34.75 -12.66 -45.68
N VAL A 369 -34.08 -12.33 -44.58
CA VAL A 369 -33.39 -11.05 -44.52
C VAL A 369 -32.15 -11.04 -45.41
N ASN A 370 -31.35 -12.10 -45.35
CA ASN A 370 -30.13 -12.07 -46.16
C ASN A 370 -30.41 -12.09 -47.66
N ASP A 371 -31.56 -12.64 -48.09
CA ASP A 371 -31.91 -12.50 -49.49
C ASP A 371 -32.12 -11.03 -49.83
N ILE A 372 -32.94 -10.35 -49.02
CA ILE A 372 -33.25 -8.93 -49.21
C ILE A 372 -31.97 -8.11 -49.26
N LEU A 373 -30.99 -8.46 -48.43
CA LEU A 373 -29.73 -7.75 -48.37
C LEU A 373 -28.72 -8.30 -49.37
N SER A 374 -29.16 -9.22 -50.24
CA SER A 374 -28.22 -9.85 -51.15
C SER A 374 -27.59 -8.85 -52.11
N ASP A 375 -28.23 -7.69 -52.32
CA ASP A 375 -27.74 -6.70 -53.29
C ASP A 375 -26.47 -5.99 -52.81
N HIS A 376 -26.26 -5.89 -51.50
CA HIS A 376 -25.08 -5.22 -50.97
C HIS A 376 -24.26 -6.18 -50.12
N ASN A 377 -23.01 -5.80 -49.90
CA ASN A 377 -22.12 -6.62 -49.10
C ASN A 377 -22.43 -6.37 -47.63
N ILE A 378 -22.61 -7.45 -46.89
CA ILE A 378 -22.80 -7.40 -45.43
C ILE A 378 -21.45 -7.60 -44.77
N GLU A 379 -20.87 -6.55 -44.21
CA GLU A 379 -19.54 -6.67 -43.63
C GLU A 379 -19.57 -7.46 -42.32
N LYS A 380 -20.56 -7.18 -41.45
CA LYS A 380 -20.72 -7.86 -40.16
C LYS A 380 -22.19 -8.18 -39.94
N GLN A 381 -22.45 -9.26 -39.20
CA GLN A 381 -23.83 -9.62 -38.87
C GLN A 381 -23.82 -10.48 -37.63
N PHE A 382 -24.81 -10.29 -36.76
CA PHE A 382 -24.91 -11.00 -35.49
C PHE A 382 -26.37 -11.04 -35.07
N SER A 383 -26.90 -12.22 -34.81
CA SER A 383 -28.28 -12.36 -34.38
C SER A 383 -28.30 -13.34 -33.23
N ASP A 384 -29.10 -13.07 -32.20
CA ASP A 384 -29.23 -14.03 -31.11
C ASP A 384 -30.67 -14.00 -30.63
N SER A 385 -31.03 -15.08 -29.94
CA SER A 385 -32.40 -15.34 -29.53
C SER A 385 -32.41 -15.42 -28.02
N HIS A 386 -33.36 -14.75 -27.39
CA HIS A 386 -33.43 -14.83 -25.94
C HIS A 386 -34.65 -15.59 -25.42
N GLY A 387 -35.75 -15.55 -26.13
CA GLY A 387 -36.94 -16.30 -25.74
C GLY A 387 -37.68 -16.70 -27.00
N GLU A 388 -38.95 -16.31 -27.04
CA GLU A 388 -39.67 -16.40 -28.30
C GLU A 388 -39.24 -15.29 -29.25
N ILE A 389 -38.49 -14.30 -28.77
CA ILE A 389 -38.02 -13.15 -29.55
C ILE A 389 -36.53 -13.25 -29.82
N ALA A 390 -36.10 -12.62 -30.91
CA ALA A 390 -34.72 -12.62 -31.36
C ALA A 390 -34.36 -11.26 -31.96
N TYR A 391 -33.06 -10.97 -32.00
CA TYR A 391 -32.57 -9.66 -32.40
C TYR A 391 -31.40 -9.81 -33.35
N LEU A 392 -31.44 -9.08 -34.47
CA LEU A 392 -30.40 -9.13 -35.49
C LEU A 392 -29.85 -7.73 -35.72
N MET A 393 -28.54 -7.59 -35.72
CA MET A 393 -27.91 -6.34 -36.10
C MET A 393 -26.94 -6.63 -37.21
N ALA A 394 -26.95 -5.82 -38.27
CA ALA A 394 -26.05 -6.04 -39.39
C ALA A 394 -25.57 -4.70 -39.96
N ASP A 395 -24.33 -4.70 -40.47
CA ASP A 395 -23.75 -3.54 -41.13
C ASP A 395 -23.54 -3.87 -42.61
N ILE A 396 -24.31 -3.20 -43.48
CA ILE A 396 -24.35 -3.44 -44.92
C ILE A 396 -23.64 -2.32 -45.65
N SER A 397 -22.92 -2.66 -46.71
CA SER A 397 -21.93 -1.74 -47.23
C SER A 397 -22.40 -1.12 -48.55
N SER A 398 -22.05 0.16 -48.74
CA SER A 398 -22.31 0.94 -49.96
C SER A 398 -23.80 0.92 -50.32
N VAL A 399 -24.58 1.60 -49.49
CA VAL A 399 -26.01 1.71 -49.68
C VAL A 399 -26.32 3.13 -50.12
N ASN A 400 -27.38 3.28 -50.93
CA ASN A 400 -27.77 4.56 -51.52
C ASN A 400 -29.02 5.04 -50.83
N GLN A 401 -29.11 6.36 -50.58
CA GLN A 401 -30.26 6.88 -49.85
C GLN A 401 -31.58 6.48 -50.49
N SER A 402 -31.62 6.40 -51.81
CA SER A 402 -32.78 5.84 -52.47
C SER A 402 -33.00 4.40 -52.03
N GLU A 403 -31.91 3.67 -51.78
CA GLU A 403 -32.05 2.25 -51.46
C GLU A 403 -32.48 2.03 -50.02
N ILE A 404 -32.09 2.90 -49.08
CA ILE A 404 -32.41 2.65 -47.67
C ILE A 404 -33.91 2.56 -47.50
N LYS A 405 -34.65 3.46 -48.14
CA LYS A 405 -36.11 3.45 -48.05
C LYS A 405 -36.67 2.13 -48.57
N ASP A 406 -36.17 1.68 -49.73
CA ASP A 406 -36.61 0.40 -50.26
C ASP A 406 -36.27 -0.72 -49.28
N ILE A 407 -35.02 -0.77 -48.80
CA ILE A 407 -34.61 -1.82 -47.89
C ILE A 407 -35.46 -1.76 -46.61
N TYR A 408 -35.78 -0.55 -46.14
CA TYR A 408 -36.66 -0.47 -44.97
C TYR A 408 -38.05 -0.98 -45.31
N GLU A 409 -38.59 -0.58 -46.48
CA GLU A 409 -39.94 -0.99 -46.85
C GLU A 409 -40.03 -2.50 -47.02
N LYS A 410 -39.05 -3.09 -47.72
CA LYS A 410 -39.04 -4.54 -47.89
C LYS A 410 -39.01 -5.21 -46.52
N LEU A 411 -38.11 -4.76 -45.65
CA LEU A 411 -37.99 -5.36 -44.32
C LEU A 411 -39.26 -5.19 -43.51
N ASN A 412 -39.86 -3.99 -43.53
CA ASN A 412 -41.05 -3.77 -42.70
C ASN A 412 -42.19 -4.68 -43.14
N GLN A 413 -42.21 -5.10 -44.42
CA GLN A 413 -43.29 -5.94 -44.92
C GLN A 413 -43.05 -7.41 -44.63
N THR A 414 -41.94 -7.78 -44.00
CA THR A 414 -41.64 -9.18 -43.80
C THR A 414 -42.54 -9.80 -42.75
N SER A 415 -42.70 -11.12 -42.85
CA SER A 415 -43.39 -11.89 -41.84
C SER A 415 -42.55 -12.01 -40.58
N ALA A 416 -43.23 -12.02 -39.43
CA ALA A 416 -42.62 -12.23 -38.12
C ALA A 416 -41.56 -11.18 -37.76
N LYS A 417 -41.62 -10.00 -38.36
CA LYS A 417 -40.87 -8.84 -37.88
C LYS A 417 -41.71 -8.15 -36.81
N VAL A 418 -41.13 -7.85 -35.66
CA VAL A 418 -41.85 -7.14 -34.60
C VAL A 418 -41.49 -5.66 -34.58
N SER A 419 -40.22 -5.31 -34.80
CA SER A 419 -39.83 -3.91 -34.97
C SER A 419 -38.55 -3.87 -35.80
N ILE A 420 -38.44 -2.85 -36.65
CA ILE A 420 -37.31 -2.67 -37.55
C ILE A 420 -36.83 -1.24 -37.48
N ARG A 421 -35.51 -1.05 -37.50
CA ARG A 421 -34.94 0.30 -37.46
C ARG A 421 -33.67 0.32 -38.29
N LEU A 422 -33.43 1.41 -39.01
CA LEU A 422 -32.25 1.54 -39.86
C LEU A 422 -31.47 2.78 -39.47
N LEU A 423 -30.15 2.64 -39.33
CA LEU A 423 -29.28 3.76 -38.96
C LEU A 423 -28.40 4.12 -40.13
N TYR A 424 -28.07 5.39 -40.29
CA TYR A 424 -27.33 5.75 -41.50
C TYR A 424 -26.53 7.03 -41.37
N LEU B 6 21.42 -9.96 32.95
CA LEU B 6 21.84 -8.69 32.35
C LEU B 6 21.63 -7.51 33.32
N LYS B 7 20.46 -7.44 33.96
CA LYS B 7 20.14 -6.25 34.73
C LYS B 7 19.74 -6.65 36.15
N PRO B 8 20.28 -5.98 37.17
CA PRO B 8 19.96 -6.36 38.55
C PRO B 8 18.75 -5.61 39.06
N PHE B 9 18.03 -6.24 39.99
CA PHE B 9 16.86 -5.63 40.64
C PHE B 9 17.27 -5.12 42.04
N SER B 10 16.32 -4.55 42.76
CA SER B 10 16.56 -4.07 44.12
C SER B 10 15.96 -5.07 45.12
N THR B 11 15.70 -4.59 46.35
CA THR B 11 14.96 -5.37 47.36
C THR B 11 13.78 -6.13 46.75
N GLY B 12 12.80 -5.41 46.21
CA GLY B 12 11.74 -6.03 45.43
C GLY B 12 10.53 -6.59 46.15
N ASP B 13 10.34 -6.35 47.46
CA ASP B 13 9.18 -6.86 48.23
C ASP B 13 8.41 -5.71 48.88
N MET B 14 7.71 -4.91 48.05
CA MET B 14 6.85 -3.82 48.52
C MET B 14 5.36 -4.16 48.41
N ASN B 15 4.49 -3.19 48.70
CA ASN B 15 3.05 -3.41 48.79
C ASN B 15 2.28 -2.25 48.15
N ILE B 16 1.42 -2.59 47.15
CA ILE B 16 0.70 -1.63 46.32
C ILE B 16 -0.80 -1.88 46.47
N LEU B 17 -1.58 -0.80 46.42
CA LEU B 17 -3.02 -0.85 46.59
C LEU B 17 -3.63 -0.25 45.32
N LEU B 18 -4.50 -1.01 44.66
CA LEU B 18 -5.22 -0.62 43.43
C LEU B 18 -6.71 -0.47 43.70
N LEU B 19 -7.30 0.65 43.27
CA LEU B 19 -8.61 1.09 43.75
C LEU B 19 -9.80 0.89 42.80
N GLU B 20 -9.73 1.27 41.53
CA GLU B 20 -10.94 1.24 40.69
C GLU B 20 -10.76 0.37 39.46
N ASN B 21 -10.63 -0.95 39.66
CA ASN B 21 -10.72 -1.96 38.59
C ASN B 21 -9.73 -1.65 37.45
N VAL B 22 -8.49 -1.92 37.74
CA VAL B 22 -7.41 -1.78 36.76
C VAL B 22 -7.28 -3.11 36.04
N ASN B 23 -6.88 -3.06 34.77
CA ASN B 23 -6.74 -4.31 34.03
C ASN B 23 -5.76 -5.26 34.68
N ALA B 24 -6.09 -6.54 34.51
CA ALA B 24 -5.29 -7.62 35.06
C ALA B 24 -3.88 -7.58 34.50
N THR B 25 -3.68 -6.92 33.36
CA THR B 25 -2.33 -6.76 32.84
C THR B 25 -1.48 -5.94 33.79
N ALA B 26 -2.06 -4.97 34.49
CA ALA B 26 -1.32 -4.31 35.55
C ALA B 26 -0.96 -5.32 36.62
N ILE B 27 -1.90 -6.22 36.92
CA ILE B 27 -1.67 -7.25 37.92
C ILE B 27 -0.55 -8.20 37.46
N LYS B 28 -0.56 -8.63 36.20
CA LYS B 28 0.51 -9.51 35.76
C LYS B 28 1.87 -8.86 35.92
N ILE B 29 1.99 -7.58 35.52
CA ILE B 29 3.28 -6.88 35.58
C ILE B 29 3.73 -6.76 37.02
N PHE B 30 2.81 -6.44 37.93
CA PHE B 30 3.19 -6.31 39.34
C PHE B 30 3.55 -7.67 39.94
N LYS B 31 2.68 -8.66 39.79
CA LYS B 31 2.95 -9.97 40.38
C LYS B 31 4.16 -10.65 39.73
N ASP B 32 4.27 -10.59 38.40
CA ASP B 32 5.46 -11.17 37.77
C ASP B 32 6.73 -10.44 38.21
N GLN B 33 6.58 -9.16 38.59
CA GLN B 33 7.68 -8.39 39.17
C GLN B 33 7.93 -8.80 40.62
N GLY B 34 6.90 -9.35 41.27
CA GLY B 34 7.07 -9.87 42.61
C GLY B 34 6.79 -8.81 43.63
N TYR B 35 5.54 -8.43 43.81
CA TYR B 35 5.13 -7.45 44.81
C TYR B 35 3.89 -8.02 45.49
N GLN B 36 3.48 -7.41 46.59
CA GLN B 36 2.17 -7.67 47.18
C GLN B 36 1.12 -6.67 46.68
N VAL B 37 0.01 -7.16 46.11
CA VAL B 37 -1.00 -6.33 45.45
C VAL B 37 -2.39 -6.56 46.08
N GLU B 38 -2.97 -5.49 46.63
CA GLU B 38 -4.32 -5.47 47.17
C GLU B 38 -5.25 -4.85 46.13
N PHE B 39 -6.17 -5.64 45.56
CA PHE B 39 -7.08 -5.18 44.51
C PHE B 39 -8.46 -4.86 45.10
N HIS B 40 -9.08 -3.78 44.60
CA HIS B 40 -10.43 -3.35 45.01
C HIS B 40 -11.25 -3.00 43.77
N LYS B 41 -12.54 -3.36 43.80
CA LYS B 41 -13.36 -3.14 42.62
C LYS B 41 -14.04 -1.78 42.61
N SER B 42 -14.19 -1.10 43.74
CA SER B 42 -14.93 0.16 43.77
C SER B 42 -14.05 1.27 44.34
N SER B 43 -14.59 2.49 44.36
CA SER B 43 -13.89 3.65 44.92
C SER B 43 -14.16 3.76 46.42
N LEU B 44 -13.06 3.88 47.22
CA LEU B 44 -13.22 3.81 48.66
C LEU B 44 -13.41 5.18 49.31
N PRO B 45 -13.97 5.22 50.52
CA PRO B 45 -14.20 6.49 51.20
C PRO B 45 -12.94 6.98 51.91
N GLU B 46 -12.96 8.26 52.29
CA GLU B 46 -11.77 8.89 52.88
C GLU B 46 -11.25 8.09 54.07
N ASP B 47 -12.17 7.58 54.90
CA ASP B 47 -11.78 6.90 56.14
C ASP B 47 -11.07 5.57 55.90
N GLU B 48 -11.72 4.63 55.22
CA GLU B 48 -11.10 3.32 55.01
C GLU B 48 -9.82 3.44 54.21
N LEU B 49 -9.76 4.42 53.30
CA LEU B 49 -8.55 4.63 52.51
C LEU B 49 -7.39 5.08 53.40
N ILE B 50 -7.60 6.12 54.21
CA ILE B 50 -6.50 6.63 55.02
C ILE B 50 -5.93 5.52 55.87
N GLU B 51 -6.79 4.71 56.47
CA GLU B 51 -6.31 3.60 57.29
C GLU B 51 -5.51 2.62 56.45
N LYS B 52 -5.90 2.41 55.21
CA LYS B 52 -5.23 1.42 54.38
C LYS B 52 -3.99 1.97 53.68
N ILE B 53 -3.77 3.29 53.67
CA ILE B 53 -2.67 3.85 52.90
C ILE B 53 -1.39 3.94 53.73
N LYS B 54 -1.50 3.86 55.05
CA LYS B 54 -0.35 4.09 55.93
C LYS B 54 0.81 3.17 55.56
N ASP B 55 0.55 1.86 55.46
CA ASP B 55 1.60 0.90 55.19
C ASP B 55 1.63 0.49 53.72
N VAL B 56 0.99 1.27 52.84
CA VAL B 56 1.02 1.04 51.40
C VAL B 56 2.24 1.72 50.81
N HIS B 57 2.73 1.18 49.68
CA HIS B 57 3.94 1.71 49.05
C HIS B 57 3.68 2.44 47.74
N ALA B 58 2.81 1.90 46.88
CA ALA B 58 2.40 2.55 45.63
C ALA B 58 0.91 2.39 45.44
N ILE B 59 0.21 3.48 45.16
CA ILE B 59 -1.23 3.44 44.98
C ILE B 59 -1.52 3.69 43.50
N GLY B 60 -2.41 2.87 42.93
CA GLY B 60 -2.91 3.08 41.57
C GLY B 60 -4.38 3.44 41.61
N ILE B 61 -4.68 4.69 41.28
CA ILE B 61 -6.01 5.27 41.44
C ILE B 61 -6.63 5.49 40.05
N ARG B 62 -7.91 5.87 39.98
CA ARG B 62 -8.53 6.21 38.71
C ARG B 62 -9.15 7.59 38.84
N SER B 63 -10.00 8.01 37.90
CA SER B 63 -10.53 9.36 37.96
C SER B 63 -11.48 9.61 39.14
N LYS B 64 -12.08 8.55 39.71
CA LYS B 64 -13.04 8.76 40.79
C LYS B 64 -12.39 8.97 42.16
N THR B 65 -11.40 8.14 42.52
CA THR B 65 -10.79 8.25 43.85
C THR B 65 -10.08 9.58 44.05
N ARG B 66 -10.45 10.25 45.13
CA ARG B 66 -10.01 11.61 45.40
C ARG B 66 -8.83 11.57 46.36
N LEU B 67 -7.66 12.01 45.88
CA LEU B 67 -6.42 12.05 46.67
C LEU B 67 -6.04 13.51 46.88
N THR B 68 -6.06 13.94 48.12
CA THR B 68 -5.77 15.30 48.50
C THR B 68 -4.74 15.32 49.63
N GLU B 69 -4.29 16.53 49.97
CA GLU B 69 -3.30 16.67 51.03
C GLU B 69 -3.83 16.10 52.34
N LYS B 70 -5.13 16.20 52.60
CA LYS B 70 -5.64 15.67 53.86
C LYS B 70 -5.41 14.16 53.95
N ILE B 71 -5.76 13.43 52.89
CA ILE B 71 -5.59 11.98 52.91
C ILE B 71 -4.16 11.54 52.59
N LEU B 72 -3.35 12.43 52.00
CA LEU B 72 -1.97 12.10 51.66
C LEU B 72 -0.97 12.46 52.76
N GLN B 73 -1.34 13.38 53.65
CA GLN B 73 -0.50 13.64 54.82
C GLN B 73 -0.21 12.33 55.54
N HIS B 74 -1.25 11.53 55.77
CA HIS B 74 -1.13 10.31 56.58
C HIS B 74 -0.28 9.23 55.91
N ALA B 75 -0.20 9.21 54.58
CA ALA B 75 0.60 8.21 53.89
C ALA B 75 2.06 8.62 53.99
N ARG B 76 2.82 7.90 54.82
CA ARG B 76 4.24 8.20 55.00
C ARG B 76 5.13 7.15 54.38
N ASN B 77 4.58 6.06 53.88
CA ASN B 77 5.39 5.02 53.30
C ASN B 77 5.16 4.89 51.81
N LEU B 78 4.70 5.96 51.17
CA LEU B 78 4.38 5.98 49.73
C LEU B 78 5.56 6.49 48.91
N VAL B 79 5.67 5.98 47.68
CA VAL B 79 6.80 6.28 46.81
C VAL B 79 6.37 6.98 45.52
N CYS B 80 5.33 6.46 44.86
CA CYS B 80 4.84 6.97 43.59
C CYS B 80 3.36 6.63 43.48
N ILE B 81 2.61 7.52 42.81
CA ILE B 81 1.17 7.32 42.62
C ILE B 81 0.91 7.19 41.13
N GLY B 82 0.31 6.07 40.73
CA GLY B 82 0.04 5.84 39.32
C GLY B 82 -1.41 5.97 38.91
N CYS B 83 -1.73 7.05 38.20
CA CYS B 83 -3.10 7.31 37.72
C CYS B 83 -3.32 6.53 36.41
N PHE B 84 -4.05 5.43 36.46
CA PHE B 84 -4.37 4.66 35.27
C PHE B 84 -5.43 5.37 34.47
N CYS B 85 -5.16 6.63 34.14
CA CYS B 85 -6.12 7.58 33.61
C CYS B 85 -5.54 8.29 32.41
N ILE B 86 -6.29 9.27 31.91
CA ILE B 86 -5.74 10.39 31.17
C ILE B 86 -5.53 11.59 32.07
N GLY B 87 -6.54 11.91 32.89
CA GLY B 87 -6.50 13.11 33.71
C GLY B 87 -5.79 12.95 35.05
N THR B 88 -5.19 14.06 35.47
CA THR B 88 -4.37 14.15 36.68
C THR B 88 -4.94 15.03 37.82
N ASN B 89 -6.04 15.79 37.60
CA ASN B 89 -6.46 16.82 38.58
C ASN B 89 -7.08 16.22 39.84
N GLN B 90 -7.36 14.92 39.89
CA GLN B 90 -7.87 14.28 41.09
C GLN B 90 -6.73 13.84 42.01
N VAL B 91 -5.56 14.46 41.86
CA VAL B 91 -4.41 14.18 42.72
C VAL B 91 -3.69 15.50 42.95
N ASP B 92 -3.32 15.77 44.20
CA ASP B 92 -2.81 17.08 44.60
C ASP B 92 -1.33 17.09 44.24
N LEU B 93 -1.04 17.37 42.97
CA LEU B 93 0.33 17.28 42.47
C LEU B 93 1.29 18.13 43.26
N LYS B 94 0.95 19.40 43.52
CA LYS B 94 1.92 20.29 44.18
C LYS B 94 2.37 19.73 45.52
N TYR B 95 1.43 19.17 46.31
CA TYR B 95 1.79 18.57 47.59
C TYR B 95 2.63 17.31 47.40
N ALA B 96 2.21 16.43 46.49
CA ALA B 96 2.95 15.18 46.25
C ALA B 96 4.38 15.47 45.81
N ALA B 97 4.58 16.49 44.97
CA ALA B 97 5.94 16.92 44.67
C ALA B 97 6.65 17.34 45.93
N SER B 98 5.98 18.14 46.78
CA SER B 98 6.58 18.60 48.04
C SER B 98 6.98 17.41 48.91
N LYS B 99 6.17 16.37 48.95
CA LYS B 99 6.55 15.20 49.71
C LYS B 99 7.35 14.20 48.89
N GLY B 100 7.76 14.57 47.69
CA GLY B 100 8.62 13.73 46.86
C GLY B 100 7.98 12.45 46.33
N ILE B 101 6.73 12.51 45.92
CA ILE B 101 6.03 11.37 45.37
C ILE B 101 5.79 11.64 43.89
N ALA B 102 6.26 10.73 43.04
CA ALA B 102 6.13 10.86 41.60
C ALA B 102 4.78 10.32 41.17
N VAL B 103 4.14 11.04 40.24
CA VAL B 103 2.83 10.67 39.73
C VAL B 103 3.00 10.28 38.26
N PHE B 104 2.36 9.20 37.86
CA PHE B 104 2.46 8.76 36.47
C PHE B 104 1.08 8.54 35.88
N ASN B 105 0.98 8.58 34.56
CA ASN B 105 -0.29 8.41 33.87
C ASN B 105 0.01 7.89 32.48
N SER B 106 -1.04 7.71 31.66
CA SER B 106 -0.91 7.28 30.26
C SER B 106 -1.84 8.17 29.46
N PRO B 107 -1.32 9.26 28.91
CA PRO B 107 -2.19 10.26 28.31
C PRO B 107 -2.56 9.96 26.87
N PHE B 108 -1.81 9.09 26.18
CA PHE B 108 -2.07 8.81 24.78
C PHE B 108 -2.57 7.40 24.52
N SER B 109 -3.17 6.76 25.52
CA SER B 109 -3.57 5.36 25.35
C SER B 109 -4.88 5.20 24.62
N ASN B 110 -5.69 6.24 24.53
CA ASN B 110 -6.97 6.13 23.88
C ASN B 110 -6.93 6.54 22.40
N SER B 111 -5.75 6.50 21.77
CA SER B 111 -5.61 7.10 20.45
C SER B 111 -6.41 6.34 19.40
N ARG B 112 -6.11 5.04 19.22
CA ARG B 112 -6.81 4.25 18.23
C ARG B 112 -8.28 4.10 18.58
N SER B 113 -8.60 4.05 19.87
CA SER B 113 -9.99 3.96 20.33
C SER B 113 -10.78 5.21 20.01
N VAL B 114 -10.17 6.39 20.03
CA VAL B 114 -10.89 7.58 19.62
C VAL B 114 -11.00 7.67 18.09
N ALA B 115 -9.98 7.23 17.34
CA ALA B 115 -10.05 7.33 15.88
C ALA B 115 -11.19 6.48 15.34
N GLU B 116 -11.25 5.21 15.77
CA GLU B 116 -12.26 4.29 15.29
C GLU B 116 -13.65 4.80 15.62
N LEU B 117 -13.85 5.37 16.81
CA LEU B 117 -15.13 5.98 17.17
C LEU B 117 -15.53 7.06 16.16
N VAL B 118 -14.64 8.00 15.89
CA VAL B 118 -14.98 9.07 14.95
C VAL B 118 -15.36 8.49 13.60
N ILE B 119 -14.57 7.52 13.10
CA ILE B 119 -14.86 6.94 11.78
C ILE B 119 -16.28 6.40 11.76
N GLY B 120 -16.64 5.62 12.77
CA GLY B 120 -17.99 5.09 12.86
C GLY B 120 -19.03 6.19 12.95
N GLU B 121 -18.72 7.26 13.69
CA GLU B 121 -19.66 8.37 13.81
C GLU B 121 -19.76 9.18 12.51
N ILE B 122 -18.66 9.27 11.75
CA ILE B 122 -18.71 9.91 10.43
C ILE B 122 -19.65 9.14 9.50
N ILE B 123 -19.51 7.80 9.45
CA ILE B 123 -20.39 7.00 8.60
C ILE B 123 -21.83 7.03 9.12
N SER B 124 -22.03 6.90 10.44
CA SER B 124 -23.39 6.84 10.96
C SER B 124 -24.13 8.15 10.73
N LEU B 125 -23.43 9.26 10.90
CA LEU B 125 -24.09 10.55 10.66
C LEU B 125 -24.41 10.73 9.18
N ALA B 126 -23.48 10.35 8.31
CA ALA B 126 -23.73 10.44 6.88
C ALA B 126 -24.95 9.61 6.48
N ARG B 127 -25.15 8.46 7.11
CA ARG B 127 -26.29 7.63 6.80
C ARG B 127 -27.43 7.73 7.80
N GLN B 128 -27.26 8.51 8.86
CA GLN B 128 -28.25 8.64 9.93
C GLN B 128 -28.61 7.29 10.54
N LEU B 129 -27.61 6.41 10.65
CA LEU B 129 -27.85 5.05 11.12
C LEU B 129 -28.39 5.07 12.54
N GLY B 130 -27.99 6.06 13.35
CA GLY B 130 -28.47 6.15 14.71
C GLY B 130 -29.97 6.37 14.77
N ASP B 131 -30.43 7.40 14.04
CA ASP B 131 -31.87 7.72 13.96
C ASP B 131 -32.67 6.52 13.46
N ARG B 132 -32.15 5.83 12.43
CA ARG B 132 -32.85 4.69 11.87
C ARG B 132 -33.05 3.60 12.89
N SER B 133 -32.08 3.37 13.78
CA SER B 133 -32.25 2.29 14.76
C SER B 133 -33.25 2.67 15.83
N ILE B 134 -33.27 3.94 16.25
CA ILE B 134 -34.32 4.34 17.17
C ILE B 134 -35.68 4.18 16.51
N GLU B 135 -35.80 4.58 15.23
CA GLU B 135 -37.08 4.56 14.53
C GLU B 135 -37.66 3.14 14.40
N LEU B 136 -36.85 2.17 13.96
CA LEU B 136 -37.30 0.78 13.89
C LEU B 136 -37.55 0.20 15.28
N HIS B 137 -36.82 0.67 16.29
CA HIS B 137 -37.07 0.19 17.66
C HIS B 137 -38.46 0.58 18.16
N THR B 138 -38.95 1.77 17.79
CA THR B 138 -40.28 2.23 18.19
C THR B 138 -41.32 1.93 17.12
N GLY B 139 -40.98 1.14 16.11
CA GLY B 139 -41.94 0.67 15.12
C GLY B 139 -42.09 1.51 13.85
N THR B 140 -41.45 2.67 13.74
CA THR B 140 -41.59 3.51 12.56
C THR B 140 -40.56 3.13 11.49
N TRP B 141 -40.96 3.20 10.22
CA TRP B 141 -40.14 2.81 9.09
C TRP B 141 -40.12 3.98 8.11
N ASN B 142 -39.06 4.79 8.13
CA ASN B 142 -39.01 5.94 7.25
C ASN B 142 -37.75 5.83 6.40
N LYS B 143 -37.89 5.26 5.20
CA LYS B 143 -36.76 5.08 4.28
C LYS B 143 -36.62 6.28 3.34
N VAL B 144 -35.73 7.22 3.66
CA VAL B 144 -35.44 8.41 2.84
C VAL B 144 -33.96 8.35 2.45
N ALA B 145 -33.64 8.79 1.23
CA ALA B 145 -32.25 8.81 0.78
C ALA B 145 -31.70 10.21 0.59
N ALA B 146 -32.51 11.24 0.86
CA ALA B 146 -32.08 12.62 0.69
C ALA B 146 -31.10 13.02 1.80
N ARG B 147 -29.98 13.61 1.40
CA ARG B 147 -28.94 13.98 2.33
C ARG B 147 -28.32 12.76 3.03
N CYS B 148 -28.34 11.59 2.39
CA CYS B 148 -27.59 10.42 2.84
C CYS B 148 -26.43 10.19 1.90
N TRP B 149 -25.20 10.15 2.42
CA TRP B 149 -24.03 10.19 1.56
C TRP B 149 -23.16 8.97 1.73
N GLU B 150 -22.43 8.68 0.66
CA GLU B 150 -21.29 7.80 0.75
C GLU B 150 -20.17 8.59 1.33
N VAL B 151 -19.40 7.95 2.21
CA VAL B 151 -18.29 8.65 2.86
C VAL B 151 -17.16 8.92 1.87
N ARG B 152 -16.95 8.00 0.93
CA ARG B 152 -15.88 8.15 -0.07
C ARG B 152 -16.07 9.38 -0.96
N GLY B 153 -15.02 10.18 -1.10
CA GLY B 153 -15.10 11.38 -1.91
C GLY B 153 -15.41 12.66 -1.16
N LYS B 154 -15.90 12.57 0.08
CA LYS B 154 -16.09 13.77 0.88
C LYS B 154 -14.75 14.15 1.52
N THR B 155 -14.68 15.32 2.15
CA THR B 155 -13.44 15.75 2.79
C THR B 155 -13.61 15.90 4.29
N LEU B 156 -12.61 15.42 5.03
CA LEU B 156 -12.59 15.43 6.49
C LEU B 156 -11.65 16.52 6.98
N GLY B 157 -12.18 17.42 7.82
CA GLY B 157 -11.37 18.43 8.47
C GLY B 157 -11.00 18.05 9.88
N ILE B 158 -9.71 17.76 10.11
CA ILE B 158 -9.20 17.37 11.42
C ILE B 158 -8.64 18.63 12.10
N ILE B 159 -9.25 19.03 13.22
CA ILE B 159 -8.76 20.15 14.02
C ILE B 159 -7.89 19.61 15.14
N GLY B 160 -6.60 19.84 15.01
CA GLY B 160 -5.61 19.35 15.92
C GLY B 160 -5.09 18.04 15.38
N TYR B 161 -3.88 18.07 14.85
CA TYR B 161 -3.31 16.93 14.13
C TYR B 161 -2.39 16.16 15.04
N GLY B 162 -2.86 15.89 16.25
CA GLY B 162 -1.98 15.29 17.22
C GLY B 162 -1.89 13.78 17.14
N HIS B 163 -1.94 13.14 18.31
CA HIS B 163 -1.91 11.68 18.38
C HIS B 163 -3.18 11.10 17.81
N ILE B 164 -4.32 11.64 18.24
CA ILE B 164 -5.59 11.24 17.69
C ILE B 164 -5.74 11.76 16.27
N GLY B 165 -5.29 12.99 16.02
CA GLY B 165 -5.46 13.56 14.70
C GLY B 165 -4.74 12.78 13.60
N SER B 166 -3.50 12.37 13.85
CA SER B 166 -2.78 11.63 12.83
C SER B 166 -3.44 10.29 12.57
N GLN B 167 -3.67 9.49 13.62
CA GLN B 167 -4.27 8.17 13.39
C GLN B 167 -5.58 8.28 12.62
N LEU B 168 -6.42 9.27 12.96
CA LEU B 168 -7.65 9.49 12.23
C LEU B 168 -7.38 9.80 10.77
N SER B 169 -6.31 10.57 10.51
CA SER B 169 -6.03 11.06 9.15
C SER B 169 -5.73 9.92 8.19
N VAL B 170 -4.91 8.95 8.61
CA VAL B 170 -4.66 7.84 7.71
C VAL B 170 -5.92 7.03 7.52
N LEU B 171 -6.67 6.79 8.61
CA LEU B 171 -7.88 5.99 8.46
C LEU B 171 -8.84 6.65 7.47
N ALA B 172 -9.07 7.95 7.61
CA ALA B 172 -9.96 8.64 6.69
C ALA B 172 -9.42 8.56 5.27
N GLU B 173 -8.09 8.53 5.08
CA GLU B 173 -7.60 8.31 3.73
C GLU B 173 -7.96 6.91 3.26
N ALA B 174 -7.75 5.90 4.10
CA ALA B 174 -8.11 4.52 3.74
C ALA B 174 -9.58 4.40 3.37
N MET B 175 -10.45 5.19 4.00
CA MET B 175 -11.85 5.16 3.64
C MET B 175 -12.16 5.98 2.40
N GLY B 176 -11.18 6.73 1.90
CA GLY B 176 -11.42 7.49 0.70
C GLY B 176 -11.88 8.90 0.95
N LEU B 177 -11.53 9.47 2.09
CA LEU B 177 -11.88 10.85 2.35
C LEU B 177 -10.64 11.67 2.07
N HIS B 178 -10.84 12.93 1.70
CA HIS B 178 -9.78 13.91 1.63
C HIS B 178 -9.59 14.55 2.99
N VAL B 179 -8.34 14.60 3.43
CA VAL B 179 -7.99 15.05 4.78
C VAL B 179 -7.35 16.42 4.74
N LEU B 180 -7.92 17.35 5.51
CA LEU B 180 -7.35 18.64 5.83
C LEU B 180 -7.27 18.82 7.34
N TYR B 181 -6.18 19.42 7.79
CA TYR B 181 -5.95 19.68 9.19
C TYR B 181 -5.35 21.07 9.35
N TYR B 182 -5.83 21.81 10.33
CA TYR B 182 -5.26 23.10 10.70
C TYR B 182 -4.58 22.91 12.04
N ASP B 183 -3.31 23.30 12.14
CA ASP B 183 -2.64 23.13 13.43
C ASP B 183 -1.71 24.31 13.67
N ILE B 184 -1.63 24.74 14.94
CA ILE B 184 -0.73 25.83 15.32
C ILE B 184 0.70 25.51 14.97
N VAL B 185 1.08 24.26 15.05
CA VAL B 185 2.42 23.87 14.68
C VAL B 185 2.39 23.32 13.26
N THR B 186 3.41 23.66 12.49
CA THR B 186 3.58 22.99 11.21
C THR B 186 4.04 21.55 11.50
N ILE B 187 3.20 20.58 11.13
CA ILE B 187 3.44 19.17 11.42
C ILE B 187 3.51 18.41 10.09
N MET B 188 4.54 17.57 9.95
CA MET B 188 4.73 16.80 8.73
C MET B 188 3.48 15.98 8.48
N ALA B 189 2.74 16.30 7.44
CA ALA B 189 1.50 15.60 7.15
C ALA B 189 1.77 14.13 6.82
N LEU B 190 0.87 13.26 7.25
CA LEU B 190 0.95 11.83 6.98
C LEU B 190 0.06 11.45 5.80
N GLY B 191 0.57 10.57 4.93
CA GLY B 191 -0.19 10.20 3.75
C GLY B 191 -0.36 11.39 2.84
N THR B 192 -1.59 11.65 2.42
CA THR B 192 -1.91 12.65 1.41
C THR B 192 -2.53 13.90 2.00
N ALA B 193 -2.37 14.16 3.29
CA ALA B 193 -3.05 15.28 3.89
C ALA B 193 -2.40 16.61 3.48
N ARG B 194 -3.10 17.71 3.75
CA ARG B 194 -2.57 19.05 3.49
C ARG B 194 -2.64 19.90 4.75
N GLN B 195 -1.51 20.50 5.13
CA GLN B 195 -1.49 21.51 6.18
C GLN B 195 -2.13 22.79 5.66
N VAL B 196 -3.03 23.35 6.41
CA VAL B 196 -3.69 24.56 5.95
C VAL B 196 -3.07 25.78 6.61
N SER B 197 -3.15 26.93 5.92
CA SER B 197 -2.61 28.17 6.50
C SER B 197 -3.58 28.74 7.52
N THR B 198 -4.83 28.98 7.13
CA THR B 198 -5.81 29.54 8.05
C THR B 198 -6.84 28.49 8.44
N LEU B 199 -7.37 28.64 9.65
CA LEU B 199 -8.52 27.84 10.09
C LEU B 199 -9.71 28.05 9.17
N ASP B 200 -9.85 29.27 8.64
CA ASP B 200 -10.98 29.51 7.75
C ASP B 200 -10.93 28.61 6.52
N GLU B 201 -9.72 28.40 5.96
CA GLU B 201 -9.60 27.56 4.76
C GLU B 201 -10.03 26.12 5.05
N LEU B 202 -9.64 25.56 6.21
CA LEU B 202 -10.09 24.21 6.56
C LEU B 202 -11.61 24.16 6.67
N LEU B 203 -12.20 25.08 7.42
CA LEU B 203 -13.65 25.04 7.64
C LEU B 203 -14.40 25.24 6.33
N ASN B 204 -13.89 26.13 5.48
CA ASN B 204 -14.60 26.45 4.24
C ASN B 204 -14.61 25.24 3.32
N LYS B 205 -13.50 24.53 3.22
CA LYS B 205 -13.36 23.48 2.23
C LYS B 205 -13.84 22.11 2.70
N SER B 206 -14.28 21.96 3.96
CA SER B 206 -14.46 20.66 4.58
C SER B 206 -15.92 20.21 4.60
N ASP B 207 -16.12 18.90 4.46
CA ASP B 207 -17.43 18.28 4.58
C ASP B 207 -17.70 17.76 5.98
N PHE B 208 -16.67 17.24 6.66
CA PHE B 208 -16.75 16.78 8.05
C PHE B 208 -15.69 17.52 8.87
N VAL B 209 -16.04 17.91 10.09
CA VAL B 209 -15.10 18.61 10.97
C VAL B 209 -15.01 17.90 12.32
N THR B 210 -13.78 17.48 12.70
CA THR B 210 -13.49 16.84 13.98
C THR B 210 -12.59 17.70 14.83
N LEU B 211 -12.79 17.60 16.13
CA LEU B 211 -11.99 18.35 17.08
C LEU B 211 -11.11 17.35 17.83
N HIS B 212 -9.80 17.58 17.83
CA HIS B 212 -8.92 16.68 18.56
C HIS B 212 -7.81 17.49 19.24
N VAL B 213 -8.19 18.60 19.85
CA VAL B 213 -7.28 19.56 20.46
C VAL B 213 -7.33 19.36 21.96
N PRO B 214 -6.32 19.79 22.70
CA PRO B 214 -6.41 19.78 24.15
C PRO B 214 -7.15 21.03 24.63
N ALA B 215 -7.42 21.07 25.92
CA ALA B 215 -8.16 22.18 26.50
C ALA B 215 -7.21 23.35 26.79
N THR B 216 -7.39 24.45 26.07
CA THR B 216 -6.70 25.70 26.36
C THR B 216 -7.74 26.79 26.15
N PRO B 217 -7.54 27.97 26.73
CA PRO B 217 -8.44 29.10 26.40
C PRO B 217 -8.49 29.42 24.92
N GLU B 218 -7.42 29.15 24.15
CA GLU B 218 -7.50 29.31 22.70
C GLU B 218 -8.48 28.30 22.09
N THR B 219 -8.67 27.14 22.74
CA THR B 219 -9.59 26.08 22.30
C THR B 219 -10.97 26.15 22.94
N GLU B 220 -11.13 26.89 24.05
CA GLU B 220 -12.42 27.01 24.74
C GLU B 220 -13.45 27.70 23.86
N LYS B 221 -14.60 27.04 23.65
CA LYS B 221 -15.64 27.51 22.71
C LYS B 221 -15.03 27.87 21.35
N MET B 222 -14.07 27.04 20.93
CA MET B 222 -13.37 27.27 19.67
C MET B 222 -14.35 27.35 18.52
N LEU B 223 -15.30 26.41 18.49
CA LEU B 223 -16.44 26.39 17.57
C LEU B 223 -17.67 26.86 18.33
N SER B 224 -18.06 28.11 18.14
CA SER B 224 -19.29 28.67 18.70
C SER B 224 -20.16 29.07 17.53
N ALA B 225 -21.31 29.68 17.81
CA ALA B 225 -22.22 30.04 16.73
C ALA B 225 -21.55 30.80 15.58
N PRO B 226 -20.65 31.77 15.81
CA PRO B 226 -19.96 32.35 14.65
C PRO B 226 -19.15 31.35 13.87
N GLN B 227 -18.43 30.49 14.58
CA GLN B 227 -17.57 29.50 13.96
C GLN B 227 -18.38 28.44 13.19
N PHE B 228 -19.55 28.05 13.70
CA PHE B 228 -20.39 27.05 13.04
C PHE B 228 -20.77 27.48 11.63
N ALA B 229 -21.32 28.70 11.50
CA ALA B 229 -21.73 29.21 10.19
C ALA B 229 -20.56 29.29 9.22
N ALA B 230 -19.34 29.36 9.72
CA ALA B 230 -18.16 29.42 8.86
C ALA B 230 -17.86 27.99 8.41
N MET B 231 -18.59 27.52 7.39
CA MET B 231 -18.49 26.13 6.98
C MET B 231 -19.42 25.77 5.83
N LYS B 232 -19.30 24.52 5.36
CA LYS B 232 -20.03 24.02 4.19
C LYS B 232 -21.54 24.05 4.41
N ASP B 233 -22.27 24.15 3.28
CA ASP B 233 -23.72 24.34 3.31
C ASP B 233 -24.41 23.21 4.11
N GLY B 234 -24.20 21.96 3.72
CA GLY B 234 -24.71 20.86 4.52
C GLY B 234 -23.52 20.09 5.05
N ALA B 235 -23.22 20.19 6.35
CA ALA B 235 -22.02 19.54 6.86
C ALA B 235 -22.28 18.95 8.24
N TYR B 236 -21.24 18.33 8.79
CA TYR B 236 -21.35 17.63 10.06
C TYR B 236 -20.19 18.04 10.97
N VAL B 237 -20.42 17.98 12.28
CA VAL B 237 -19.41 18.39 13.26
C VAL B 237 -19.28 17.30 14.33
N ILE B 238 -18.03 16.92 14.63
CA ILE B 238 -17.79 15.94 15.68
C ILE B 238 -16.75 16.50 16.65
N ASN B 239 -17.04 16.38 17.94
CA ASN B 239 -16.18 16.81 19.03
C ASN B 239 -16.02 15.66 20.00
N ALA B 240 -14.81 15.11 20.09
CA ALA B 240 -14.49 14.10 21.09
C ALA B 240 -13.21 14.48 21.86
N SER B 241 -12.98 15.78 22.08
CA SER B 241 -11.81 16.18 22.85
C SER B 241 -12.22 16.57 24.27
N ARG B 242 -12.74 17.77 24.46
CA ARG B 242 -13.03 18.33 25.77
C ARG B 242 -14.34 19.11 25.71
N GLY B 243 -15.11 19.07 26.80
CA GLY B 243 -16.50 19.52 26.81
C GLY B 243 -16.76 21.01 26.65
N THR B 244 -15.72 21.78 26.39
CA THR B 244 -15.80 23.23 26.30
C THR B 244 -15.50 23.76 24.92
N VAL B 245 -15.15 22.90 23.96
CA VAL B 245 -14.62 23.37 22.67
C VAL B 245 -15.76 23.79 21.76
N VAL B 246 -16.97 23.33 22.03
CA VAL B 246 -18.15 23.54 21.21
C VAL B 246 -19.14 24.37 22.03
N ASP B 247 -19.72 25.39 21.41
CA ASP B 247 -20.77 26.15 22.08
C ASP B 247 -22.08 25.38 21.92
N ILE B 248 -22.37 24.53 22.92
CA ILE B 248 -23.54 23.66 22.82
C ILE B 248 -24.85 24.43 22.67
N PRO B 249 -25.12 25.50 23.42
CA PRO B 249 -26.35 26.27 23.12
C PRO B 249 -26.36 26.83 21.70
N SER B 250 -25.23 27.35 21.24
CA SER B 250 -25.13 27.82 19.86
C SER B 250 -25.32 26.66 18.91
N LEU B 251 -24.78 25.50 19.25
CA LEU B 251 -24.87 24.34 18.37
C LEU B 251 -26.30 23.85 18.23
N ILE B 252 -27.05 23.72 19.34
CA ILE B 252 -28.43 23.28 19.23
C ILE B 252 -29.21 24.28 18.38
N GLN B 253 -28.88 25.56 18.51
CA GLN B 253 -29.44 26.59 17.64
C GLN B 253 -29.07 26.33 16.18
N ALA B 254 -27.82 26.00 15.91
CA ALA B 254 -27.39 25.78 14.53
C ALA B 254 -28.00 24.51 13.93
N VAL B 255 -28.12 23.44 14.73
CA VAL B 255 -28.66 22.16 14.23
C VAL B 255 -30.15 22.27 13.92
N LYS B 256 -30.92 22.91 14.81
CA LYS B 256 -32.35 23.13 14.59
C LYS B 256 -32.63 23.94 13.32
N ALA B 257 -31.72 24.84 12.93
CA ALA B 257 -31.85 25.64 11.70
C ALA B 257 -31.35 24.93 10.45
N ASN B 258 -31.02 23.63 10.54
CA ASN B 258 -30.58 22.85 9.39
C ASN B 258 -29.31 23.41 8.76
N LYS B 259 -28.46 24.05 9.56
CA LYS B 259 -27.16 24.48 9.10
C LYS B 259 -26.09 23.39 9.20
N ILE B 260 -26.19 22.51 10.20
CA ILE B 260 -25.29 21.37 10.39
C ILE B 260 -26.12 20.11 10.24
N ALA B 261 -25.71 19.22 9.32
CA ALA B 261 -26.57 18.09 8.95
C ALA B 261 -26.70 17.10 10.10
N GLY B 262 -25.61 16.86 10.82
CA GLY B 262 -25.68 16.00 11.98
C GLY B 262 -24.45 16.29 12.81
N ALA B 263 -24.41 15.66 13.99
CA ALA B 263 -23.24 15.78 14.85
C ALA B 263 -23.22 14.67 15.89
N ALA B 264 -22.01 14.38 16.35
CA ALA B 264 -21.79 13.35 17.34
C ALA B 264 -20.85 13.92 18.40
N LEU B 265 -21.24 13.79 19.65
CA LEU B 265 -20.54 14.39 20.77
C LEU B 265 -20.26 13.29 21.79
N ASP B 266 -19.01 13.23 22.27
CA ASP B 266 -18.65 12.26 23.30
C ASP B 266 -18.39 12.91 24.65
N VAL B 267 -18.22 14.24 24.69
CA VAL B 267 -17.85 14.99 25.88
C VAL B 267 -18.79 16.18 26.00
N TYR B 268 -19.07 16.55 27.24
CA TYR B 268 -20.00 17.63 27.56
C TYR B 268 -19.37 18.48 28.65
N PRO B 269 -19.84 19.74 28.83
CA PRO B 269 -19.30 20.57 29.92
C PRO B 269 -19.46 19.97 31.30
N HIS B 270 -20.58 19.32 31.61
CA HIS B 270 -20.81 18.83 32.97
C HIS B 270 -21.07 17.33 32.96
N GLU B 271 -20.01 16.58 33.14
CA GLU B 271 -20.48 15.20 33.18
C GLU B 271 -20.65 14.73 34.62
N PRO B 272 -21.68 13.91 34.87
CA PRO B 272 -21.87 13.33 36.21
C PRO B 272 -20.76 12.36 36.59
N ALA B 273 -20.58 12.19 37.90
CA ALA B 273 -19.54 11.33 38.46
C ALA B 273 -19.98 9.88 38.70
N LYS B 274 -21.27 9.57 38.64
CA LYS B 274 -21.71 8.19 38.84
C LYS B 274 -22.71 7.79 37.76
N ASN B 275 -22.67 6.50 37.41
CA ASN B 275 -23.63 5.94 36.47
C ASN B 275 -25.00 5.88 37.11
N GLY B 276 -26.03 6.29 36.39
CA GLY B 276 -27.36 6.27 36.96
C GLY B 276 -28.38 6.09 35.87
N GLU B 277 -29.59 5.69 36.28
CA GLU B 277 -30.71 5.51 35.36
C GLU B 277 -31.33 6.83 34.91
N GLY B 278 -31.07 7.92 35.62
CA GLY B 278 -31.54 9.21 35.16
C GLY B 278 -30.48 10.29 35.23
N SER B 279 -29.20 9.90 35.14
CA SER B 279 -28.11 10.84 35.38
C SER B 279 -28.13 11.99 34.39
N PHE B 280 -28.28 11.67 33.09
CA PHE B 280 -28.14 12.65 32.01
C PHE B 280 -29.47 13.38 31.85
N ASN B 281 -29.71 14.32 32.77
CA ASN B 281 -30.95 15.08 32.83
C ASN B 281 -30.68 16.57 32.63
N ASP B 282 -31.77 17.35 32.66
CA ASP B 282 -31.64 18.78 32.49
C ASP B 282 -30.97 19.46 33.68
N GLU B 283 -30.91 18.77 34.84
CA GLU B 283 -30.31 19.36 36.04
C GLU B 283 -28.81 19.62 35.86
N LEU B 284 -28.10 18.73 35.18
CA LEU B 284 -26.71 19.02 34.86
C LEU B 284 -26.62 20.01 33.70
N ASN B 285 -27.47 19.88 32.68
CA ASN B 285 -27.42 20.74 31.52
C ASN B 285 -28.83 21.19 31.15
N SER B 286 -29.06 22.51 31.13
CA SER B 286 -30.40 23.06 30.95
C SER B 286 -30.96 22.70 29.59
N TRP B 287 -30.07 22.42 28.64
CA TRP B 287 -30.43 22.20 27.26
C TRP B 287 -30.66 20.74 26.92
N THR B 288 -30.47 19.84 27.88
CA THR B 288 -30.48 18.40 27.59
C THR B 288 -31.75 18.01 26.84
N SER B 289 -32.91 18.48 27.31
CA SER B 289 -34.17 18.14 26.65
C SER B 289 -34.19 18.66 25.20
N GLU B 290 -33.68 19.88 24.96
CA GLU B 290 -33.68 20.40 23.60
C GLU B 290 -32.80 19.55 22.66
N LEU B 291 -31.62 19.12 23.14
CA LEU B 291 -30.75 18.26 22.33
C LEU B 291 -31.40 16.93 22.03
N VAL B 292 -31.90 16.26 23.06
CA VAL B 292 -32.55 14.97 22.85
C VAL B 292 -33.69 15.07 21.84
N SER B 293 -34.39 16.20 21.80
CA SER B 293 -35.48 16.36 20.83
C SER B 293 -34.97 16.85 19.48
N LEU B 294 -33.67 16.75 19.21
CA LEU B 294 -33.12 17.22 17.94
C LEU B 294 -32.72 16.06 17.04
N PRO B 295 -32.76 16.23 15.73
CA PRO B 295 -32.49 15.10 14.82
C PRO B 295 -31.02 14.82 14.57
N ASN B 296 -30.74 13.55 14.28
CA ASN B 296 -29.42 13.01 13.87
C ASN B 296 -28.28 13.55 14.73
N ILE B 297 -28.32 13.24 16.02
CA ILE B 297 -27.24 13.59 16.92
C ILE B 297 -26.91 12.32 17.66
N ILE B 298 -25.64 12.00 17.73
CA ILE B 298 -25.20 10.82 18.43
C ILE B 298 -24.61 11.34 19.73
N LEU B 299 -25.23 11.01 20.86
CA LEU B 299 -24.76 11.44 22.16
C LEU B 299 -24.18 10.25 22.88
N THR B 300 -23.02 10.43 23.47
CA THR B 300 -22.32 9.34 24.12
C THR B 300 -21.72 9.77 25.45
N PRO B 301 -21.62 8.85 26.39
CA PRO B 301 -21.08 9.17 27.72
C PRO B 301 -19.57 8.96 27.88
N HIS B 302 -18.76 9.82 27.25
CA HIS B 302 -17.29 9.86 27.43
C HIS B 302 -16.68 8.46 27.24
N ILE B 303 -17.10 7.78 26.19
CA ILE B 303 -16.64 6.43 25.89
C ILE B 303 -15.54 6.42 24.82
N GLY B 304 -15.04 7.58 24.42
CA GLY B 304 -14.03 7.63 23.38
C GLY B 304 -12.85 6.72 23.63
N GLY B 305 -12.49 6.52 24.89
CA GLY B 305 -11.36 5.67 25.20
C GLY B 305 -11.76 4.43 25.95
N SER B 306 -13.03 4.09 25.91
CA SER B 306 -13.54 2.98 26.70
C SER B 306 -13.60 1.73 25.84
N THR B 307 -12.43 1.11 25.64
CA THR B 307 -12.40 -0.14 24.93
C THR B 307 -11.55 -1.14 25.71
N GLU B 308 -11.83 -2.42 25.48
CA GLU B 308 -11.06 -3.49 26.09
C GLU B 308 -9.59 -3.37 25.72
N GLU B 309 -9.32 -3.23 24.42
CA GLU B 309 -7.94 -3.13 23.96
C GLU B 309 -7.27 -1.87 24.52
N ALA B 310 -8.04 -0.78 24.66
CA ALA B 310 -7.49 0.47 25.19
C ALA B 310 -7.05 0.33 26.63
N GLN B 311 -7.94 -0.21 27.47
CA GLN B 311 -7.65 -0.35 28.90
C GLN B 311 -6.50 -1.32 29.13
N SER B 312 -6.40 -2.41 28.36
CA SER B 312 -5.24 -3.28 28.50
C SER B 312 -3.95 -2.54 28.18
N SER B 313 -3.94 -1.72 27.12
CA SER B 313 -2.73 -0.94 26.81
C SER B 313 -2.41 0.11 27.88
N ILE B 314 -3.42 0.84 28.38
CA ILE B 314 -3.16 1.83 29.43
C ILE B 314 -2.64 1.15 30.70
N GLY B 315 -3.22 0.00 31.05
CA GLY B 315 -2.74 -0.71 32.23
C GLY B 315 -1.29 -1.12 32.13
N ILE B 316 -0.92 -1.79 31.04
CA ILE B 316 0.46 -2.24 30.87
C ILE B 316 1.41 -1.06 30.96
N GLU B 317 1.09 0.03 30.26
CA GLU B 317 2.01 1.15 30.18
C GLU B 317 2.27 1.76 31.55
N VAL B 318 1.20 2.09 32.29
CA VAL B 318 1.42 2.76 33.57
C VAL B 318 1.99 1.79 34.59
N ALA B 319 1.53 0.54 34.60
CA ALA B 319 2.16 -0.39 35.53
C ALA B 319 3.63 -0.58 35.18
N THR B 320 3.98 -0.69 33.90
CA THR B 320 5.40 -0.78 33.59
C THR B 320 6.13 0.47 34.06
N ALA B 321 5.51 1.66 33.94
CA ALA B 321 6.18 2.89 34.37
C ALA B 321 6.46 2.89 35.86
N LEU B 322 5.45 2.53 36.68
CA LEU B 322 5.63 2.45 38.13
C LEU B 322 6.65 1.37 38.47
N SER B 323 6.56 0.24 37.78
CA SER B 323 7.52 -0.83 38.04
C SER B 323 8.94 -0.35 37.83
N LYS B 324 9.19 0.34 36.71
CA LYS B 324 10.53 0.85 36.45
C LYS B 324 10.94 1.93 37.46
N TYR B 325 9.99 2.74 37.93
CA TYR B 325 10.31 3.73 38.96
C TYR B 325 10.52 3.10 40.33
N ILE B 326 9.73 2.07 40.67
CA ILE B 326 9.91 1.41 41.97
C ILE B 326 11.22 0.65 41.99
N ASN B 327 11.61 0.01 40.88
CA ASN B 327 12.75 -0.88 40.85
C ASN B 327 14.05 -0.18 40.46
N GLU B 328 13.97 0.76 39.53
CA GLU B 328 15.06 1.60 39.09
C GLU B 328 14.66 3.04 39.42
N GLY B 329 15.59 3.96 39.36
CA GLY B 329 15.12 5.28 39.69
C GLY B 329 14.31 5.97 38.61
N ASN B 330 14.23 5.36 37.44
CA ASN B 330 13.62 5.97 36.28
C ASN B 330 12.29 6.63 36.56
N SER B 331 12.24 7.96 36.42
CA SER B 331 11.05 8.76 36.67
C SER B 331 10.50 9.38 35.39
N VAL B 332 11.00 8.97 34.22
CA VAL B 332 10.58 9.63 33.00
C VAL B 332 9.10 9.46 32.79
N GLY B 333 8.41 10.56 32.50
CA GLY B 333 6.98 10.53 32.30
C GLY B 333 6.16 10.96 33.48
N SER B 334 6.79 11.31 34.58
CA SER B 334 6.04 11.79 35.73
C SER B 334 5.43 13.15 35.44
N VAL B 335 4.28 13.39 36.03
CA VAL B 335 3.62 14.64 35.77
C VAL B 335 4.22 15.75 36.61
N ASN B 336 4.53 15.45 37.87
CA ASN B 336 4.87 16.46 38.86
C ASN B 336 6.30 16.36 39.34
N PHE B 337 7.16 15.71 38.59
CA PHE B 337 8.45 15.26 39.07
C PHE B 337 9.48 15.57 37.98
N PRO B 338 10.76 15.69 38.33
CA PRO B 338 11.80 15.72 37.28
C PRO B 338 11.92 14.39 36.55
N GLU B 339 12.21 14.47 35.26
CA GLU B 339 12.36 13.28 34.42
C GLU B 339 13.83 12.90 34.34
N VAL B 340 14.18 11.82 35.07
CA VAL B 340 15.56 11.40 35.34
C VAL B 340 15.69 9.89 35.11
N SER B 341 16.80 9.47 34.51
CA SER B 341 16.97 8.06 34.25
C SER B 341 18.43 7.76 33.94
N LEU B 342 18.82 6.50 34.18
CA LEU B 342 20.18 6.03 33.95
C LEU B 342 20.16 4.68 33.26
N LYS B 343 21.34 4.26 32.78
CA LYS B 343 21.54 2.99 32.10
C LYS B 343 21.05 1.78 32.87
N SER B 344 20.64 1.96 34.13
CA SER B 344 20.11 0.89 34.96
C SER B 344 20.94 -0.39 34.93
N LEU B 345 22.24 -0.26 34.74
CA LEU B 345 23.16 -1.38 34.95
C LEU B 345 22.88 -2.50 33.95
N ASP B 346 23.21 -2.23 32.69
CA ASP B 346 23.11 -3.22 31.62
C ASP B 346 24.44 -3.93 31.39
N TYR B 347 25.53 -3.33 31.85
CA TYR B 347 26.87 -3.89 31.79
C TYR B 347 27.59 -3.86 33.14
N ASP B 348 27.09 -3.10 34.12
CA ASP B 348 27.76 -2.93 35.41
C ASP B 348 27.89 -4.24 36.18
N GLN B 349 28.95 -4.32 36.98
CA GLN B 349 29.23 -5.50 37.79
C GLN B 349 28.50 -5.38 39.13
N GLU B 350 28.93 -6.17 40.09
CA GLU B 350 28.28 -6.21 41.39
C GLU B 350 28.93 -5.17 42.31
N ASN B 351 28.41 -5.10 43.54
CA ASN B 351 28.88 -4.16 44.56
C ASN B 351 28.72 -2.70 44.13
N THR B 352 27.65 -2.41 43.39
CA THR B 352 27.39 -1.06 42.91
C THR B 352 26.05 -0.59 43.46
N VAL B 353 26.05 0.53 44.15
CA VAL B 353 24.83 1.11 44.72
C VAL B 353 24.32 2.23 43.82
N ARG B 354 23.00 2.47 43.87
CA ARG B 354 22.35 3.61 43.22
C ARG B 354 21.72 4.51 44.26
N VAL B 355 22.05 5.79 44.22
CA VAL B 355 21.53 6.78 45.15
C VAL B 355 20.36 7.48 44.49
N LEU B 356 19.21 7.53 45.16
CA LEU B 356 18.08 8.29 44.64
C LEU B 356 17.69 9.36 45.65
N TYR B 357 18.13 10.60 45.42
CA TYR B 357 18.03 11.65 46.43
C TYR B 357 17.08 12.75 45.96
N ILE B 358 15.89 12.81 46.52
CA ILE B 358 14.95 13.87 46.16
C ILE B 358 15.12 15.03 47.13
N HIS B 359 15.31 16.23 46.59
CA HIS B 359 15.61 17.37 47.45
C HIS B 359 14.87 18.62 47.02
N ARG B 360 14.93 19.63 47.89
CA ARG B 360 14.47 20.97 47.57
C ARG B 360 15.56 21.69 46.75
N ASN B 361 15.14 22.41 45.71
CA ASN B 361 16.06 22.99 44.74
C ASN B 361 16.66 24.30 45.23
N VAL B 362 17.65 24.17 46.11
CA VAL B 362 18.29 25.32 46.75
C VAL B 362 19.77 25.13 46.48
N PRO B 363 20.54 26.19 46.25
CA PRO B 363 21.95 25.99 45.89
C PRO B 363 22.74 25.25 46.96
N GLY B 364 23.82 24.60 46.51
CA GLY B 364 24.71 23.92 47.41
C GLY B 364 24.31 22.51 47.78
N VAL B 365 23.11 22.06 47.39
CA VAL B 365 22.66 20.73 47.76
C VAL B 365 23.59 19.69 47.18
N LEU B 366 24.00 19.89 45.93
CA LEU B 366 24.91 18.96 45.29
C LEU B 366 26.29 19.00 45.92
N LYS B 367 26.70 20.16 46.45
CA LYS B 367 27.92 20.25 47.23
C LYS B 367 27.89 19.34 48.45
N THR B 368 26.85 19.46 49.28
CA THR B 368 26.79 18.64 50.47
C THR B 368 26.83 17.17 50.08
N VAL B 369 26.02 16.80 49.10
CA VAL B 369 25.84 15.40 48.77
C VAL B 369 27.12 14.80 48.20
N ASN B 370 27.72 15.46 47.23
CA ASN B 370 28.91 14.87 46.66
C ASN B 370 30.07 14.84 47.65
N ASP B 371 30.05 15.72 48.67
CA ASP B 371 31.01 15.61 49.77
C ASP B 371 30.76 14.35 50.59
N ILE B 372 29.49 14.12 50.96
CA ILE B 372 29.12 12.91 51.67
C ILE B 372 29.58 11.70 50.89
N LEU B 373 29.51 11.77 49.57
CA LEU B 373 29.91 10.67 48.71
C LEU B 373 31.39 10.70 48.34
N SER B 374 32.18 11.64 48.86
CA SER B 374 33.55 11.79 48.38
C SER B 374 34.39 10.53 48.57
N ASP B 375 33.94 9.63 49.43
CA ASP B 375 34.72 8.45 49.81
C ASP B 375 34.79 7.40 48.71
N HIS B 376 33.76 7.29 47.86
CA HIS B 376 33.70 6.29 46.81
C HIS B 376 33.57 6.97 45.46
N ASN B 377 33.87 6.23 44.40
CA ASN B 377 33.82 6.81 43.08
C ASN B 377 32.38 6.86 42.60
N ILE B 378 31.96 8.01 42.06
CA ILE B 378 30.65 8.19 41.45
C ILE B 378 30.82 7.99 39.95
N GLU B 379 30.30 6.87 39.43
CA GLU B 379 30.50 6.54 38.02
C GLU B 379 29.61 7.37 37.10
N LYS B 380 28.34 7.53 37.46
CA LYS B 380 27.41 8.34 36.69
C LYS B 380 26.56 9.14 37.65
N GLN B 381 26.14 10.30 37.21
CA GLN B 381 25.26 11.11 38.02
C GLN B 381 24.41 11.98 37.12
N PHE B 382 23.15 12.14 37.51
CA PHE B 382 22.23 12.95 36.73
C PHE B 382 21.23 13.54 37.71
N SER B 383 21.09 14.86 37.69
CA SER B 383 20.14 15.55 38.54
C SER B 383 19.43 16.62 37.74
N ASP B 384 18.14 16.75 37.99
CA ASP B 384 17.31 17.72 37.30
C ASP B 384 16.24 18.22 38.26
N SER B 385 15.73 19.40 37.96
CA SER B 385 14.85 20.11 38.87
C SER B 385 13.53 20.46 38.21
N HIS B 386 12.42 20.02 38.79
CA HIS B 386 11.09 20.33 38.28
C HIS B 386 10.36 21.22 39.27
N GLY B 387 10.91 22.41 39.44
CA GLY B 387 10.27 23.43 40.25
C GLY B 387 10.95 23.58 41.61
N GLU B 388 10.16 23.54 42.66
CA GLU B 388 10.73 23.62 43.98
C GLU B 388 11.39 22.32 44.44
N ILE B 389 11.11 21.18 43.76
CA ILE B 389 11.69 19.87 44.11
C ILE B 389 12.72 19.53 43.04
N ALA B 390 13.69 18.70 43.42
CA ALA B 390 14.74 18.27 42.52
C ALA B 390 15.10 16.83 42.78
N TYR B 391 15.68 16.19 41.78
CA TYR B 391 15.93 14.75 41.82
C TYR B 391 17.33 14.44 41.33
N LEU B 392 18.09 13.67 42.13
CA LEU B 392 19.48 13.31 41.85
C LEU B 392 19.62 11.79 41.80
N MET B 393 20.32 11.28 40.80
CA MET B 393 20.67 9.86 40.72
C MET B 393 22.16 9.68 40.59
N ALA B 394 22.74 8.79 41.39
CA ALA B 394 24.17 8.57 41.33
C ALA B 394 24.49 7.11 41.52
N ASP B 395 25.48 6.62 40.77
CA ASP B 395 25.94 5.24 40.85
C ASP B 395 27.36 5.22 41.40
N ILE B 396 27.54 4.63 42.58
CA ILE B 396 28.84 4.55 43.25
C ILE B 396 29.33 3.10 43.19
N SER B 397 30.64 2.90 43.09
CA SER B 397 31.12 1.68 42.42
C SER B 397 31.53 0.53 43.33
N SER B 398 31.97 0.76 44.60
CA SER B 398 32.39 -0.37 45.44
C SER B 398 31.96 -0.13 46.87
N VAL B 399 30.72 -0.51 47.20
CA VAL B 399 30.20 -0.34 48.54
C VAL B 399 29.92 -1.69 49.21
N ASN B 400 30.14 -1.72 50.53
CA ASN B 400 29.89 -2.87 51.40
C ASN B 400 28.74 -2.54 52.36
N GLN B 401 27.98 -3.58 52.71
CA GLN B 401 26.83 -3.40 53.58
C GLN B 401 27.16 -2.58 54.80
N SER B 402 28.40 -2.68 55.29
CA SER B 402 28.84 -1.82 56.38
C SER B 402 28.80 -0.35 55.97
N GLU B 403 29.21 -0.06 54.74
CA GLU B 403 29.24 1.34 54.31
C GLU B 403 27.87 1.85 53.91
N ILE B 404 27.04 1.00 53.28
CA ILE B 404 25.77 1.49 52.77
C ILE B 404 24.96 2.10 53.91
N LYS B 405 25.04 1.49 55.10
CA LYS B 405 24.31 2.04 56.23
C LYS B 405 24.79 3.47 56.51
N ASP B 406 26.11 3.66 56.62
CA ASP B 406 26.59 5.00 56.92
C ASP B 406 26.15 6.00 55.85
N ILE B 407 26.25 5.61 54.58
CA ILE B 407 25.90 6.52 53.49
C ILE B 407 24.45 6.96 53.60
N TYR B 408 23.55 6.06 54.00
CA TYR B 408 22.16 6.47 54.08
C TYR B 408 21.92 7.49 55.20
N GLU B 409 22.42 7.26 56.43
CA GLU B 409 22.12 8.22 57.49
C GLU B 409 22.73 9.59 57.17
N LYS B 410 23.96 9.62 56.66
CA LYS B 410 24.55 10.91 56.29
C LYS B 410 23.64 11.64 55.31
N LEU B 411 23.18 10.93 54.27
CA LEU B 411 22.24 11.55 53.35
C LEU B 411 20.94 11.91 54.08
N ASN B 412 20.49 11.08 55.03
CA ASN B 412 19.25 11.43 55.74
C ASN B 412 19.37 12.66 56.63
N GLN B 413 20.56 12.99 57.09
CA GLN B 413 20.70 14.12 58.01
C GLN B 413 20.81 15.47 57.32
N THR B 414 20.80 15.50 55.99
CA THR B 414 21.05 16.74 55.27
C THR B 414 19.82 17.63 55.26
N SER B 415 20.08 18.91 55.08
CA SER B 415 19.01 19.87 54.83
C SER B 415 18.48 19.65 53.42
N ALA B 416 17.18 19.90 53.25
CA ALA B 416 16.49 19.73 51.98
C ALA B 416 16.43 18.29 51.51
N LYS B 417 16.54 17.30 52.38
CA LYS B 417 16.16 15.96 51.97
C LYS B 417 14.66 15.87 52.00
N VAL B 418 14.10 15.35 50.91
CA VAL B 418 12.70 15.04 50.84
C VAL B 418 12.48 13.53 50.86
N SER B 419 13.23 12.77 50.06
CA SER B 419 13.16 11.32 50.11
C SER B 419 14.49 10.70 49.69
N ILE B 420 14.90 9.64 50.39
CA ILE B 420 16.17 8.96 50.15
C ILE B 420 15.93 7.47 50.04
N ARG B 421 16.57 6.85 49.07
CA ARG B 421 16.47 5.41 48.82
C ARG B 421 17.79 4.93 48.26
N LEU B 422 18.20 3.75 48.62
CA LEU B 422 19.38 3.20 47.98
C LEU B 422 18.98 1.88 47.38
N LEU B 423 19.40 1.61 46.14
CA LEU B 423 18.95 0.38 45.54
C LEU B 423 20.09 -0.62 45.60
N TYR B 424 19.77 -1.84 45.98
CA TYR B 424 20.82 -2.83 46.21
C TYR B 424 20.85 -3.83 45.08
N PRO C 3 19.30 43.35 31.54
CA PRO C 3 19.33 44.69 30.95
C PRO C 3 20.75 45.15 30.63
N LYS C 4 21.75 44.64 31.35
CA LYS C 4 23.13 44.99 31.05
C LYS C 4 23.47 44.59 29.61
N ALA C 5 23.20 43.33 29.26
CA ALA C 5 23.27 42.83 27.88
C ALA C 5 24.66 42.99 27.27
N LEU C 6 25.65 42.37 27.90
CA LEU C 6 27.03 42.51 27.41
C LEU C 6 27.22 41.64 26.17
N LYS C 7 28.00 42.16 25.22
CA LYS C 7 28.06 41.65 23.87
C LYS C 7 29.50 41.35 23.48
N PRO C 8 29.78 40.20 22.85
CA PRO C 8 31.16 39.87 22.47
C PRO C 8 31.56 40.34 21.08
N PHE C 9 32.82 40.17 20.73
CA PHE C 9 33.32 40.56 19.43
C PHE C 9 33.32 39.35 18.49
N SER C 10 33.30 39.62 17.19
CA SER C 10 33.38 38.56 16.17
C SER C 10 34.79 38.56 15.59
N THR C 11 35.41 37.39 15.53
CA THR C 11 36.72 37.24 14.92
C THR C 11 36.74 36.01 14.00
N GLY C 12 37.89 35.78 13.35
CA GLY C 12 38.12 34.58 12.56
C GLY C 12 38.59 33.38 13.37
N ASP C 13 38.56 33.49 14.71
CA ASP C 13 39.04 32.46 15.64
C ASP C 13 38.46 31.08 15.36
N MET C 14 37.14 31.00 15.18
CA MET C 14 36.48 29.73 14.80
C MET C 14 37.12 29.16 13.53
N ASN C 15 37.71 27.97 13.64
CA ASN C 15 38.50 27.37 12.57
C ASN C 15 38.28 25.87 12.49
N ILE C 16 37.83 25.37 11.34
CA ILE C 16 37.55 23.95 11.09
C ILE C 16 38.39 23.46 9.92
N LEU C 17 38.85 22.22 10.00
CA LEU C 17 39.74 21.66 9.01
C LEU C 17 39.14 20.36 8.47
N LEU C 18 38.93 20.31 7.15
CA LEU C 18 38.45 19.12 6.46
C LEU C 18 39.60 18.65 5.58
N LEU C 19 39.98 17.38 5.71
CA LEU C 19 41.25 16.97 5.15
C LEU C 19 41.13 16.14 3.87
N GLU C 20 40.27 15.12 3.77
CA GLU C 20 40.35 14.27 2.58
C GLU C 20 38.97 13.84 2.09
N ASN C 21 38.52 14.40 0.97
CA ASN C 21 37.33 13.94 0.25
C ASN C 21 36.09 13.94 1.16
N VAL C 22 35.62 15.15 1.47
CA VAL C 22 34.39 15.35 2.23
C VAL C 22 33.25 15.77 1.31
N ASN C 23 32.05 15.26 1.56
CA ASN C 23 30.88 15.64 0.76
C ASN C 23 30.55 17.13 0.94
N ALA C 24 29.96 17.70 -0.10
CA ALA C 24 29.64 19.12 -0.12
C ALA C 24 28.65 19.54 0.96
N THR C 25 27.90 18.60 1.53
CA THR C 25 26.95 18.99 2.58
C THR C 25 27.63 19.44 3.89
N ALA C 26 28.82 18.93 4.22
CA ALA C 26 29.51 19.45 5.42
C ALA C 26 29.89 20.92 5.26
N ILE C 27 30.33 21.31 4.06
CA ILE C 27 30.66 22.72 3.87
C ILE C 27 29.42 23.57 4.06
N LYS C 28 28.30 23.17 3.47
CA LYS C 28 27.07 23.94 3.66
C LYS C 28 26.67 24.00 5.13
N ILE C 29 26.70 22.85 5.82
CA ILE C 29 26.30 22.86 7.23
C ILE C 29 27.24 23.73 8.06
N PHE C 30 28.55 23.65 7.78
CA PHE C 30 29.51 24.46 8.53
C PHE C 30 29.39 25.94 8.19
N LYS C 31 29.31 26.28 6.89
CA LYS C 31 29.24 27.68 6.51
C LYS C 31 27.93 28.29 6.98
N ASP C 32 26.80 27.60 6.78
CA ASP C 32 25.52 28.15 7.24
C ASP C 32 25.47 28.28 8.76
N GLN C 33 26.25 27.48 9.48
CA GLN C 33 26.38 27.69 10.91
C GLN C 33 27.26 28.88 11.25
N GLY C 34 28.15 29.25 10.33
CA GLY C 34 29.05 30.38 10.51
C GLY C 34 30.37 29.90 11.03
N TYR C 35 31.18 29.28 10.17
CA TYR C 35 32.52 28.83 10.54
C TYR C 35 33.49 29.18 9.43
N GLN C 36 34.76 29.23 9.79
CA GLN C 36 35.84 29.29 8.81
C GLN C 36 36.28 27.85 8.53
N VAL C 37 36.20 27.43 7.26
CA VAL C 37 36.40 26.04 6.84
C VAL C 37 37.53 25.97 5.81
N GLU C 38 38.62 25.27 6.16
CA GLU C 38 39.75 25.03 5.26
C GLU C 38 39.61 23.63 4.67
N PHE C 39 39.29 23.55 3.36
CA PHE C 39 39.03 22.29 2.67
C PHE C 39 40.24 21.79 1.90
N HIS C 40 40.43 20.47 1.90
CA HIS C 40 41.53 19.86 1.18
C HIS C 40 41.04 18.65 0.42
N LYS C 41 41.57 18.44 -0.78
CA LYS C 41 41.10 17.33 -1.57
C LYS C 41 41.86 16.06 -1.29
N SER C 42 43.05 16.12 -0.72
CA SER C 42 43.85 14.93 -0.51
C SER C 42 44.29 14.82 0.94
N SER C 43 44.91 13.68 1.25
CA SER C 43 45.47 13.46 2.57
C SER C 43 46.92 13.93 2.60
N LEU C 44 47.26 14.78 3.61
CA LEU C 44 48.51 15.52 3.71
C LEU C 44 49.59 14.72 4.43
N PRO C 45 50.86 15.10 4.28
CA PRO C 45 51.93 14.38 4.98
C PRO C 45 52.03 14.86 6.42
N GLU C 46 52.78 14.10 7.22
CA GLU C 46 52.83 14.41 8.64
C GLU C 46 53.23 15.87 8.86
N ASP C 47 54.18 16.37 8.07
CA ASP C 47 54.68 17.72 8.27
C ASP C 47 53.59 18.76 8.01
N GLU C 48 52.97 18.70 6.83
CA GLU C 48 51.93 19.66 6.47
C GLU C 48 50.74 19.59 7.43
N LEU C 49 50.46 18.38 7.93
CA LEU C 49 49.38 18.15 8.88
C LEU C 49 49.64 18.87 10.21
N ILE C 50 50.83 18.66 10.79
CA ILE C 50 51.14 19.24 12.09
C ILE C 50 50.99 20.75 12.02
N GLU C 51 51.49 21.34 10.94
CA GLU C 51 51.41 22.79 10.79
C GLU C 51 49.96 23.25 10.75
N LYS C 52 49.08 22.48 10.12
CA LYS C 52 47.71 22.95 9.91
C LYS C 52 46.78 22.67 11.09
N ILE C 53 47.16 21.81 12.03
CA ILE C 53 46.23 21.37 13.06
C ILE C 53 46.31 22.18 14.35
N LYS C 54 47.38 22.96 14.55
CA LYS C 54 47.67 23.56 15.85
C LYS C 54 46.48 24.34 16.42
N ASP C 55 45.88 25.22 15.63
CA ASP C 55 44.75 26.01 16.13
C ASP C 55 43.39 25.51 15.63
N VAL C 56 43.35 24.37 14.92
CA VAL C 56 42.07 23.90 14.40
C VAL C 56 41.17 23.55 15.57
N HIS C 57 40.02 24.19 15.65
CA HIS C 57 39.00 23.83 16.62
C HIS C 57 38.49 22.42 16.38
N ALA C 58 38.40 22.01 15.10
CA ALA C 58 37.75 20.77 14.71
C ALA C 58 38.32 20.26 13.41
N ILE C 59 38.76 19.00 13.40
CA ILE C 59 39.35 18.37 12.21
C ILE C 59 38.46 17.23 11.76
N GLY C 60 38.25 17.12 10.45
CA GLY C 60 37.55 16.00 9.86
C GLY C 60 38.42 15.14 8.95
N ILE C 61 38.66 13.87 9.29
CA ILE C 61 39.54 13.02 8.52
C ILE C 61 38.65 12.00 7.80
N ARG C 62 39.23 11.15 6.94
CA ARG C 62 38.47 10.08 6.28
C ARG C 62 39.19 8.76 6.49
N SER C 63 38.86 7.75 5.67
CA SER C 63 39.44 6.42 5.86
C SER C 63 40.92 6.37 5.53
N LYS C 64 41.42 7.33 4.73
CA LYS C 64 42.81 7.41 4.28
C LYS C 64 43.73 8.13 5.28
N THR C 65 43.29 9.29 5.80
CA THR C 65 44.10 10.13 6.68
C THR C 65 44.51 9.47 7.99
N ARG C 66 45.80 9.52 8.27
CA ARG C 66 46.36 8.88 9.45
C ARG C 66 46.56 9.96 10.50
N LEU C 67 45.76 9.88 11.56
CA LEU C 67 45.84 10.78 12.72
C LEU C 67 46.22 9.96 13.93
N THR C 68 47.37 10.24 14.51
CA THR C 68 47.88 9.48 15.63
C THR C 68 48.21 10.45 16.77
N GLU C 69 48.54 9.89 17.95
CA GLU C 69 48.85 10.72 19.10
C GLU C 69 50.01 11.66 18.82
N LYS C 70 51.00 11.19 18.07
CA LYS C 70 52.17 12.00 17.75
C LYS C 70 51.75 13.21 16.92
N ILE C 71 50.89 12.99 15.92
CA ILE C 71 50.42 14.08 15.07
C ILE C 71 49.32 14.87 15.75
N LEU C 72 48.77 14.32 16.85
CA LEU C 72 47.76 15.01 17.65
C LEU C 72 48.37 15.79 18.81
N GLN C 73 49.60 15.44 19.22
CA GLN C 73 50.29 16.21 20.27
C GLN C 73 50.23 17.71 19.99
N HIS C 74 50.50 18.12 18.74
CA HIS C 74 50.59 19.54 18.39
C HIS C 74 49.24 20.27 18.48
N ALA C 75 48.13 19.55 18.37
CA ALA C 75 46.80 20.16 18.39
C ALA C 75 46.46 20.63 19.81
N ARG C 76 46.36 21.94 20.00
CA ARG C 76 46.03 22.52 21.30
C ARG C 76 44.61 23.06 21.36
N ASN C 77 44.21 23.87 20.40
CA ASN C 77 42.84 24.40 20.41
C ASN C 77 41.87 23.44 19.72
N LEU C 78 42.17 22.13 19.75
CA LEU C 78 41.33 21.11 19.14
C LEU C 78 40.30 20.56 20.13
N VAL C 79 39.10 20.30 19.62
CA VAL C 79 37.93 19.96 20.42
C VAL C 79 37.40 18.58 20.08
N CYS C 80 37.29 18.29 18.78
CA CYS C 80 36.70 17.04 18.36
C CYS C 80 37.21 16.68 16.97
N ILE C 81 37.31 15.38 16.73
CA ILE C 81 37.79 14.83 15.47
C ILE C 81 36.61 14.08 14.86
N GLY C 82 36.22 14.46 13.66
CA GLY C 82 35.07 13.81 13.06
C GLY C 82 35.41 12.86 11.94
N CYS C 83 35.27 11.55 12.15
CA CYS C 83 35.53 10.57 11.07
C CYS C 83 34.30 10.47 10.18
N PHE C 84 34.38 11.06 8.98
CA PHE C 84 33.32 10.96 7.99
C PHE C 84 33.36 9.58 7.34
N CYS C 85 33.23 8.55 8.17
CA CYS C 85 33.49 7.17 7.83
C CYS C 85 32.33 6.32 8.32
N ILE C 86 32.43 5.00 8.13
CA ILE C 86 31.65 4.10 8.97
C ILE C 86 32.57 3.71 10.12
N GLY C 87 33.77 3.24 9.80
CA GLY C 87 34.75 2.84 10.80
C GLY C 87 35.68 3.96 11.26
N THR C 88 36.15 3.85 12.50
CA THR C 88 37.16 4.79 13.01
C THR C 88 38.54 4.15 13.07
N ASN C 89 38.98 3.46 12.03
CA ASN C 89 40.16 2.61 12.20
C ASN C 89 41.42 3.44 12.44
N GLN C 90 41.62 4.50 11.67
CA GLN C 90 42.81 5.32 11.86
C GLN C 90 42.64 6.46 12.85
N VAL C 91 41.87 6.31 13.94
CA VAL C 91 41.68 7.46 14.83
C VAL C 91 42.71 7.53 15.97
N ASP C 92 43.02 6.40 16.61
CA ASP C 92 43.75 6.35 17.88
C ASP C 92 42.94 7.06 18.97
N LEU C 93 41.85 6.39 19.33
CA LEU C 93 40.84 6.93 20.23
C LEU C 93 41.39 7.26 21.61
N LYS C 94 42.18 6.36 22.20
CA LYS C 94 42.64 6.55 23.57
C LYS C 94 43.34 7.89 23.73
N TYR C 95 44.13 8.27 22.72
CA TYR C 95 44.83 9.55 22.74
C TYR C 95 43.86 10.72 22.76
N ALA C 96 42.84 10.68 21.87
CA ALA C 96 41.85 11.75 21.80
C ALA C 96 41.13 11.92 23.14
N ALA C 97 40.80 10.79 23.78
CA ALA C 97 40.26 10.81 25.11
C ALA C 97 41.23 11.48 26.08
N SER C 98 42.50 11.09 26.05
CA SER C 98 43.47 11.64 26.99
C SER C 98 43.50 13.17 26.93
N LYS C 99 43.43 13.74 25.74
CA LYS C 99 43.39 15.18 25.59
C LYS C 99 41.96 15.70 25.58
N GLY C 100 41.00 14.85 25.92
CA GLY C 100 39.61 15.25 26.02
C GLY C 100 39.00 15.62 24.68
N ILE C 101 39.31 14.86 23.64
CA ILE C 101 38.83 15.12 22.30
C ILE C 101 37.81 14.04 21.92
N ALA C 102 36.62 14.47 21.54
CA ALA C 102 35.54 13.56 21.20
C ALA C 102 35.63 13.19 19.72
N VAL C 103 35.38 11.91 19.41
CA VAL C 103 35.45 11.38 18.05
C VAL C 103 34.06 10.96 17.59
N PHE C 104 33.68 11.34 16.37
CA PHE C 104 32.36 11.01 15.86
C PHE C 104 32.43 10.30 14.49
N ASN C 105 31.33 9.63 14.12
CA ASN C 105 31.26 8.94 12.83
C ASN C 105 29.80 8.75 12.47
N SER C 106 29.55 8.09 11.34
CA SER C 106 28.20 7.78 10.86
C SER C 106 28.18 6.36 10.32
N PRO C 107 27.83 5.36 11.13
CA PRO C 107 27.99 3.98 10.71
C PRO C 107 26.82 3.42 9.91
N PHE C 108 25.64 4.05 9.96
CA PHE C 108 24.48 3.44 9.34
C PHE C 108 23.98 4.20 8.10
N SER C 109 24.85 4.96 7.43
CA SER C 109 24.41 5.78 6.31
C SER C 109 24.24 4.99 5.03
N ASN C 110 24.85 3.81 4.95
CA ASN C 110 24.91 3.09 3.71
C ASN C 110 23.76 2.08 3.55
N SER C 111 22.66 2.27 4.26
CA SER C 111 21.60 1.27 4.30
C SER C 111 20.90 1.14 2.96
N ARG C 112 20.38 2.24 2.41
CA ARG C 112 19.73 2.14 1.10
C ARG C 112 20.72 1.83 -0.02
N SER C 113 21.96 2.31 0.06
CA SER C 113 22.90 2.02 -1.03
C SER C 113 23.22 0.53 -1.11
N VAL C 114 23.44 -0.10 0.03
CA VAL C 114 23.77 -1.51 -0.04
C VAL C 114 22.50 -2.32 -0.32
N ALA C 115 21.35 -1.87 0.16
CA ALA C 115 20.12 -2.58 -0.13
C ALA C 115 19.83 -2.58 -1.62
N GLU C 116 19.93 -1.40 -2.26
CA GLU C 116 19.65 -1.29 -3.69
C GLU C 116 20.60 -2.15 -4.51
N LEU C 117 21.90 -2.18 -4.15
CA LEU C 117 22.84 -3.05 -4.84
C LEU C 117 22.31 -4.47 -4.87
N VAL C 118 21.83 -4.97 -3.74
CA VAL C 118 21.34 -6.33 -3.66
C VAL C 118 20.17 -6.55 -4.60
N ILE C 119 19.19 -5.65 -4.63
CA ILE C 119 18.07 -5.86 -5.54
C ILE C 119 18.58 -5.95 -6.97
N GLY C 120 19.49 -5.06 -7.34
CA GLY C 120 20.08 -5.15 -8.65
C GLY C 120 20.81 -6.46 -8.87
N GLU C 121 21.59 -6.89 -7.87
CA GLU C 121 22.38 -8.13 -8.04
C GLU C 121 21.48 -9.37 -8.07
N ILE C 122 20.37 -9.34 -7.34
CA ILE C 122 19.42 -10.43 -7.43
C ILE C 122 18.88 -10.51 -8.85
N ILE C 123 18.45 -9.38 -9.41
CA ILE C 123 17.89 -9.39 -10.76
C ILE C 123 18.97 -9.76 -11.78
N SER C 124 20.18 -9.24 -11.59
CA SER C 124 21.25 -9.55 -12.54
C SER C 124 21.61 -11.05 -12.54
N LEU C 125 21.67 -11.69 -11.36
CA LEU C 125 21.99 -13.12 -11.29
C LEU C 125 20.87 -13.95 -11.89
N ALA C 126 19.64 -13.59 -11.57
CA ALA C 126 18.48 -14.31 -12.06
C ALA C 126 18.52 -14.38 -13.56
N ARG C 127 18.95 -13.30 -14.21
CA ARG C 127 18.97 -13.24 -15.65
C ARG C 127 20.34 -13.48 -16.28
N GLN C 128 21.38 -13.69 -15.48
CA GLN C 128 22.75 -13.92 -15.99
C GLN C 128 23.23 -12.76 -16.86
N LEU C 129 22.90 -11.53 -16.45
CA LEU C 129 23.22 -10.33 -17.23
C LEU C 129 24.72 -10.15 -17.39
N GLY C 130 25.49 -10.45 -16.37
CA GLY C 130 26.91 -10.24 -16.46
C GLY C 130 27.54 -11.08 -17.54
N ASP C 131 27.24 -12.38 -17.52
CA ASP C 131 27.77 -13.25 -18.55
C ASP C 131 27.32 -12.81 -19.93
N ARG C 132 26.02 -12.50 -20.08
CA ARG C 132 25.55 -12.10 -21.40
C ARG C 132 26.29 -10.86 -21.90
N SER C 133 26.53 -9.90 -21.02
CA SER C 133 27.19 -8.68 -21.44
C SER C 133 28.67 -8.92 -21.67
N ILE C 134 29.31 -9.77 -20.87
CA ILE C 134 30.69 -10.12 -21.21
C ILE C 134 30.74 -10.79 -22.57
N GLU C 135 29.75 -11.67 -22.85
CA GLU C 135 29.74 -12.43 -24.09
C GLU C 135 29.65 -11.51 -25.31
N LEU C 136 28.70 -10.58 -25.30
CA LEU C 136 28.54 -9.68 -26.45
C LEU C 136 29.75 -8.78 -26.64
N HIS C 137 30.36 -8.34 -25.54
CA HIS C 137 31.58 -7.55 -25.65
C HIS C 137 32.69 -8.35 -26.29
N THR C 138 32.71 -9.66 -26.06
CA THR C 138 33.72 -10.53 -26.64
C THR C 138 33.23 -11.12 -27.94
N GLY C 139 32.13 -10.62 -28.45
CA GLY C 139 31.72 -10.98 -29.78
C GLY C 139 30.86 -12.22 -29.89
N THR C 140 30.68 -12.98 -28.80
CA THR C 140 29.86 -14.19 -28.85
C THR C 140 28.41 -13.80 -28.54
N TRP C 141 27.48 -14.50 -29.15
CA TRP C 141 26.07 -14.17 -29.01
C TRP C 141 25.36 -15.43 -28.53
N ASN C 142 25.05 -15.49 -27.23
CA ASN C 142 24.41 -16.64 -26.63
C ASN C 142 23.12 -16.24 -25.95
N LYS C 143 22.02 -16.29 -26.69
CA LYS C 143 20.72 -15.91 -26.18
C LYS C 143 20.08 -17.15 -25.58
N VAL C 144 20.16 -17.29 -24.27
CA VAL C 144 19.62 -18.43 -23.58
C VAL C 144 18.61 -17.98 -22.53
N ALA C 145 17.52 -18.74 -22.41
CA ALA C 145 16.50 -18.50 -21.39
C ALA C 145 16.40 -19.59 -20.35
N ALA C 146 17.11 -20.70 -20.54
CA ALA C 146 16.98 -21.86 -19.66
C ALA C 146 17.62 -21.58 -18.32
N ARG C 147 16.83 -21.78 -17.25
CA ARG C 147 17.27 -21.48 -15.90
C ARG C 147 17.54 -19.99 -15.71
N CYS C 148 16.85 -19.15 -16.49
CA CYS C 148 16.77 -17.70 -16.27
C CYS C 148 15.37 -17.31 -15.80
N TRP C 149 15.28 -16.63 -14.66
CA TRP C 149 14.01 -16.51 -13.94
C TRP C 149 13.56 -15.06 -13.76
N GLU C 150 12.24 -14.89 -13.64
CA GLU C 150 11.68 -13.65 -13.13
C GLU C 150 11.92 -13.65 -11.64
N VAL C 151 12.28 -12.50 -11.09
CA VAL C 151 12.50 -12.41 -9.65
C VAL C 151 11.16 -12.51 -8.93
N ARG C 152 10.09 -11.95 -9.52
CA ARG C 152 8.78 -12.02 -8.90
C ARG C 152 8.34 -13.46 -8.72
N GLY C 153 7.92 -13.80 -7.51
CA GLY C 153 7.50 -15.14 -7.19
C GLY C 153 8.54 -16.03 -6.51
N LYS C 154 9.82 -15.66 -6.60
CA LYS C 154 10.85 -16.41 -5.88
C LYS C 154 10.89 -15.88 -4.43
N THR C 155 11.66 -16.52 -3.54
CA THR C 155 11.72 -16.10 -2.14
C THR C 155 13.14 -15.70 -1.73
N LEU C 156 13.26 -14.60 -0.98
CA LEU C 156 14.55 -14.07 -0.55
C LEU C 156 14.76 -14.42 0.93
N GLY C 157 15.89 -15.07 1.23
CA GLY C 157 16.28 -15.35 2.61
C GLY C 157 17.29 -14.36 3.17
N ILE C 158 16.88 -13.54 4.14
CA ILE C 158 17.74 -12.52 4.73
C ILE C 158 18.36 -13.02 6.04
N ILE C 159 19.68 -13.09 6.10
CA ILE C 159 20.42 -13.42 7.31
C ILE C 159 20.86 -12.09 7.94
N GLY C 160 20.16 -11.65 8.95
CA GLY C 160 20.46 -10.39 9.60
C GLY C 160 19.50 -9.30 9.17
N TYR C 161 18.56 -8.97 10.05
CA TYR C 161 17.43 -8.07 9.76
C TYR C 161 17.64 -6.68 10.38
N GLY C 162 18.87 -6.15 10.29
CA GLY C 162 19.19 -4.91 10.96
C GLY C 162 18.80 -3.66 10.19
N HIS C 163 19.73 -2.72 10.05
CA HIS C 163 19.43 -1.55 9.24
C HIS C 163 19.29 -1.92 7.77
N ILE C 164 20.29 -2.66 7.24
CA ILE C 164 20.29 -3.08 5.83
C ILE C 164 19.23 -4.15 5.56
N GLY C 165 19.10 -5.14 6.43
CA GLY C 165 18.15 -6.22 6.18
C GLY C 165 16.73 -5.73 6.08
N SER C 166 16.36 -4.77 6.94
CA SER C 166 15.01 -4.22 6.94
C SER C 166 14.71 -3.46 5.63
N GLN C 167 15.57 -2.51 5.26
CA GLN C 167 15.36 -1.80 4.02
C GLN C 167 15.26 -2.76 2.84
N LEU C 168 16.13 -3.79 2.82
CA LEU C 168 16.12 -4.80 1.74
C LEU C 168 14.80 -5.56 1.68
N SER C 169 14.21 -5.84 2.84
CA SER C 169 12.99 -6.63 2.89
C SER C 169 11.87 -5.92 2.14
N VAL C 170 11.70 -4.61 2.37
CA VAL C 170 10.60 -3.86 1.74
C VAL C 170 10.78 -3.79 0.22
N LEU C 171 12.01 -3.49 -0.22
CA LEU C 171 12.29 -3.42 -1.63
C LEU C 171 12.04 -4.75 -2.30
N ALA C 172 12.52 -5.85 -1.69
CA ALA C 172 12.35 -7.18 -2.27
C ALA C 172 10.88 -7.54 -2.41
N GLU C 173 10.07 -7.15 -1.43
CA GLU C 173 8.64 -7.37 -1.54
C GLU C 173 8.04 -6.56 -2.68
N ALA C 174 8.48 -5.30 -2.83
CA ALA C 174 7.98 -4.48 -3.94
C ALA C 174 8.22 -5.14 -5.29
N MET C 175 9.35 -5.83 -5.46
CA MET C 175 9.63 -6.51 -6.73
C MET C 175 8.86 -7.79 -6.88
N GLY C 176 8.07 -8.19 -5.91
CA GLY C 176 7.28 -9.41 -6.03
C GLY C 176 7.89 -10.66 -5.44
N LEU C 177 8.77 -10.53 -4.45
CA LEU C 177 9.44 -11.62 -3.76
C LEU C 177 8.77 -11.92 -2.43
N HIS C 178 8.91 -13.17 -2.00
CA HIS C 178 8.58 -13.59 -0.64
C HIS C 178 9.80 -13.46 0.25
N VAL C 179 9.66 -12.83 1.42
CA VAL C 179 10.81 -12.56 2.29
C VAL C 179 10.78 -13.46 3.52
N LEU C 180 11.89 -14.15 3.77
CA LEU C 180 12.14 -14.89 5.00
C LEU C 180 13.43 -14.39 5.64
N TYR C 181 13.46 -14.32 6.96
CA TYR C 181 14.64 -13.82 7.65
C TYR C 181 14.93 -14.61 8.91
N TYR C 182 16.20 -14.93 9.12
CA TYR C 182 16.70 -15.54 10.35
C TYR C 182 17.58 -14.54 11.07
N ASP C 183 17.28 -14.29 12.33
CA ASP C 183 18.05 -13.37 13.13
C ASP C 183 18.13 -13.98 14.53
N ILE C 184 19.29 -13.83 15.17
CA ILE C 184 19.47 -14.36 16.52
C ILE C 184 18.47 -13.74 17.50
N VAL C 185 18.06 -12.49 17.27
CA VAL C 185 17.05 -11.81 18.09
C VAL C 185 15.71 -11.86 17.40
N THR C 186 14.63 -12.14 18.15
CA THR C 186 13.29 -12.10 17.56
C THR C 186 12.93 -10.65 17.26
N ILE C 187 12.76 -10.32 15.97
CA ILE C 187 12.53 -8.94 15.54
C ILE C 187 11.20 -8.86 14.82
N MET C 188 10.42 -7.82 15.14
CA MET C 188 9.09 -7.58 14.54
C MET C 188 9.16 -7.43 13.03
N ALA C 189 8.61 -8.43 12.33
CA ALA C 189 8.68 -8.48 10.88
C ALA C 189 8.02 -7.26 10.27
N LEU C 190 8.60 -6.77 9.17
CA LEU C 190 8.08 -5.65 8.39
C LEU C 190 7.35 -6.16 7.16
N GLY C 191 6.19 -5.58 6.88
CA GLY C 191 5.38 -6.02 5.74
C GLY C 191 4.91 -7.45 5.93
N THR C 192 5.04 -8.24 4.88
CA THR C 192 4.53 -9.61 4.88
C THR C 192 5.64 -10.62 5.15
N ALA C 193 6.75 -10.18 5.72
CA ALA C 193 7.83 -11.13 5.93
C ALA C 193 7.51 -12.06 7.11
N ARG C 194 8.24 -13.18 7.18
CA ARG C 194 8.12 -14.16 8.28
C ARG C 194 9.51 -14.45 8.83
N GLN C 195 9.67 -14.33 10.14
CA GLN C 195 10.92 -14.76 10.76
C GLN C 195 10.90 -16.29 10.91
N VAL C 196 11.93 -16.95 10.43
CA VAL C 196 11.96 -18.40 10.51
C VAL C 196 12.87 -18.78 11.68
N SER C 197 12.66 -19.99 12.23
CA SER C 197 13.31 -20.40 13.47
C SER C 197 14.78 -20.73 13.29
N THR C 198 15.09 -21.68 12.42
CA THR C 198 16.46 -22.10 12.22
C THR C 198 16.99 -21.59 10.89
N LEU C 199 18.31 -21.33 10.87
CA LEU C 199 18.96 -21.00 9.60
C LEU C 199 18.74 -22.10 8.59
N ASP C 200 18.75 -23.36 9.04
CA ASP C 200 18.52 -24.46 8.13
C ASP C 200 17.13 -24.37 7.50
N GLU C 201 16.12 -23.93 8.26
CA GLU C 201 14.80 -23.76 7.67
C GLU C 201 14.87 -22.74 6.56
N LEU C 202 15.58 -21.63 6.83
CA LEU C 202 15.68 -20.54 5.86
C LEU C 202 16.30 -21.04 4.57
N LEU C 203 17.43 -21.74 4.67
CA LEU C 203 18.18 -22.17 3.49
C LEU C 203 17.40 -23.17 2.64
N ASN C 204 16.58 -24.03 3.27
CA ASN C 204 15.90 -25.08 2.51
C ASN C 204 14.84 -24.51 1.57
N LYS C 205 14.08 -23.51 2.02
CA LYS C 205 12.90 -23.04 1.29
C LYS C 205 13.21 -21.89 0.33
N SER C 206 14.45 -21.38 0.33
CA SER C 206 14.80 -20.13 -0.33
C SER C 206 15.46 -20.35 -1.69
N ASP C 207 15.15 -19.45 -2.60
CA ASP C 207 15.74 -19.34 -3.91
C ASP C 207 16.93 -18.37 -3.92
N PHE C 208 16.88 -17.30 -3.11
CA PHE C 208 17.98 -16.33 -2.95
C PHE C 208 18.37 -16.15 -1.49
N VAL C 209 19.68 -16.07 -1.22
CA VAL C 209 20.19 -15.89 0.13
C VAL C 209 21.11 -14.69 0.20
N THR C 210 20.84 -13.77 1.15
CA THR C 210 21.64 -12.58 1.39
C THR C 210 22.18 -12.55 2.81
N LEU C 211 23.37 -11.97 3.02
CA LEU C 211 23.98 -11.84 4.35
C LEU C 211 24.07 -10.38 4.78
N HIS C 212 23.58 -10.06 5.98
CA HIS C 212 23.66 -8.67 6.44
C HIS C 212 23.96 -8.58 7.92
N VAL C 213 24.91 -9.40 8.36
CA VAL C 213 25.29 -9.58 9.76
C VAL C 213 26.62 -8.90 10.04
N PRO C 214 26.94 -8.62 11.30
CA PRO C 214 28.26 -8.08 11.66
C PRO C 214 29.28 -9.20 11.73
N ALA C 215 30.55 -8.83 11.91
CA ALA C 215 31.61 -9.83 11.97
C ALA C 215 31.69 -10.37 13.40
N THR C 216 31.30 -11.61 13.59
CA THR C 216 31.38 -12.28 14.90
C THR C 216 31.93 -13.68 14.67
N PRO C 217 32.51 -14.29 15.71
CA PRO C 217 32.92 -15.70 15.57
C PRO C 217 31.77 -16.60 15.13
N GLU C 218 30.54 -16.22 15.51
CA GLU C 218 29.34 -16.88 15.05
C GLU C 218 29.08 -16.65 13.56
N THR C 219 29.50 -15.50 13.02
CA THR C 219 29.28 -15.26 11.60
C THR C 219 30.50 -15.61 10.75
N GLU C 220 31.68 -15.75 11.35
CA GLU C 220 32.86 -16.08 10.58
C GLU C 220 32.65 -17.45 9.93
N LYS C 221 32.81 -17.53 8.62
CA LYS C 221 32.50 -18.73 7.83
C LYS C 221 31.11 -19.25 8.17
N MET C 222 30.19 -18.30 8.38
CA MET C 222 28.82 -18.66 8.74
C MET C 222 28.16 -19.57 7.71
N LEU C 223 28.30 -19.24 6.41
CA LEU C 223 27.78 -20.10 5.34
C LEU C 223 28.92 -20.94 4.78
N SER C 224 29.02 -22.19 5.22
CA SER C 224 30.04 -23.11 4.73
C SER C 224 29.39 -24.28 3.99
N ALA C 225 30.24 -25.20 3.53
CA ALA C 225 29.79 -26.30 2.67
C ALA C 225 28.60 -27.11 3.19
N PRO C 226 28.51 -27.49 4.47
CA PRO C 226 27.27 -28.16 4.89
C PRO C 226 26.06 -27.29 4.64
N GLN C 227 26.19 -26.01 4.96
CA GLN C 227 25.08 -25.10 4.81
C GLN C 227 24.70 -24.89 3.34
N PHE C 228 25.68 -24.78 2.43
CA PHE C 228 25.34 -24.61 1.01
C PHE C 228 24.54 -25.80 0.50
N ALA C 229 24.99 -27.02 0.83
CA ALA C 229 24.26 -28.23 0.46
C ALA C 229 22.85 -28.25 1.05
N ALA C 230 22.59 -27.47 2.10
CA ALA C 230 21.27 -27.32 2.70
C ALA C 230 20.37 -26.30 1.97
N MET C 231 20.59 -26.02 0.68
CA MET C 231 19.83 -25.01 -0.08
C MET C 231 19.15 -25.62 -1.30
N LYS C 232 18.23 -24.86 -1.89
CA LYS C 232 17.43 -25.40 -2.98
C LYS C 232 18.37 -25.73 -4.13
N ASP C 233 18.08 -26.84 -4.82
CA ASP C 233 18.98 -27.26 -5.89
C ASP C 233 18.96 -26.15 -6.95
N GLY C 234 20.09 -25.47 -7.11
CA GLY C 234 20.25 -24.42 -8.11
C GLY C 234 19.73 -23.05 -7.69
N ALA C 235 20.18 -22.57 -6.53
CA ALA C 235 19.77 -21.32 -5.94
C ALA C 235 20.96 -20.37 -5.99
N TYR C 236 20.81 -19.18 -5.37
CA TYR C 236 21.79 -18.09 -5.47
C TYR C 236 22.22 -17.54 -4.12
N VAL C 237 23.44 -16.99 -4.07
CA VAL C 237 24.08 -16.55 -2.85
C VAL C 237 24.59 -15.10 -2.99
N ILE C 238 24.30 -14.25 -2.01
CA ILE C 238 24.75 -12.86 -2.01
C ILE C 238 25.38 -12.50 -0.66
N ASN C 239 26.59 -11.95 -0.70
CA ASN C 239 27.30 -11.54 0.52
C ASN C 239 27.86 -10.14 0.31
N ALA C 240 27.27 -9.15 0.96
CA ALA C 240 27.80 -7.79 0.95
C ALA C 240 27.89 -7.26 2.36
N SER C 241 28.18 -8.15 3.32
CA SER C 241 28.27 -7.81 4.74
C SER C 241 29.72 -7.67 5.19
N ARG C 242 30.40 -8.80 5.34
CA ARG C 242 31.74 -8.84 5.91
C ARG C 242 32.52 -9.94 5.24
N GLY C 243 33.81 -9.70 5.04
CA GLY C 243 34.58 -10.59 4.20
C GLY C 243 34.90 -11.93 4.84
N THR C 244 34.30 -12.17 6.00
CA THR C 244 34.56 -13.37 6.77
C THR C 244 33.36 -14.29 6.83
N VAL C 245 32.22 -13.88 6.28
CA VAL C 245 30.98 -14.60 6.56
C VAL C 245 30.81 -15.82 5.68
N VAL C 246 31.54 -15.91 4.57
CA VAL C 246 31.37 -16.97 3.59
C VAL C 246 32.64 -17.79 3.48
N ASP C 247 32.45 -19.11 3.44
CA ASP C 247 33.52 -20.06 3.17
C ASP C 247 33.68 -20.12 1.66
N ILE C 248 34.59 -19.29 1.14
CA ILE C 248 34.76 -19.20 -0.31
C ILE C 248 35.09 -20.53 -0.96
N PRO C 249 36.02 -21.34 -0.44
CA PRO C 249 36.24 -22.66 -1.05
C PRO C 249 34.99 -23.51 -1.06
N SER C 250 34.22 -23.49 0.05
CA SER C 250 32.99 -24.27 0.08
C SER C 250 32.05 -23.85 -1.03
N LEU C 251 31.98 -22.54 -1.30
CA LEU C 251 31.11 -22.03 -2.34
C LEU C 251 31.59 -22.43 -3.72
N ILE C 252 32.88 -22.27 -3.98
CA ILE C 252 33.41 -22.66 -5.29
C ILE C 252 33.14 -24.14 -5.52
N GLN C 253 33.23 -24.96 -4.47
CA GLN C 253 32.87 -26.36 -4.63
C GLN C 253 31.42 -26.51 -5.10
N ALA C 254 30.50 -25.82 -4.42
CA ALA C 254 29.08 -26.00 -4.74
C ALA C 254 28.73 -25.52 -6.14
N VAL C 255 29.28 -24.38 -6.57
CA VAL C 255 28.94 -23.90 -7.91
C VAL C 255 29.47 -24.85 -8.96
N LYS C 256 30.73 -25.30 -8.83
CA LYS C 256 31.27 -26.26 -9.79
C LYS C 256 30.44 -27.54 -9.79
N ALA C 257 29.80 -27.87 -8.65
CA ALA C 257 28.90 -29.02 -8.54
C ALA C 257 27.48 -28.74 -9.03
N ASN C 258 27.26 -27.57 -9.64
CA ASN C 258 25.94 -27.16 -10.15
C ASN C 258 24.88 -27.18 -9.06
N LYS C 259 25.30 -27.05 -7.80
CA LYS C 259 24.33 -26.92 -6.73
C LYS C 259 23.90 -25.48 -6.55
N ILE C 260 24.79 -24.53 -6.79
CA ILE C 260 24.46 -23.11 -6.69
C ILE C 260 24.61 -22.46 -8.04
N ALA C 261 23.53 -21.86 -8.52
CA ALA C 261 23.50 -21.34 -9.89
C ALA C 261 24.40 -20.11 -10.03
N GLY C 262 24.44 -19.25 -9.02
CA GLY C 262 25.35 -18.13 -9.08
C GLY C 262 25.49 -17.48 -7.72
N ALA C 263 26.33 -16.46 -7.66
CA ALA C 263 26.49 -15.72 -6.43
C ALA C 263 27.10 -14.37 -6.74
N ALA C 264 26.94 -13.43 -5.82
CA ALA C 264 27.53 -12.11 -5.99
C ALA C 264 28.18 -11.73 -4.69
N LEU C 265 29.42 -11.25 -4.76
CA LEU C 265 30.17 -10.93 -3.55
C LEU C 265 30.72 -9.51 -3.61
N ASP C 266 30.56 -8.77 -2.50
CA ASP C 266 31.12 -7.45 -2.38
C ASP C 266 32.25 -7.37 -1.36
N VAL C 267 32.37 -8.33 -0.47
CA VAL C 267 33.35 -8.31 0.61
C VAL C 267 34.06 -9.66 0.65
N TYR C 268 35.34 -9.64 1.01
CA TYR C 268 36.23 -10.78 0.91
C TYR C 268 37.13 -10.90 2.15
N PRO C 269 37.75 -12.07 2.35
CA PRO C 269 38.66 -12.21 3.50
C PRO C 269 39.85 -11.26 3.47
N HIS C 270 40.44 -11.06 2.28
CA HIS C 270 41.64 -10.24 2.11
C HIS C 270 41.42 -9.18 1.04
N GLU C 271 40.97 -8.00 1.47
CA GLU C 271 40.74 -6.88 0.56
C GLU C 271 41.97 -5.98 0.58
N PRO C 272 42.39 -5.45 -0.58
CA PRO C 272 43.52 -4.51 -0.58
C PRO C 272 43.20 -3.22 0.17
N ALA C 273 44.25 -2.58 0.70
CA ALA C 273 44.03 -1.33 1.42
C ALA C 273 44.10 -0.12 0.50
N LYS C 274 44.62 -0.31 -0.71
CA LYS C 274 44.72 0.73 -1.72
C LYS C 274 44.27 0.15 -3.05
N ASN C 275 43.68 1.00 -3.88
CA ASN C 275 43.25 0.59 -5.20
C ASN C 275 44.47 0.24 -6.04
N GLY C 276 44.39 -0.85 -6.80
CA GLY C 276 45.50 -1.22 -7.63
C GLY C 276 45.07 -1.91 -8.90
N GLU C 277 45.95 -1.85 -9.90
CA GLU C 277 45.71 -2.52 -11.17
C GLU C 277 45.94 -4.02 -11.09
N GLY C 278 46.70 -4.50 -10.12
CA GLY C 278 46.84 -5.93 -9.97
C GLY C 278 46.73 -6.45 -8.56
N SER C 279 46.06 -5.69 -7.68
CA SER C 279 46.05 -6.08 -6.27
C SER C 279 45.36 -7.43 -6.09
N PHE C 280 44.24 -7.62 -6.78
CA PHE C 280 43.40 -8.81 -6.63
C PHE C 280 43.94 -9.94 -7.49
N ASN C 281 45.03 -10.54 -7.02
CA ASN C 281 45.69 -11.66 -7.69
C ASN C 281 45.62 -12.86 -6.76
N ASP C 282 46.19 -13.97 -7.21
CA ASP C 282 46.19 -15.14 -6.36
C ASP C 282 46.99 -14.90 -5.09
N GLU C 283 47.88 -13.91 -5.10
CA GLU C 283 48.64 -13.58 -3.89
C GLU C 283 47.74 -13.06 -2.80
N LEU C 284 46.69 -12.31 -3.18
CA LEU C 284 45.76 -11.76 -2.19
C LEU C 284 44.81 -12.81 -1.63
N ASN C 285 44.25 -13.65 -2.50
CA ASN C 285 43.34 -14.70 -2.07
C ASN C 285 43.72 -15.96 -2.83
N SER C 286 44.00 -17.04 -2.09
CA SER C 286 44.56 -18.23 -2.72
C SER C 286 43.64 -18.80 -3.79
N TRP C 287 42.34 -18.52 -3.71
CA TRP C 287 41.32 -19.10 -4.59
C TRP C 287 41.00 -18.23 -5.79
N THR C 288 41.67 -17.07 -5.93
CA THR C 288 41.24 -16.06 -6.91
C THR C 288 41.16 -16.62 -8.32
N SER C 289 42.16 -17.37 -8.75
CA SER C 289 42.15 -17.88 -10.12
C SER C 289 41.00 -18.84 -10.36
N GLU C 290 40.77 -19.77 -9.43
CA GLU C 290 39.66 -20.72 -9.61
C GLU C 290 38.32 -19.99 -9.61
N LEU C 291 38.15 -18.99 -8.74
CA LEU C 291 36.89 -18.26 -8.61
C LEU C 291 36.52 -17.54 -9.90
N VAL C 292 37.44 -16.72 -10.40
CA VAL C 292 37.18 -15.95 -11.60
C VAL C 292 36.84 -16.86 -12.79
N SER C 293 37.31 -18.11 -12.78
CA SER C 293 36.98 -18.93 -13.92
C SER C 293 35.59 -19.52 -13.83
N LEU C 294 34.76 -19.03 -12.93
CA LEU C 294 33.47 -19.70 -12.82
C LEU C 294 32.36 -18.86 -13.43
N PRO C 295 31.36 -19.50 -13.99
CA PRO C 295 30.30 -18.77 -14.69
C PRO C 295 29.28 -18.16 -13.73
N ASN C 296 28.66 -17.08 -14.18
CA ASN C 296 27.58 -16.41 -13.46
C ASN C 296 27.96 -16.08 -12.03
N ILE C 297 29.03 -15.31 -11.91
CA ILE C 297 29.44 -14.78 -10.63
C ILE C 297 29.66 -13.29 -10.80
N ILE C 298 29.08 -12.52 -9.90
CA ILE C 298 29.22 -11.07 -9.88
C ILE C 298 30.17 -10.71 -8.75
N LEU C 299 31.29 -10.09 -9.11
CA LEU C 299 32.33 -9.66 -8.18
C LEU C 299 32.33 -8.14 -8.09
N THR C 300 32.43 -7.58 -6.89
CA THR C 300 32.46 -6.13 -6.73
C THR C 300 33.45 -5.76 -5.62
N PRO C 301 34.12 -4.60 -5.73
CA PRO C 301 35.19 -4.24 -4.74
C PRO C 301 34.74 -3.41 -3.53
N HIS C 302 33.98 -4.04 -2.65
CA HIS C 302 33.55 -3.45 -1.37
C HIS C 302 32.92 -2.08 -1.60
N ILE C 303 32.04 -2.00 -2.60
CA ILE C 303 31.36 -0.77 -2.99
C ILE C 303 29.89 -0.70 -2.52
N GLY C 304 29.43 -1.66 -1.72
CA GLY C 304 28.04 -1.64 -1.32
C GLY C 304 27.56 -0.37 -0.65
N GLY C 305 28.38 0.66 -0.63
CA GLY C 305 27.97 1.84 0.07
C GLY C 305 28.68 3.03 -0.50
N SER C 306 29.21 2.83 -1.70
CA SER C 306 29.97 3.84 -2.41
C SER C 306 29.05 4.49 -3.44
N THR C 307 28.16 5.33 -2.93
CA THR C 307 27.32 6.15 -3.77
C THR C 307 27.38 7.60 -3.32
N GLU C 308 27.04 8.49 -4.24
CA GLU C 308 26.97 9.90 -3.91
C GLU C 308 25.99 10.14 -2.78
N GLU C 309 24.83 9.50 -2.84
CA GLU C 309 23.83 9.69 -1.82
C GLU C 309 24.37 9.29 -0.44
N ALA C 310 25.20 8.24 -0.38
CA ALA C 310 25.77 7.78 0.88
C ALA C 310 26.73 8.80 1.49
N GLN C 311 27.67 9.33 0.70
CA GLN C 311 28.60 10.32 1.20
C GLN C 311 27.88 11.62 1.58
N SER C 312 26.84 11.98 0.83
CA SER C 312 26.03 13.14 1.17
C SER C 312 25.33 12.94 2.52
N SER C 313 24.72 11.78 2.73
CA SER C 313 24.09 11.51 4.02
C SER C 313 25.12 11.45 5.14
N ILE C 314 26.30 10.87 4.88
CA ILE C 314 27.36 10.84 5.89
C ILE C 314 27.76 12.24 6.29
N GLY C 315 27.89 13.13 5.31
CA GLY C 315 28.25 14.50 5.61
C GLY C 315 27.23 15.17 6.50
N ILE C 316 25.96 15.12 6.12
CA ILE C 316 24.92 15.76 6.92
C ILE C 316 24.99 15.24 8.35
N GLU C 317 25.13 13.92 8.52
CA GLU C 317 25.06 13.33 9.86
C GLU C 317 26.23 13.76 10.74
N VAL C 318 27.47 13.60 10.27
CA VAL C 318 28.62 13.86 11.13
C VAL C 318 28.80 15.36 11.37
N ALA C 319 28.55 16.19 10.35
CA ALA C 319 28.62 17.63 10.56
C ALA C 319 27.60 18.07 11.60
N THR C 320 26.38 17.53 11.48
CA THR C 320 25.37 17.85 12.48
C THR C 320 25.85 17.44 13.87
N ALA C 321 26.50 16.27 13.99
CA ALA C 321 26.95 15.80 15.30
C ALA C 321 28.01 16.69 15.90
N LEU C 322 29.01 17.08 15.09
CA LEU C 322 30.10 17.95 15.56
C LEU C 322 29.54 19.32 15.94
N SER C 323 28.64 19.86 15.13
CA SER C 323 28.02 21.12 15.44
C SER C 323 27.31 21.06 16.80
N LYS C 324 26.62 19.96 17.09
CA LYS C 324 25.97 19.83 18.40
C LYS C 324 26.99 19.74 19.54
N TYR C 325 28.11 19.07 19.32
CA TYR C 325 29.08 19.00 20.40
C TYR C 325 29.74 20.35 20.63
N ILE C 326 30.02 21.07 19.54
CA ILE C 326 30.65 22.37 19.69
C ILE C 326 29.69 23.37 20.33
N ASN C 327 28.43 23.32 19.94
CA ASN C 327 27.56 24.40 20.37
C ASN C 327 26.82 24.09 21.65
N GLU C 328 26.42 22.85 21.86
CA GLU C 328 25.60 22.52 23.01
C GLU C 328 26.27 21.55 23.97
N GLY C 329 27.36 20.90 23.56
CA GLY C 329 28.03 19.92 24.38
C GLY C 329 27.54 18.49 24.22
N ASN C 330 26.40 18.28 23.54
CA ASN C 330 25.82 16.95 23.32
C ASN C 330 26.85 16.08 22.65
N SER C 331 27.31 15.09 23.36
CA SER C 331 28.36 14.21 22.91
C SER C 331 27.82 12.84 22.58
N VAL C 332 26.50 12.70 22.48
CA VAL C 332 25.92 11.39 22.19
C VAL C 332 26.38 10.93 20.84
N GLY C 333 26.84 9.70 20.77
CA GLY C 333 27.32 9.15 19.55
C GLY C 333 28.82 9.19 19.40
N SER C 334 29.52 9.73 20.39
CA SER C 334 30.97 9.73 20.31
C SER C 334 31.50 8.31 20.47
N VAL C 335 32.59 8.02 19.78
CA VAL C 335 33.16 6.69 19.76
C VAL C 335 33.99 6.44 21.01
N ASN C 336 34.70 7.47 21.46
CA ASN C 336 35.68 7.38 22.53
C ASN C 336 35.34 8.18 23.78
N PHE C 337 34.09 8.60 23.94
CA PHE C 337 33.70 9.63 24.88
C PHE C 337 32.44 9.16 25.57
N PRO C 338 32.14 9.67 26.75
CA PRO C 338 30.82 9.45 27.36
C PRO C 338 29.72 10.14 26.58
N GLU C 339 28.53 9.56 26.59
CA GLU C 339 27.41 10.16 25.86
C GLU C 339 26.59 11.00 26.83
N VAL C 340 26.71 12.31 26.70
CA VAL C 340 26.15 13.22 27.68
C VAL C 340 25.39 14.29 26.95
N SER C 341 24.25 14.65 27.48
CA SER C 341 23.42 15.64 26.81
C SER C 341 22.42 16.20 27.80
N LEU C 342 22.00 17.45 27.54
CA LEU C 342 20.99 18.15 28.32
C LEU C 342 20.05 18.86 27.35
N LYS C 343 18.89 19.29 27.84
CA LYS C 343 17.94 19.98 26.98
C LYS C 343 18.61 21.18 26.28
N SER C 344 18.00 21.68 25.22
CA SER C 344 18.62 22.67 24.37
C SER C 344 18.81 24.01 25.04
N LEU C 345 18.14 24.28 26.17
CA LEU C 345 18.35 25.52 26.92
C LEU C 345 17.68 26.70 26.20
N ASP C 346 16.36 26.82 26.41
CA ASP C 346 15.56 27.93 25.93
C ASP C 346 16.22 29.26 26.28
N TYR C 347 16.61 30.00 25.24
CA TYR C 347 17.23 31.33 25.35
C TYR C 347 16.45 32.32 26.23
N ASP C 348 15.19 31.99 26.54
CA ASP C 348 14.34 32.89 27.33
C ASP C 348 14.95 33.14 28.71
N GLN C 349 15.54 32.12 29.32
CA GLN C 349 16.26 32.30 30.58
C GLN C 349 17.66 32.73 30.19
N GLU C 350 17.92 34.04 30.26
CA GLU C 350 19.17 34.61 29.76
C GLU C 350 20.28 34.76 30.80
N ASN C 351 20.18 34.12 31.97
CA ASN C 351 21.26 34.28 32.95
C ASN C 351 21.76 32.93 33.42
N THR C 352 21.88 31.97 32.51
CA THR C 352 22.32 30.63 32.86
C THR C 352 23.55 30.19 32.05
N VAL C 353 24.57 29.69 32.75
CA VAL C 353 25.82 29.23 32.13
C VAL C 353 25.77 27.72 32.00
N ARG C 354 26.47 27.21 31.01
CA ARG C 354 26.63 25.77 30.79
C ARG C 354 28.10 25.43 30.91
N VAL C 355 28.43 24.51 31.81
CA VAL C 355 29.82 24.09 32.04
C VAL C 355 30.02 22.75 31.36
N LEU C 356 31.07 22.64 30.56
CA LEU C 356 31.43 21.36 29.98
C LEU C 356 32.78 20.98 30.59
N TYR C 357 32.75 20.16 31.63
CA TYR C 357 33.93 19.85 32.43
C TYR C 357 34.38 18.42 32.18
N ILE C 358 35.47 18.25 31.46
CA ILE C 358 36.02 16.91 31.24
C ILE C 358 37.10 16.68 32.28
N HIS C 359 37.05 15.54 32.98
CA HIS C 359 37.96 15.25 34.08
C HIS C 359 38.35 13.78 34.09
N ARG C 360 39.35 13.48 34.94
CA ARG C 360 39.77 12.11 35.24
C ARG C 360 38.79 11.46 36.22
N ASN C 361 38.50 10.16 36.00
CA ASN C 361 37.40 9.46 36.69
C ASN C 361 37.83 8.93 38.06
N VAL C 362 37.98 9.86 38.99
CA VAL C 362 38.53 9.52 40.29
C VAL C 362 37.62 10.15 41.33
N PRO C 363 37.50 9.55 42.51
CA PRO C 363 36.60 10.08 43.53
C PRO C 363 36.95 11.50 43.92
N GLY C 364 35.93 12.22 44.40
CA GLY C 364 36.08 13.55 44.93
C GLY C 364 35.98 14.66 43.92
N VAL C 365 35.92 14.33 42.62
CA VAL C 365 35.85 15.38 41.61
C VAL C 365 34.56 16.15 41.76
N LEU C 366 33.46 15.44 41.89
CA LEU C 366 32.20 16.16 42.03
C LEU C 366 32.10 16.87 43.37
N LYS C 367 32.82 16.41 44.38
CA LYS C 367 32.93 17.20 45.61
C LYS C 367 33.57 18.55 45.30
N THR C 368 34.73 18.51 44.63
CA THR C 368 35.46 19.72 44.28
C THR C 368 34.60 20.66 43.43
N VAL C 369 33.96 20.11 42.41
CA VAL C 369 33.27 20.96 41.44
C VAL C 369 32.02 21.59 42.05
N ASN C 370 31.14 20.78 42.65
CA ASN C 370 29.90 21.33 43.18
C ASN C 370 30.14 22.30 44.34
N ASP C 371 31.29 22.19 45.02
CA ASP C 371 31.64 23.25 45.98
C ASP C 371 31.84 24.56 45.23
N ILE C 372 32.66 24.53 44.16
CA ILE C 372 32.89 25.72 43.36
C ILE C 372 31.58 26.29 42.85
N LEU C 373 30.69 25.43 42.39
CA LEU C 373 29.47 25.95 41.82
C LEU C 373 28.42 26.26 42.89
N SER C 374 28.78 26.07 44.17
CA SER C 374 27.83 26.18 45.28
C SER C 374 27.25 27.58 45.45
N ASP C 375 27.90 28.60 44.89
CA ASP C 375 27.42 29.98 45.07
C ASP C 375 26.10 30.20 44.34
N HIS C 376 25.87 29.46 43.25
CA HIS C 376 24.67 29.60 42.43
C HIS C 376 23.94 28.26 42.38
N ASN C 377 22.68 28.30 41.98
CA ASN C 377 21.89 27.07 41.89
C ASN C 377 22.21 26.30 40.61
N ILE C 378 22.49 25.02 40.76
CA ILE C 378 22.68 24.14 39.61
C ILE C 378 21.32 23.55 39.28
N GLU C 379 20.77 23.97 38.13
CA GLU C 379 19.43 23.59 37.72
C GLU C 379 19.41 22.15 37.22
N LYS C 380 20.40 21.78 36.40
CA LYS C 380 20.52 20.43 35.86
C LYS C 380 21.99 20.04 35.91
N GLN C 381 22.24 18.76 36.10
CA GLN C 381 23.64 18.33 36.11
C GLN C 381 23.69 16.91 35.57
N PHE C 382 24.72 16.59 34.81
CA PHE C 382 24.80 15.24 34.27
C PHE C 382 26.25 14.90 34.03
N SER C 383 26.71 13.82 34.65
CA SER C 383 28.08 13.36 34.49
C SER C 383 28.06 11.86 34.21
N ASP C 384 28.89 11.44 33.27
CA ASP C 384 29.02 10.04 32.92
C ASP C 384 30.49 9.77 32.63
N SER C 385 30.89 8.49 32.75
CA SER C 385 32.29 8.10 32.66
C SER C 385 32.50 6.99 31.65
N HIS C 386 33.41 7.22 30.71
CA HIS C 386 33.89 6.26 29.70
C HIS C 386 35.35 5.95 30.03
N GLY C 387 35.62 4.81 30.64
CA GLY C 387 36.99 4.50 30.97
C GLY C 387 37.52 5.44 32.04
N GLU C 388 38.77 5.88 31.87
CA GLU C 388 39.42 6.73 32.86
C GLU C 388 39.03 8.20 32.78
N ILE C 389 38.34 8.64 31.70
CA ILE C 389 37.90 10.03 31.51
C ILE C 389 36.41 10.10 31.77
N ALA C 390 35.95 11.30 32.13
CA ALA C 390 34.54 11.53 32.44
C ALA C 390 34.12 12.90 31.90
N TYR C 391 32.82 13.09 31.70
CA TYR C 391 32.31 14.31 31.11
C TYR C 391 31.15 14.83 31.97
N LEU C 392 31.21 16.11 32.33
CA LEU C 392 30.19 16.74 33.17
C LEU C 392 29.53 17.86 32.39
N MET C 393 28.21 17.91 32.41
CA MET C 393 27.46 19.05 31.93
C MET C 393 26.61 19.55 33.08
N ALA C 394 26.61 20.86 33.27
CA ALA C 394 25.82 21.45 34.33
C ALA C 394 25.25 22.77 33.85
N ASP C 395 24.04 23.08 34.30
CA ASP C 395 23.41 24.37 34.01
C ASP C 395 23.20 25.13 35.31
N ILE C 396 23.96 26.22 35.51
CA ILE C 396 23.95 26.99 36.76
C ILE C 396 23.24 28.31 36.47
N SER C 397 22.43 28.76 37.42
CA SER C 397 21.41 29.77 37.18
C SER C 397 21.84 31.14 37.72
N SER C 398 21.10 32.18 37.26
CA SER C 398 21.31 33.56 37.66
C SER C 398 22.78 33.91 37.84
N VAL C 399 23.54 33.91 36.74
CA VAL C 399 24.96 34.27 36.77
C VAL C 399 25.16 35.56 35.98
N ASN C 400 26.10 36.38 36.45
CA ASN C 400 26.47 37.65 35.82
C ASN C 400 27.86 37.54 35.23
N GLN C 401 28.06 38.20 34.09
CA GLN C 401 29.33 38.11 33.37
C GLN C 401 30.50 38.35 34.33
N SER C 402 30.30 39.22 35.32
CA SER C 402 31.31 39.42 36.33
C SER C 402 31.62 38.13 37.09
N GLU C 403 30.59 37.33 37.40
CA GLU C 403 30.84 36.15 38.21
C GLU C 403 31.49 35.03 37.41
N ILE C 404 31.24 34.98 36.09
CA ILE C 404 31.70 33.88 35.22
C ILE C 404 33.21 33.73 35.23
N LYS C 405 33.96 34.83 35.29
CA LYS C 405 35.42 34.72 35.27
C LYS C 405 35.92 33.85 36.43
N ASP C 406 35.37 34.10 37.63
CA ASP C 406 35.75 33.29 38.78
C ASP C 406 35.39 31.84 38.55
N ILE C 407 34.15 31.59 38.13
CA ILE C 407 33.64 30.22 37.95
C ILE C 407 34.50 29.47 36.96
N TYR C 408 34.87 30.13 35.86
CA TYR C 408 35.77 29.46 34.93
C TYR C 408 37.15 29.30 35.53
N GLU C 409 37.64 30.34 36.23
CA GLU C 409 38.98 30.30 36.80
C GLU C 409 39.14 29.17 37.80
N LYS C 410 38.19 29.06 38.75
CA LYS C 410 38.23 27.98 39.74
C LYS C 410 38.16 26.61 39.07
N LEU C 411 37.21 26.42 38.13
CA LEU C 411 37.05 25.14 37.44
C LEU C 411 38.30 24.81 36.61
N ASN C 412 38.89 25.82 35.96
CA ASN C 412 40.14 25.58 35.24
C ASN C 412 41.27 25.27 36.21
N GLN C 413 41.17 25.74 37.45
CA GLN C 413 42.22 25.51 38.44
C GLN C 413 42.09 24.19 39.18
N THR C 414 41.05 23.40 38.92
CA THR C 414 40.81 22.21 39.71
C THR C 414 41.83 21.13 39.34
N SER C 415 42.07 20.23 40.30
CA SER C 415 42.95 19.08 40.05
C SER C 415 42.26 18.08 39.13
N ALA C 416 43.06 17.44 38.27
CA ALA C 416 42.55 16.40 37.37
C ALA C 416 41.44 16.94 36.45
N LYS C 417 41.44 18.24 36.19
CA LYS C 417 40.61 18.83 35.15
C LYS C 417 41.37 18.70 33.82
N VAL C 418 40.77 18.03 32.84
CA VAL C 418 41.43 17.84 31.55
C VAL C 418 40.93 18.82 30.49
N SER C 419 39.62 19.10 30.41
CA SER C 419 39.16 20.19 29.53
C SER C 419 37.92 20.82 30.16
N ILE C 420 37.90 22.16 30.19
CA ILE C 420 36.82 22.93 30.79
C ILE C 420 36.36 23.92 29.73
N ARG C 421 35.04 24.12 29.64
CA ARG C 421 34.49 25.11 28.72
C ARG C 421 33.19 25.65 29.31
N LEU C 422 32.98 26.94 29.19
CA LEU C 422 31.74 27.51 29.70
C LEU C 422 31.06 28.09 28.47
N LEU C 423 29.73 27.98 28.39
CA LEU C 423 29.13 28.37 27.12
C LEU C 423 28.35 29.67 27.09
N TYR C 424 27.94 30.26 28.19
CA TYR C 424 27.10 31.45 27.92
C TYR C 424 27.90 32.76 27.74
N LYS D 1 -23.82 -21.02 -13.55
CA LYS D 1 -22.75 -21.65 -14.31
C LYS D 1 -23.35 -22.50 -15.43
N GLN D 2 -22.63 -23.52 -15.88
CA GLN D 2 -23.06 -24.41 -16.96
C GLN D 2 -22.09 -25.60 -17.04
N PRO D 3 -22.51 -26.69 -17.72
CA PRO D 3 -21.52 -27.76 -18.03
C PRO D 3 -20.49 -27.35 -19.08
N LYS D 4 -20.90 -26.65 -20.13
CA LYS D 4 -19.99 -26.17 -21.18
C LYS D 4 -19.26 -27.33 -21.85
N ALA D 5 -19.97 -28.44 -21.99
CA ALA D 5 -19.42 -29.58 -22.70
C ALA D 5 -19.83 -29.49 -24.16
N LEU D 6 -18.90 -29.88 -25.04
CA LEU D 6 -19.11 -29.89 -26.48
C LEU D 6 -17.85 -30.42 -27.17
N LYS D 7 -18.00 -31.40 -28.05
CA LYS D 7 -16.85 -32.09 -28.61
C LYS D 7 -16.98 -32.09 -30.13
N PRO D 8 -15.90 -31.78 -30.86
CA PRO D 8 -15.98 -31.58 -32.33
C PRO D 8 -15.82 -32.88 -33.11
N PHE D 9 -16.90 -33.28 -33.83
CA PHE D 9 -16.94 -34.56 -34.56
C PHE D 9 -17.43 -34.39 -36.00
N SER D 10 -16.54 -33.95 -36.89
CA SER D 10 -16.81 -33.94 -38.34
C SER D 10 -16.02 -35.04 -39.05
N THR D 11 -14.68 -35.00 -38.95
CA THR D 11 -13.80 -36.08 -39.38
C THR D 11 -13.48 -37.05 -38.24
N GLY D 12 -13.13 -36.53 -37.06
CA GLY D 12 -12.90 -37.33 -35.87
C GLY D 12 -11.45 -37.62 -35.49
N ASP D 13 -10.48 -37.06 -36.21
CA ASP D 13 -9.06 -37.29 -35.92
C ASP D 13 -8.24 -36.09 -36.36
N MET D 14 -7.37 -35.60 -35.47
CA MET D 14 -6.49 -34.48 -35.79
C MET D 14 -5.15 -34.66 -35.11
N ASN D 15 -4.12 -34.11 -35.74
CA ASN D 15 -2.75 -34.32 -35.27
C ASN D 15 -2.00 -33.02 -35.44
N ILE D 16 -1.45 -32.50 -34.34
CA ILE D 16 -0.77 -31.20 -34.31
C ILE D 16 0.68 -31.41 -33.91
N LEU D 17 1.58 -30.63 -34.52
CA LEU D 17 3.02 -30.80 -34.33
C LEU D 17 3.57 -29.50 -33.77
N LEU D 18 4.15 -29.57 -32.57
CA LEU D 18 4.65 -28.38 -31.90
C LEU D 18 6.17 -28.48 -31.86
N LEU D 19 6.85 -27.62 -32.63
CA LEU D 19 8.27 -27.75 -32.83
C LEU D 19 9.03 -26.58 -32.20
N GLU D 20 10.33 -26.51 -32.51
CA GLU D 20 11.28 -25.52 -31.97
C GLU D 20 11.20 -25.39 -30.45
N ASN D 21 10.97 -26.50 -29.76
CA ASN D 21 10.99 -26.56 -28.30
C ASN D 21 9.96 -25.59 -27.71
N VAL D 22 8.70 -25.97 -27.83
CA VAL D 22 7.66 -25.19 -27.18
C VAL D 22 7.58 -25.65 -25.74
N ASN D 23 7.25 -24.73 -24.84
CA ASN D 23 7.26 -25.07 -23.43
C ASN D 23 6.38 -26.29 -23.17
N ALA D 24 6.79 -27.06 -22.17
CA ALA D 24 6.11 -28.31 -21.83
C ALA D 24 4.66 -28.10 -21.44
N THR D 25 4.29 -26.91 -20.99
CA THR D 25 2.89 -26.65 -20.68
C THR D 25 2.01 -26.66 -21.94
N ALA D 26 2.57 -26.27 -23.08
CA ALA D 26 1.85 -26.40 -24.35
C ALA D 26 1.58 -27.86 -24.69
N ILE D 27 2.56 -28.74 -24.41
CA ILE D 27 2.38 -30.16 -24.65
C ILE D 27 1.30 -30.75 -23.74
N LYS D 28 1.27 -30.36 -22.47
CA LYS D 28 0.23 -30.85 -21.58
C LYS D 28 -1.16 -30.42 -22.04
N ILE D 29 -1.32 -29.16 -22.44
CA ILE D 29 -2.65 -28.68 -22.85
C ILE D 29 -3.15 -29.44 -24.08
N PHE D 30 -2.28 -29.67 -25.07
CA PHE D 30 -2.69 -30.37 -26.29
C PHE D 30 -3.01 -31.84 -25.99
N LYS D 31 -2.11 -32.52 -25.27
CA LYS D 31 -2.33 -33.93 -24.98
C LYS D 31 -3.57 -34.12 -24.10
N ASP D 32 -3.72 -33.29 -23.07
CA ASP D 32 -4.85 -33.46 -22.16
C ASP D 32 -6.20 -33.25 -22.85
N GLN D 33 -6.24 -32.44 -23.93
CA GLN D 33 -7.45 -32.38 -24.75
C GLN D 33 -7.55 -33.57 -25.68
N GLY D 34 -6.44 -34.27 -25.90
CA GLY D 34 -6.43 -35.49 -26.68
C GLY D 34 -6.05 -35.27 -28.12
N TYR D 35 -4.75 -35.08 -28.37
CA TYR D 35 -4.30 -34.94 -29.74
C TYR D 35 -3.03 -35.75 -29.93
N GLN D 36 -2.71 -35.97 -31.20
CA GLN D 36 -1.40 -36.51 -31.57
C GLN D 36 -0.44 -35.36 -31.76
N VAL D 37 0.67 -35.37 -31.02
CA VAL D 37 1.64 -34.27 -31.02
C VAL D 37 3.04 -34.77 -31.39
N GLU D 38 3.54 -34.28 -32.54
CA GLU D 38 4.89 -34.59 -33.02
C GLU D 38 5.81 -33.46 -32.58
N PHE D 39 6.68 -33.75 -31.61
CA PHE D 39 7.52 -32.74 -31.00
C PHE D 39 8.90 -32.70 -31.64
N HIS D 40 9.42 -31.49 -31.82
CA HIS D 40 10.75 -31.29 -32.37
C HIS D 40 11.47 -30.22 -31.57
N LYS D 41 12.77 -30.41 -31.38
CA LYS D 41 13.54 -29.46 -30.62
C LYS D 41 14.13 -28.35 -31.50
N SER D 42 14.18 -28.52 -32.82
CA SER D 42 14.85 -27.55 -33.69
C SER D 42 13.94 -27.11 -34.82
N SER D 43 14.47 -26.19 -35.64
CA SER D 43 13.81 -25.72 -36.86
C SER D 43 14.24 -26.61 -38.01
N LEU D 44 13.27 -27.04 -38.84
CA LEU D 44 13.47 -28.04 -39.87
C LEU D 44 13.86 -27.43 -41.22
N PRO D 45 14.40 -28.25 -42.12
CA PRO D 45 14.71 -27.78 -43.49
C PRO D 45 13.50 -27.89 -44.41
N GLU D 46 13.60 -27.20 -45.56
CA GLU D 46 12.46 -27.09 -46.47
C GLU D 46 11.91 -28.45 -46.88
N ASP D 47 12.81 -29.39 -47.18
CA ASP D 47 12.39 -30.70 -47.67
C ASP D 47 11.64 -31.48 -46.59
N GLU D 48 12.28 -31.68 -45.44
CA GLU D 48 11.62 -32.42 -44.35
C GLU D 48 10.37 -31.68 -43.89
N LEU D 49 10.37 -30.35 -44.03
CA LEU D 49 9.21 -29.58 -43.61
C LEU D 49 7.97 -29.93 -44.44
N ILE D 50 8.09 -29.86 -45.77
CA ILE D 50 6.92 -30.05 -46.64
C ILE D 50 6.29 -31.40 -46.39
N GLU D 51 7.12 -32.44 -46.27
CA GLU D 51 6.62 -33.74 -45.86
C GLU D 51 6.17 -33.68 -44.38
N LYS D 52 5.34 -34.64 -44.02
CA LYS D 52 4.69 -34.85 -42.73
C LYS D 52 3.56 -33.82 -42.45
N ILE D 53 3.40 -32.77 -43.25
CA ILE D 53 2.46 -31.70 -42.88
C ILE D 53 1.04 -31.97 -43.34
N LYS D 54 0.85 -32.85 -44.33
CA LYS D 54 -0.48 -33.13 -44.85
C LYS D 54 -1.43 -33.59 -43.74
N ASP D 55 -1.00 -34.57 -42.96
CA ASP D 55 -1.80 -35.12 -41.87
C ASP D 55 -1.31 -34.60 -40.51
N ALA D 58 -2.41 -28.63 -37.39
CA ALA D 58 -1.98 -27.45 -36.62
C ALA D 58 -0.46 -27.39 -36.49
N ILE D 59 0.15 -26.26 -36.86
CA ILE D 59 1.60 -26.09 -36.80
C ILE D 59 1.95 -25.02 -35.76
N GLY D 60 2.95 -25.33 -34.91
CA GLY D 60 3.48 -24.36 -33.98
C GLY D 60 4.93 -23.99 -34.26
N ILE D 61 5.20 -22.74 -34.64
CA ILE D 61 6.53 -22.31 -35.02
C ILE D 61 7.09 -21.40 -33.93
N ARG D 62 8.35 -21.01 -34.07
CA ARG D 62 8.98 -20.05 -33.17
C ARG D 62 9.83 -19.03 -33.92
N SER D 63 9.19 -18.26 -34.81
CA SER D 63 9.84 -17.20 -35.59
C SER D 63 11.06 -17.68 -36.37
N LYS D 64 11.65 -18.79 -35.95
CA LYS D 64 12.81 -19.34 -36.65
C LYS D 64 12.34 -20.09 -37.87
N THR D 65 11.30 -20.90 -37.70
CA THR D 65 10.74 -21.66 -38.81
C THR D 65 10.24 -20.72 -39.89
N ARG D 66 10.59 -20.99 -41.14
CA ARG D 66 10.24 -20.12 -42.26
C ARG D 66 9.05 -20.71 -42.99
N LEU D 67 7.94 -19.99 -42.95
CA LEU D 67 6.72 -20.40 -43.63
C LEU D 67 6.38 -19.37 -44.68
N THR D 68 6.28 -19.81 -45.93
CA THR D 68 5.88 -18.96 -47.04
C THR D 68 4.74 -19.68 -47.75
N GLU D 69 4.16 -19.02 -48.77
CA GLU D 69 3.05 -19.64 -49.49
C GLU D 69 3.44 -20.99 -50.06
N LYS D 70 4.71 -21.15 -50.44
CA LYS D 70 5.17 -22.39 -51.07
C LYS D 70 5.01 -23.60 -50.16
N ILE D 71 5.45 -23.49 -48.90
CA ILE D 71 5.41 -24.64 -48.01
C ILE D 71 4.00 -24.86 -47.46
N LEU D 72 3.11 -23.87 -47.58
CA LEU D 72 1.75 -24.04 -47.10
C LEU D 72 0.78 -24.51 -48.17
N GLN D 73 1.07 -24.24 -49.46
CA GLN D 73 0.24 -24.75 -50.54
C GLN D 73 0.08 -26.26 -50.41
N HIS D 74 1.20 -26.95 -50.21
CA HIS D 74 1.14 -28.40 -50.13
C HIS D 74 0.44 -28.84 -48.84
N ALA D 75 0.49 -28.01 -47.80
CA ALA D 75 -0.07 -28.41 -46.51
C ALA D 75 -1.59 -28.36 -46.58
N ARG D 76 -2.21 -29.53 -46.60
CA ARG D 76 -3.65 -29.68 -46.62
C ARG D 76 -4.11 -30.12 -45.24
N ASN D 77 -5.41 -29.99 -45.00
CA ASN D 77 -5.98 -30.39 -43.72
C ASN D 77 -5.40 -29.56 -42.59
N LEU D 78 -4.98 -28.35 -42.90
CA LEU D 78 -4.45 -27.43 -41.90
C LEU D 78 -5.56 -26.56 -41.33
N VAL D 79 -5.47 -26.24 -40.04
CA VAL D 79 -6.52 -25.50 -39.34
C VAL D 79 -6.02 -24.17 -38.80
N CYS D 80 -4.89 -24.19 -38.09
CA CYS D 80 -4.40 -22.99 -37.42
C CYS D 80 -2.90 -23.10 -37.18
N ILE D 81 -2.24 -21.96 -37.16
CA ILE D 81 -0.80 -21.85 -36.95
C ILE D 81 -0.57 -21.08 -35.65
N GLY D 82 0.15 -21.70 -34.71
CA GLY D 82 0.43 -21.02 -33.45
C GLY D 82 1.86 -20.54 -33.31
N CYS D 83 2.07 -19.23 -33.47
CA CYS D 83 3.38 -18.64 -33.32
C CYS D 83 3.59 -18.45 -31.83
N PHE D 84 4.40 -19.33 -31.23
CA PHE D 84 4.75 -19.19 -29.82
C PHE D 84 5.84 -18.10 -29.71
N CYS D 85 5.48 -16.95 -30.28
CA CYS D 85 6.37 -15.81 -30.52
C CYS D 85 5.69 -14.56 -29.99
N ILE D 86 6.36 -13.42 -30.13
CA ILE D 86 5.63 -12.16 -30.03
C ILE D 86 5.21 -11.76 -31.43
N GLY D 87 6.19 -11.60 -32.32
CA GLY D 87 5.90 -11.19 -33.68
C GLY D 87 5.67 -12.37 -34.59
N THR D 88 4.76 -12.19 -35.53
CA THR D 88 4.48 -13.18 -36.56
C THR D 88 5.09 -12.73 -37.89
N ASN D 89 6.41 -12.80 -37.93
CA ASN D 89 7.14 -12.23 -39.05
C ASN D 89 7.96 -13.32 -39.74
N GLN D 90 8.14 -13.11 -41.05
CA GLN D 90 8.70 -14.07 -41.99
C GLN D 90 7.80 -15.32 -42.03
N VAL D 91 6.53 -15.10 -41.71
CA VAL D 91 5.44 -16.05 -41.93
C VAL D 91 4.39 -15.30 -42.75
N ASP D 92 3.92 -15.93 -43.83
CA ASP D 92 3.16 -15.24 -44.87
C ASP D 92 1.71 -15.14 -44.43
N LEU D 93 1.43 -14.14 -43.59
CA LEU D 93 0.09 -13.98 -43.01
C LEU D 93 -0.99 -13.87 -44.10
N LYS D 94 -0.76 -13.05 -45.13
CA LYS D 94 -1.78 -12.79 -46.17
C LYS D 94 -2.19 -14.06 -46.93
N TYR D 95 -1.22 -14.91 -47.30
CA TYR D 95 -1.55 -16.15 -47.99
C TYR D 95 -2.33 -17.10 -47.08
N ALA D 96 -1.88 -17.26 -45.83
CA ALA D 96 -2.56 -18.15 -44.90
C ALA D 96 -4.01 -17.73 -44.74
N ALA D 97 -4.24 -16.43 -44.66
CA ALA D 97 -5.61 -15.94 -44.69
C ALA D 97 -6.29 -16.37 -45.98
N SER D 98 -5.61 -16.16 -47.13
CA SER D 98 -6.20 -16.49 -48.42
C SER D 98 -6.63 -17.95 -48.47
N LYS D 99 -5.85 -18.83 -47.85
CA LYS D 99 -6.22 -20.23 -47.73
C LYS D 99 -6.99 -20.53 -46.44
N GLY D 100 -7.44 -19.51 -45.71
CA GLY D 100 -8.24 -19.74 -44.52
C GLY D 100 -7.52 -20.39 -43.37
N ILE D 101 -6.29 -20.01 -43.11
CA ILE D 101 -5.49 -20.55 -42.01
C ILE D 101 -5.35 -19.44 -40.96
N ALA D 102 -5.78 -19.71 -39.74
CA ALA D 102 -5.75 -18.72 -38.67
C ALA D 102 -4.42 -18.79 -37.94
N VAL D 103 -3.87 -17.62 -37.63
CA VAL D 103 -2.56 -17.53 -36.98
C VAL D 103 -2.73 -16.92 -35.59
N PHE D 104 -2.09 -17.53 -34.59
CA PHE D 104 -2.22 -17.01 -33.23
C PHE D 104 -0.84 -16.73 -32.64
N ASN D 105 -0.81 -15.90 -31.59
CA ASN D 105 0.45 -15.56 -30.95
C ASN D 105 0.19 -15.12 -29.53
N SER D 106 1.25 -14.70 -28.86
CA SER D 106 1.16 -14.22 -27.49
C SER D 106 2.11 -13.05 -27.33
N PRO D 107 1.63 -11.86 -27.54
CA PRO D 107 2.50 -10.68 -27.53
C PRO D 107 2.75 -10.02 -26.18
N PHE D 108 1.94 -10.27 -25.16
CA PHE D 108 2.11 -9.52 -23.94
C PHE D 108 2.58 -10.38 -22.77
N SER D 109 3.06 -11.57 -23.08
CA SER D 109 3.49 -12.48 -22.04
C SER D 109 4.88 -12.15 -21.54
N ASN D 110 5.63 -11.33 -22.28
CA ASN D 110 6.96 -10.96 -21.83
C ASN D 110 6.93 -9.61 -21.09
N SER D 111 5.77 -9.18 -20.66
CA SER D 111 5.63 -7.84 -20.11
C SER D 111 6.40 -7.73 -18.81
N ARG D 112 6.20 -8.69 -17.90
CA ARG D 112 6.91 -8.66 -16.64
C ARG D 112 8.40 -8.93 -16.81
N SER D 113 8.80 -9.78 -17.75
CA SER D 113 10.23 -10.06 -17.89
C SER D 113 11.00 -8.85 -18.39
N VAL D 114 10.42 -8.07 -19.30
CA VAL D 114 11.18 -6.93 -19.80
C VAL D 114 11.26 -5.83 -18.74
N ALA D 115 10.17 -5.63 -17.99
CA ALA D 115 10.20 -4.60 -16.97
C ALA D 115 11.23 -4.93 -15.90
N GLU D 116 11.23 -6.16 -15.41
CA GLU D 116 12.19 -6.51 -14.38
C GLU D 116 13.61 -6.28 -14.88
N LEU D 117 13.86 -6.63 -16.15
CA LEU D 117 15.17 -6.38 -16.73
C LEU D 117 15.57 -4.91 -16.58
N VAL D 118 14.71 -4.02 -17.10
CA VAL D 118 15.03 -2.59 -17.07
C VAL D 118 15.30 -2.14 -15.63
N ILE D 119 14.45 -2.58 -14.71
CA ILE D 119 14.70 -2.27 -13.31
C ILE D 119 16.10 -2.77 -12.93
N GLY D 120 16.43 -3.99 -13.35
CA GLY D 120 17.76 -4.49 -13.07
C GLY D 120 18.84 -3.64 -13.72
N GLU D 121 18.62 -3.24 -14.99
CA GLU D 121 19.58 -2.45 -15.77
C GLU D 121 19.68 -1.01 -15.25
N ILE D 122 18.60 -0.47 -14.68
CA ILE D 122 18.71 0.85 -14.04
C ILE D 122 19.68 0.81 -12.86
N ILE D 123 19.52 -0.16 -11.97
CA ILE D 123 20.36 -0.16 -10.78
C ILE D 123 21.82 -0.35 -11.15
N SER D 124 22.10 -1.27 -12.06
CA SER D 124 23.49 -1.57 -12.38
C SER D 124 24.17 -0.43 -13.11
N LEU D 125 23.48 0.26 -14.02
CA LEU D 125 24.10 1.41 -14.67
C LEU D 125 24.43 2.48 -13.65
N ALA D 126 23.49 2.75 -12.73
CA ALA D 126 23.73 3.75 -11.70
C ALA D 126 24.93 3.41 -10.83
N ARG D 127 25.03 2.16 -10.41
CA ARG D 127 26.12 1.76 -9.51
C ARG D 127 27.28 1.13 -10.27
N GLN D 128 27.21 1.14 -11.60
CA GLN D 128 28.28 0.66 -12.48
C GLN D 128 28.71 -0.74 -12.08
N LEU D 129 27.73 -1.57 -11.72
CA LEU D 129 28.04 -2.91 -11.26
C LEU D 129 28.73 -3.70 -12.35
N GLY D 130 28.35 -3.48 -13.60
CA GLY D 130 28.90 -4.28 -14.67
C GLY D 130 30.40 -4.09 -14.88
N ASP D 131 30.80 -2.83 -15.11
CA ASP D 131 32.22 -2.54 -15.31
C ASP D 131 33.03 -2.94 -14.09
N ARG D 132 32.51 -2.68 -12.89
CA ARG D 132 33.28 -3.06 -11.71
C ARG D 132 33.53 -4.55 -11.67
N SER D 133 32.56 -5.37 -12.12
CA SER D 133 32.74 -6.83 -12.10
C SER D 133 33.73 -7.31 -13.16
N ILE D 134 33.77 -6.67 -14.34
CA ILE D 134 34.78 -7.00 -15.33
C ILE D 134 36.16 -6.75 -14.75
N GLU D 135 36.32 -5.61 -14.06
CA GLU D 135 37.60 -5.19 -13.51
C GLU D 135 38.13 -6.21 -12.51
N LEU D 136 37.29 -6.62 -11.56
CA LEU D 136 37.73 -7.60 -10.58
C LEU D 136 38.02 -8.95 -11.23
N HIS D 137 37.30 -9.32 -12.30
CA HIS D 137 37.59 -10.58 -12.97
C HIS D 137 39.01 -10.63 -13.52
N THR D 138 39.56 -9.50 -13.94
CA THR D 138 40.93 -9.49 -14.45
C THR D 138 41.95 -9.04 -13.41
N GLY D 139 41.58 -8.95 -12.13
CA GLY D 139 42.53 -8.65 -11.06
C GLY D 139 42.70 -7.19 -10.66
N THR D 140 42.05 -6.25 -11.36
CA THR D 140 42.13 -4.83 -11.02
C THR D 140 41.08 -4.48 -9.99
N TRP D 141 41.45 -3.60 -9.04
CA TRP D 141 40.59 -3.21 -7.92
C TRP D 141 40.51 -1.69 -7.87
N ASN D 142 39.42 -1.11 -8.38
CA ASN D 142 39.25 0.35 -8.42
C ASN D 142 37.95 0.72 -7.75
N LYS D 143 37.99 0.95 -6.44
CA LYS D 143 36.79 1.27 -5.66
C LYS D 143 36.57 2.78 -5.76
N VAL D 144 35.67 3.19 -6.65
CA VAL D 144 35.33 4.59 -6.90
C VAL D 144 33.85 4.79 -6.55
N ALA D 145 33.52 5.95 -6.01
CA ALA D 145 32.12 6.26 -5.73
C ALA D 145 31.59 7.39 -6.62
N ALA D 146 32.44 7.97 -7.47
CA ALA D 146 32.04 9.10 -8.31
C ALA D 146 31.12 8.70 -9.46
N ARG D 147 29.97 9.38 -9.55
CA ARG D 147 28.92 9.14 -10.55
C ARG D 147 28.25 7.78 -10.38
N CYS D 148 28.25 7.23 -9.18
CA CYS D 148 27.45 6.07 -8.84
C CYS D 148 26.36 6.53 -7.87
N TRP D 149 25.11 6.27 -8.23
CA TRP D 149 23.97 6.88 -7.56
C TRP D 149 23.04 5.85 -6.93
N GLU D 150 22.28 6.31 -5.95
CA GLU D 150 21.12 5.55 -5.50
C GLU D 150 19.94 5.76 -6.45
N VAL D 151 19.20 4.68 -6.68
CA VAL D 151 18.07 4.77 -7.59
C VAL D 151 16.98 5.65 -7.00
N ARG D 152 16.74 5.54 -5.68
CA ARG D 152 15.68 6.31 -5.04
C ARG D 152 15.88 7.82 -5.17
N GLY D 153 14.83 8.52 -5.61
CA GLY D 153 14.84 9.96 -5.80
C GLY D 153 15.10 10.41 -7.22
N LYS D 154 15.58 9.53 -8.08
CA LYS D 154 15.76 9.90 -9.46
C LYS D 154 14.44 9.81 -10.22
N THR D 155 14.47 10.30 -11.45
CA THR D 155 13.28 10.29 -12.30
C THR D 155 13.51 9.43 -13.52
N LEU D 156 12.56 8.55 -13.80
CA LEU D 156 12.63 7.57 -14.89
C LEU D 156 11.73 8.01 -16.01
N GLY D 157 12.30 8.23 -17.18
CA GLY D 157 11.52 8.55 -18.34
C GLY D 157 11.17 7.32 -19.15
N ILE D 158 9.89 6.97 -19.09
CA ILE D 158 9.32 5.85 -19.81
C ILE D 158 8.76 6.42 -21.10
N ILE D 159 9.26 5.95 -22.24
CA ILE D 159 8.70 6.31 -23.55
C ILE D 159 7.80 5.17 -24.01
N GLY D 160 6.53 5.46 -24.18
CA GLY D 160 5.56 4.41 -24.49
C GLY D 160 4.98 3.83 -23.22
N TYR D 161 3.69 4.06 -22.94
CA TYR D 161 3.12 3.64 -21.66
C TYR D 161 2.22 2.41 -21.84
N GLY D 162 2.68 1.41 -22.60
CA GLY D 162 1.85 0.25 -22.93
C GLY D 162 1.89 -0.85 -21.87
N HIS D 163 2.06 -2.12 -22.28
CA HIS D 163 2.19 -3.18 -21.29
C HIS D 163 3.48 -3.08 -20.50
N ILE D 164 4.61 -3.02 -21.18
CA ILE D 164 5.84 -2.90 -20.42
C ILE D 164 5.89 -1.55 -19.73
N GLY D 165 5.45 -0.49 -20.42
CA GLY D 165 5.57 0.84 -19.85
C GLY D 165 4.82 0.96 -18.55
N SER D 166 3.61 0.40 -18.52
CA SER D 166 2.80 0.38 -17.31
C SER D 166 3.47 -0.39 -16.18
N GLN D 167 3.72 -1.66 -16.40
CA GLN D 167 4.31 -2.50 -15.37
C GLN D 167 5.62 -1.93 -14.89
N LEU D 168 6.42 -1.40 -15.84
CA LEU D 168 7.68 -0.81 -15.45
C LEU D 168 7.44 0.36 -14.50
N SER D 169 6.36 1.11 -14.70
CA SER D 169 6.15 2.33 -13.93
C SER D 169 5.96 2.05 -12.44
N VAL D 170 5.12 1.04 -12.08
CA VAL D 170 4.87 0.75 -10.66
C VAL D 170 6.14 0.25 -10.00
N LEU D 171 6.89 -0.60 -10.71
CA LEU D 171 8.18 -1.06 -10.22
C LEU D 171 9.12 0.10 -10.02
N ALA D 172 9.16 1.02 -10.97
CA ALA D 172 10.10 2.13 -10.81
C ALA D 172 9.75 2.94 -9.57
N GLU D 173 8.46 3.18 -9.33
CA GLU D 173 8.09 3.90 -8.13
C GLU D 173 8.39 3.09 -6.88
N ALA D 174 7.99 1.82 -6.85
CA ALA D 174 8.23 1.01 -5.67
C ALA D 174 9.68 1.06 -5.29
N MET D 175 10.55 1.23 -6.27
CA MET D 175 11.97 1.38 -5.98
C MET D 175 12.29 2.80 -5.52
N GLY D 176 11.32 3.71 -5.56
CA GLY D 176 11.62 5.05 -5.11
C GLY D 176 12.04 5.97 -6.22
N LEU D 177 11.60 5.71 -7.42
CA LEU D 177 11.88 6.56 -8.56
C LEU D 177 10.67 7.41 -8.85
N HIS D 178 10.91 8.61 -9.35
CA HIS D 178 9.83 9.42 -9.88
C HIS D 178 9.63 9.02 -11.32
N VAL D 179 8.39 8.78 -11.72
CA VAL D 179 8.11 8.31 -13.08
C VAL D 179 7.52 9.44 -13.91
N LEU D 180 8.13 9.68 -15.07
CA LEU D 180 7.63 10.56 -16.12
C LEU D 180 7.51 9.77 -17.42
N TYR D 181 6.42 9.94 -18.13
CA TYR D 181 6.29 9.14 -19.33
C TYR D 181 5.70 9.95 -20.47
N TYR D 182 6.25 9.76 -21.66
CA TYR D 182 5.73 10.37 -22.87
C TYR D 182 5.06 9.33 -23.76
N ASP D 183 3.84 9.60 -24.20
CA ASP D 183 3.17 8.68 -25.11
C ASP D 183 2.27 9.49 -26.06
N ILE D 184 2.23 9.04 -27.32
CA ILE D 184 1.44 9.70 -28.37
C ILE D 184 -0.03 9.73 -28.03
N VAL D 185 -0.50 8.77 -27.24
CA VAL D 185 -1.88 8.74 -26.75
C VAL D 185 -1.90 9.13 -25.28
N THR D 186 -2.90 9.90 -24.88
CA THR D 186 -3.06 10.16 -23.45
C THR D 186 -3.53 8.89 -22.74
N ILE D 187 -2.69 8.38 -21.83
CA ILE D 187 -3.00 7.14 -21.13
C ILE D 187 -3.03 7.44 -19.63
N MET D 188 -4.13 7.03 -18.98
CA MET D 188 -4.36 7.31 -17.56
C MET D 188 -3.22 6.76 -16.72
N ALA D 189 -2.46 7.65 -16.12
CA ALA D 189 -1.28 7.23 -15.39
C ALA D 189 -1.64 6.24 -14.29
N LEU D 190 -0.74 5.28 -14.07
CA LEU D 190 -0.85 4.32 -12.98
C LEU D 190 0.04 4.82 -11.85
N GLY D 191 -0.47 4.76 -10.63
CA GLY D 191 0.27 5.27 -9.47
C GLY D 191 0.47 6.77 -9.55
N THR D 192 1.69 7.23 -9.26
CA THR D 192 2.00 8.65 -9.11
C THR D 192 2.66 9.20 -10.37
N ALA D 193 2.55 8.47 -11.47
CA ALA D 193 3.28 8.86 -12.66
C ALA D 193 2.63 10.06 -13.31
N ARG D 194 3.42 10.77 -14.12
CA ARG D 194 2.92 11.94 -14.81
C ARG D 194 3.22 11.80 -16.30
N GLN D 195 2.17 11.96 -17.11
CA GLN D 195 2.32 12.00 -18.55
C GLN D 195 2.84 13.36 -18.97
N VAL D 196 3.87 13.40 -19.80
CA VAL D 196 4.46 14.65 -20.23
C VAL D 196 3.88 15.06 -21.59
N SER D 197 3.96 16.36 -21.86
CA SER D 197 3.41 17.00 -23.06
C SER D 197 4.25 16.73 -24.30
N THR D 198 5.52 17.14 -24.26
CA THR D 198 6.47 16.96 -25.34
C THR D 198 7.53 15.95 -24.93
N LEU D 199 8.00 15.17 -25.91
CA LEU D 199 9.11 14.29 -25.63
C LEU D 199 10.28 15.09 -25.09
N ASP D 200 10.51 16.28 -25.64
CA ASP D 200 11.65 17.07 -25.19
C ASP D 200 11.53 17.38 -23.70
N GLU D 201 10.30 17.54 -23.19
CA GLU D 201 10.15 17.73 -21.75
C GLU D 201 10.66 16.50 -21.00
N LEU D 202 10.24 15.31 -21.44
CA LEU D 202 10.63 14.08 -20.75
C LEU D 202 12.14 13.95 -20.70
N LEU D 203 12.79 14.18 -21.84
CA LEU D 203 14.22 14.01 -21.86
C LEU D 203 14.89 15.00 -20.92
N ASN D 204 14.34 16.21 -20.85
CA ASN D 204 15.00 17.29 -20.13
C ASN D 204 15.08 17.02 -18.64
N LYS D 205 14.04 16.46 -18.07
CA LYS D 205 14.00 16.29 -16.62
C LYS D 205 14.40 14.90 -16.14
N SER D 206 14.72 13.94 -17.04
CA SER D 206 14.87 12.51 -16.70
C SER D 206 16.31 12.15 -16.50
N ASP D 207 16.56 11.25 -15.55
CA ASP D 207 17.87 10.65 -15.33
C ASP D 207 18.05 9.32 -16.05
N PHE D 208 16.98 8.55 -16.18
CA PHE D 208 16.98 7.31 -16.93
C PHE D 208 15.94 7.42 -18.00
N VAL D 209 16.28 7.06 -19.22
CA VAL D 209 15.27 7.04 -20.23
C VAL D 209 15.26 5.65 -20.79
N THR D 210 14.09 5.06 -20.83
CA THR D 210 13.91 3.76 -21.44
C THR D 210 12.92 3.92 -22.57
N LEU D 211 13.05 3.09 -23.57
CA LEU D 211 12.16 3.08 -24.71
C LEU D 211 11.32 1.82 -24.65
N HIS D 212 10.00 1.96 -24.77
CA HIS D 212 9.11 0.82 -24.78
C HIS D 212 7.99 1.04 -25.78
N VAL D 213 8.36 1.49 -26.97
CA VAL D 213 7.42 1.84 -28.05
C VAL D 213 7.51 0.77 -29.11
N PRO D 214 6.55 0.64 -30.03
CA PRO D 214 6.71 -0.32 -31.13
C PRO D 214 7.54 0.29 -32.26
N ALA D 215 7.84 -0.57 -33.24
CA ALA D 215 8.61 -0.19 -34.42
C ALA D 215 7.66 0.40 -35.45
N THR D 216 7.79 1.69 -35.67
CA THR D 216 7.04 2.47 -36.63
C THR D 216 8.02 3.43 -37.27
N PRO D 217 7.69 3.94 -38.48
CA PRO D 217 8.53 4.99 -39.05
C PRO D 217 8.67 6.17 -38.13
N GLU D 218 7.65 6.43 -37.32
CA GLU D 218 7.76 7.52 -36.37
C GLU D 218 8.76 7.24 -35.25
N THR D 219 8.96 5.97 -34.90
CA THR D 219 9.89 5.65 -33.82
C THR D 219 11.30 5.30 -34.30
N GLU D 220 11.48 5.02 -35.60
CA GLU D 220 12.80 4.63 -36.08
C GLU D 220 13.83 5.75 -35.89
N LYS D 221 14.93 5.42 -35.25
CA LYS D 221 15.98 6.35 -34.85
C LYS D 221 15.40 7.57 -34.12
N MET D 222 14.26 7.35 -33.41
CA MET D 222 13.60 8.43 -32.69
C MET D 222 14.48 9.06 -31.63
N LEU D 223 15.42 8.32 -31.04
CA LEU D 223 16.41 8.94 -30.15
C LEU D 223 17.70 9.12 -30.94
N SER D 224 17.90 10.30 -31.53
CA SER D 224 19.13 10.58 -32.30
C SER D 224 19.93 11.66 -31.58
N ALA D 225 21.00 12.11 -32.22
CA ALA D 225 21.92 13.09 -31.61
C ALA D 225 21.25 14.32 -31.01
N PRO D 226 20.23 14.94 -31.62
CA PRO D 226 19.54 16.04 -30.92
C PRO D 226 18.93 15.61 -29.61
N GLN D 227 18.24 14.46 -29.60
CA GLN D 227 17.54 14.02 -28.41
C GLN D 227 18.52 13.72 -27.28
N PHE D 228 19.64 13.09 -27.60
CA PHE D 228 20.62 12.83 -26.56
C PHE D 228 21.15 14.13 -26.00
N ALA D 229 21.41 15.11 -26.89
CA ALA D 229 21.83 16.44 -26.46
C ALA D 229 20.78 17.13 -25.58
N ALA D 230 19.52 16.71 -25.70
CA ALA D 230 18.43 17.27 -24.90
C ALA D 230 18.40 16.74 -23.48
N MET D 231 18.78 15.48 -23.24
CA MET D 231 18.64 14.98 -21.87
C MET D 231 19.80 15.46 -21.01
N LYS D 232 19.60 15.32 -19.70
CA LYS D 232 20.49 15.94 -18.72
C LYS D 232 21.91 15.38 -18.81
N ASP D 233 22.88 16.23 -18.51
CA ASP D 233 24.27 15.79 -18.56
C ASP D 233 24.50 14.64 -17.57
N GLY D 234 25.00 13.52 -18.10
CA GLY D 234 25.28 12.37 -17.26
C GLY D 234 24.14 11.38 -17.13
N ALA D 235 23.02 11.58 -17.85
CA ALA D 235 21.88 10.69 -17.75
C ALA D 235 22.17 9.35 -18.45
N TYR D 236 21.18 8.45 -18.43
CA TYR D 236 21.38 7.10 -18.92
C TYR D 236 20.30 6.75 -19.93
N VAL D 237 20.64 5.87 -20.88
CA VAL D 237 19.76 5.52 -21.99
C VAL D 237 19.61 4.01 -22.01
N ILE D 238 18.38 3.56 -22.07
CA ILE D 238 18.07 2.16 -22.10
C ILE D 238 17.11 1.89 -23.24
N ASN D 239 17.44 0.91 -24.09
CA ASN D 239 16.55 0.56 -25.18
C ASN D 239 16.36 -0.94 -25.16
N ALA D 240 15.17 -1.37 -24.82
CA ALA D 240 14.88 -2.78 -24.92
C ALA D 240 13.55 -2.93 -25.64
N SER D 241 13.29 -2.06 -26.59
CA SER D 241 12.03 -2.22 -27.31
C SER D 241 12.27 -2.88 -28.65
N ARG D 242 12.81 -2.14 -29.62
CA ARG D 242 13.01 -2.58 -30.98
C ARG D 242 14.32 -2.01 -31.48
N GLY D 243 15.06 -2.79 -32.29
CA GLY D 243 16.44 -2.48 -32.63
C GLY D 243 16.67 -1.31 -33.55
N THR D 244 15.63 -0.56 -33.91
CA THR D 244 15.71 0.57 -34.82
C THR D 244 15.42 1.90 -34.15
N VAL D 245 15.06 1.88 -32.86
CA VAL D 245 14.53 3.07 -32.20
C VAL D 245 15.63 4.02 -31.75
N VAL D 246 16.85 3.55 -31.62
CA VAL D 246 17.95 4.39 -31.14
C VAL D 246 18.95 4.50 -32.27
N ASP D 247 19.43 5.70 -32.52
CA ASP D 247 20.51 5.90 -33.48
C ASP D 247 21.80 5.61 -32.73
N ILE D 248 22.26 4.37 -32.83
CA ILE D 248 23.45 3.91 -32.11
C ILE D 248 24.65 4.82 -32.42
N PRO D 249 24.84 5.28 -33.66
CA PRO D 249 25.90 6.25 -33.89
C PRO D 249 25.75 7.48 -33.03
N SER D 250 24.53 8.00 -32.90
CA SER D 250 24.34 9.18 -32.04
C SER D 250 24.65 8.86 -30.58
N LEU D 251 24.19 7.71 -30.09
CA LEU D 251 24.39 7.37 -28.70
C LEU D 251 25.87 7.17 -28.40
N ILE D 252 26.55 6.45 -29.28
CA ILE D 252 27.96 6.15 -29.07
C ILE D 252 28.79 7.45 -29.10
N GLN D 253 28.39 8.40 -29.96
CA GLN D 253 29.04 9.71 -29.94
C GLN D 253 28.89 10.36 -28.58
N ALA D 254 27.68 10.33 -28.04
CA ALA D 254 27.41 10.97 -26.76
C ALA D 254 28.16 10.30 -25.63
N VAL D 255 28.19 8.96 -25.63
CA VAL D 255 28.85 8.28 -24.51
C VAL D 255 30.35 8.55 -24.52
N LYS D 256 30.98 8.59 -25.71
CA LYS D 256 32.41 8.93 -25.76
C LYS D 256 32.66 10.36 -25.27
N ALA D 257 31.70 11.26 -25.53
CA ALA D 257 31.80 12.66 -25.12
C ALA D 257 31.45 12.87 -23.66
N ASN D 258 31.28 11.81 -22.89
CA ASN D 258 30.94 11.89 -21.47
C ASN D 258 29.68 12.72 -21.24
N LYS D 259 28.82 12.80 -22.26
CA LYS D 259 27.53 13.44 -22.08
C LYS D 259 26.52 12.50 -21.44
N ILE D 260 26.59 11.21 -21.80
CA ILE D 260 25.71 10.18 -21.27
C ILE D 260 26.55 9.20 -20.45
N ALA D 261 26.13 8.95 -19.20
CA ALA D 261 26.96 8.22 -18.25
C ALA D 261 27.05 6.74 -18.60
N GLY D 262 25.95 6.15 -19.06
CA GLY D 262 25.94 4.77 -19.45
C GLY D 262 24.73 4.50 -20.31
N ALA D 263 24.63 3.25 -20.76
CA ALA D 263 23.49 2.82 -21.55
C ALA D 263 23.43 1.31 -21.47
N ALA D 264 22.23 0.79 -21.73
CA ALA D 264 21.99 -0.64 -21.77
C ALA D 264 21.14 -0.94 -23.00
N LEU D 265 21.62 -1.86 -23.83
CA LEU D 265 20.97 -2.13 -25.10
C LEU D 265 20.67 -3.63 -25.18
N ASP D 266 19.42 -3.98 -25.48
CA ASP D 266 18.99 -5.36 -25.62
C ASP D 266 18.62 -5.70 -27.06
N VAL D 267 18.46 -4.71 -27.91
CA VAL D 267 18.14 -4.93 -29.30
C VAL D 267 19.05 -4.04 -30.11
N TYR D 268 19.34 -4.46 -31.34
CA TYR D 268 20.26 -3.81 -32.25
C TYR D 268 19.65 -3.78 -33.65
N PRO D 269 20.15 -2.92 -34.54
CA PRO D 269 19.58 -2.89 -35.90
C PRO D 269 19.68 -4.21 -36.61
N HIS D 270 20.83 -4.88 -36.51
CA HIS D 270 21.18 -6.11 -37.22
C HIS D 270 21.61 -7.13 -36.18
N GLU D 271 20.76 -8.09 -35.87
CA GLU D 271 20.97 -9.20 -34.94
C GLU D 271 21.30 -10.52 -35.66
N PRO D 272 22.14 -11.39 -35.09
CA PRO D 272 22.37 -12.72 -35.69
C PRO D 272 21.12 -13.60 -35.67
N ALA D 273 21.04 -14.52 -36.65
CA ALA D 273 19.91 -15.44 -36.73
C ALA D 273 20.15 -16.73 -35.94
N LYS D 274 21.38 -16.98 -35.53
CA LYS D 274 21.75 -18.13 -34.71
C LYS D 274 22.75 -17.67 -33.65
N ASN D 275 22.79 -18.40 -32.52
CA ASN D 275 23.82 -18.16 -31.52
C ASN D 275 25.19 -18.50 -32.10
N GLY D 276 26.21 -17.68 -31.81
CA GLY D 276 27.55 -17.97 -32.32
C GLY D 276 28.67 -17.40 -31.47
N GLU D 277 29.87 -17.99 -31.62
CA GLU D 277 31.03 -17.49 -30.89
C GLU D 277 31.62 -16.21 -31.47
N GLY D 278 31.38 -15.89 -32.72
CA GLY D 278 31.93 -14.62 -33.11
C GLY D 278 30.94 -13.73 -33.82
N SER D 279 29.67 -13.99 -33.56
CA SER D 279 28.59 -13.37 -34.34
C SER D 279 28.61 -11.85 -34.23
N PHE D 280 28.79 -11.31 -33.02
CA PHE D 280 28.65 -9.87 -32.78
C PHE D 280 29.92 -9.15 -33.22
N ASN D 281 30.07 -8.98 -34.54
CA ASN D 281 31.26 -8.36 -35.13
C ASN D 281 30.87 -7.12 -35.93
N ASP D 282 31.88 -6.43 -36.47
CA ASP D 282 31.56 -5.28 -37.32
C ASP D 282 30.92 -5.73 -38.62
N GLU D 283 31.12 -6.99 -39.02
CA GLU D 283 30.47 -7.45 -40.24
C GLU D 283 28.96 -7.44 -40.08
N LEU D 284 28.48 -7.66 -38.84
CA LEU D 284 27.04 -7.57 -38.58
C LEU D 284 26.55 -6.13 -38.45
N ASN D 285 27.28 -5.29 -37.70
CA ASN D 285 26.95 -3.87 -37.46
C ASN D 285 28.21 -3.01 -37.45
N SER D 286 28.19 -1.99 -38.30
CA SER D 286 29.39 -1.23 -38.65
C SER D 286 30.06 -0.60 -37.43
N TRP D 287 29.29 -0.29 -36.39
CA TRP D 287 29.84 0.37 -35.22
C TRP D 287 30.28 -0.58 -34.13
N THR D 288 30.10 -1.90 -34.33
CA THR D 288 30.17 -2.82 -33.20
C THR D 288 31.47 -2.68 -32.43
N SER D 289 32.59 -2.56 -33.13
CA SER D 289 33.85 -2.39 -32.44
C SER D 289 33.89 -1.10 -31.60
N GLU D 290 33.43 0.03 -32.17
CA GLU D 290 33.43 1.27 -31.40
C GLU D 290 32.45 1.18 -30.24
N LEU D 291 31.32 0.48 -30.45
CA LEU D 291 30.32 0.34 -29.39
C LEU D 291 30.92 -0.32 -28.15
N VAL D 292 31.54 -1.49 -28.32
CA VAL D 292 32.08 -2.23 -27.18
C VAL D 292 33.16 -1.45 -26.42
N SER D 293 33.90 -0.59 -27.11
CA SER D 293 34.97 0.18 -26.46
C SER D 293 34.37 1.45 -25.85
N LEU D 294 33.66 1.27 -24.73
CA LEU D 294 32.97 2.38 -24.09
C LEU D 294 32.68 2.03 -22.64
N PRO D 295 32.69 3.00 -21.73
CA PRO D 295 32.48 2.66 -20.32
C PRO D 295 31.02 2.44 -20.06
N ASN D 296 30.74 1.58 -19.10
CA ASN D 296 29.41 1.41 -18.55
C ASN D 296 28.35 1.27 -19.65
N ILE D 297 28.52 0.25 -20.49
CA ILE D 297 27.54 -0.10 -21.52
C ILE D 297 27.15 -1.54 -21.26
N ILE D 298 25.86 -1.79 -21.13
CA ILE D 298 25.35 -3.12 -20.85
C ILE D 298 24.79 -3.63 -22.16
N LEU D 299 25.39 -4.69 -22.68
CA LEU D 299 24.98 -5.28 -23.94
C LEU D 299 24.34 -6.65 -23.69
N THR D 300 23.20 -6.92 -24.31
CA THR D 300 22.55 -8.21 -24.07
C THR D 300 21.93 -8.73 -25.37
N PRO D 301 21.89 -10.08 -25.57
CA PRO D 301 21.39 -10.63 -26.88
C PRO D 301 19.90 -10.92 -26.94
N HIS D 302 19.10 -9.85 -26.97
CA HIS D 302 17.65 -9.94 -27.09
C HIS D 302 17.06 -10.88 -26.07
N ILE D 303 17.48 -10.69 -24.82
CA ILE D 303 17.05 -11.53 -23.72
C ILE D 303 15.91 -10.90 -22.95
N GLY D 304 15.34 -9.78 -23.46
CA GLY D 304 14.27 -9.13 -22.74
C GLY D 304 13.15 -10.09 -22.41
N GLY D 305 12.80 -10.96 -23.34
CA GLY D 305 11.71 -11.86 -23.03
C GLY D 305 12.16 -13.26 -22.69
N SER D 306 13.44 -13.43 -22.37
CA SER D 306 13.98 -14.78 -22.22
C SER D 306 14.04 -15.20 -20.76
N THR D 307 12.87 -15.56 -20.22
CA THR D 307 12.77 -16.18 -18.90
C THR D 307 11.91 -17.44 -18.97
N GLU D 308 12.15 -18.35 -18.03
CA GLU D 308 11.35 -19.54 -17.92
C GLU D 308 9.86 -19.20 -17.72
N GLU D 309 9.57 -18.26 -16.83
CA GLU D 309 8.17 -17.87 -16.58
C GLU D 309 7.50 -17.34 -17.84
N ALA D 310 8.23 -16.59 -18.66
CA ALA D 310 7.66 -16.04 -19.88
C ALA D 310 7.30 -17.15 -20.84
N GLN D 311 8.21 -18.09 -21.00
CA GLN D 311 7.93 -19.19 -21.90
C GLN D 311 6.75 -20.03 -21.42
N SER D 312 6.67 -20.30 -20.11
CA SER D 312 5.52 -21.04 -19.61
C SER D 312 4.24 -20.27 -19.89
N SER D 313 4.24 -18.96 -19.63
CA SER D 313 3.08 -18.15 -19.93
C SER D 313 2.75 -18.17 -21.42
N ILE D 314 3.77 -18.14 -22.28
CA ILE D 314 3.54 -18.21 -23.72
C ILE D 314 2.89 -19.54 -24.09
N GLY D 315 3.33 -20.63 -23.45
CA GLY D 315 2.72 -21.91 -23.73
C GLY D 315 1.24 -21.94 -23.39
N ILE D 316 0.89 -21.58 -22.15
CA ILE D 316 -0.50 -21.62 -21.71
C ILE D 316 -1.38 -20.79 -22.63
N GLU D 317 -0.93 -19.57 -22.95
CA GLU D 317 -1.78 -18.67 -23.70
C GLU D 317 -2.09 -19.19 -25.10
N VAL D 318 -1.05 -19.54 -25.86
CA VAL D 318 -1.26 -19.92 -27.26
C VAL D 318 -1.89 -21.31 -27.36
N ALA D 319 -1.50 -22.24 -26.48
CA ALA D 319 -2.15 -23.54 -26.51
C ALA D 319 -3.63 -23.40 -26.21
N THR D 320 -3.97 -22.59 -25.19
CA THR D 320 -5.36 -22.37 -24.85
C THR D 320 -6.11 -21.78 -26.04
N ALA D 321 -5.48 -20.84 -26.74
CA ALA D 321 -6.11 -20.18 -27.89
C ALA D 321 -6.35 -21.15 -29.04
N LEU D 322 -5.37 -22.02 -29.33
CA LEU D 322 -5.56 -23.03 -30.38
C LEU D 322 -6.63 -24.04 -29.97
N SER D 323 -6.57 -24.51 -28.73
CA SER D 323 -7.61 -25.44 -28.27
C SER D 323 -8.99 -24.79 -28.37
N LYS D 324 -9.11 -23.53 -27.97
CA LYS D 324 -10.41 -22.84 -28.09
C LYS D 324 -10.83 -22.70 -29.54
N TYR D 325 -9.87 -22.43 -30.43
CA TYR D 325 -10.24 -22.32 -31.83
C TYR D 325 -10.63 -23.67 -32.40
N ILE D 326 -9.97 -24.72 -31.96
CA ILE D 326 -10.28 -26.06 -32.44
C ILE D 326 -11.61 -26.53 -31.89
N ASN D 327 -11.86 -26.30 -30.60
CA ASN D 327 -12.99 -26.97 -29.98
C ASN D 327 -14.27 -26.16 -30.05
N GLU D 328 -14.19 -24.86 -29.80
CA GLU D 328 -15.36 -24.00 -29.79
C GLU D 328 -15.33 -23.00 -30.91
N GLY D 329 -14.18 -22.82 -31.56
CA GLY D 329 -14.03 -21.89 -32.64
C GLY D 329 -13.68 -20.46 -32.26
N ASN D 330 -13.71 -20.11 -30.96
CA ASN D 330 -13.44 -18.74 -30.49
C ASN D 330 -12.10 -18.30 -31.05
N SER D 331 -12.11 -17.35 -31.97
CA SER D 331 -10.92 -16.98 -32.72
C SER D 331 -10.39 -15.63 -32.35
N VAL D 332 -10.91 -15.02 -31.29
CA VAL D 332 -10.51 -13.67 -30.93
C VAL D 332 -9.02 -13.67 -30.62
N GLY D 333 -8.31 -12.70 -31.18
CA GLY D 333 -6.87 -12.64 -30.98
C GLY D 333 -6.04 -13.18 -32.12
N SER D 334 -6.69 -13.66 -33.18
CA SER D 334 -6.01 -14.10 -34.39
C SER D 334 -5.47 -12.87 -35.13
N VAL D 335 -4.33 -13.05 -35.80
CA VAL D 335 -3.67 -11.90 -36.41
C VAL D 335 -4.26 -11.56 -37.77
N ASN D 336 -4.58 -12.56 -38.58
CA ASN D 336 -4.95 -12.35 -39.98
C ASN D 336 -6.38 -12.80 -40.27
N PHE D 337 -7.20 -12.90 -39.24
CA PHE D 337 -8.48 -13.59 -39.30
C PHE D 337 -9.55 -12.73 -38.63
N PRO D 338 -10.81 -12.89 -39.02
CA PRO D 338 -11.88 -12.24 -38.25
C PRO D 338 -12.02 -12.83 -36.87
N GLU D 339 -12.30 -11.94 -35.91
CA GLU D 339 -12.39 -12.29 -34.50
C GLU D 339 -13.85 -12.56 -34.18
N VAL D 340 -14.20 -13.84 -34.05
CA VAL D 340 -15.58 -14.30 -33.93
C VAL D 340 -15.63 -15.37 -32.87
N SER D 341 -16.66 -15.35 -32.04
CA SER D 341 -16.83 -16.35 -30.98
C SER D 341 -18.28 -16.36 -30.49
N LEU D 342 -18.75 -17.53 -30.03
CA LEU D 342 -20.09 -17.69 -29.49
C LEU D 342 -20.01 -18.42 -28.16
N LYS D 343 -21.11 -18.37 -27.40
CA LYS D 343 -21.13 -19.02 -26.09
C LYS D 343 -20.82 -20.51 -26.20
N SER D 344 -20.36 -21.08 -25.08
CA SER D 344 -19.99 -22.48 -24.92
C SER D 344 -20.75 -23.48 -25.79
N LEU D 345 -22.02 -23.61 -25.43
CA LEU D 345 -23.10 -24.44 -25.96
C LEU D 345 -23.50 -25.14 -24.66
N ASP D 346 -24.02 -26.36 -24.67
CA ASP D 346 -24.32 -26.98 -23.38
C ASP D 346 -24.64 -28.46 -23.54
N TYR D 347 -24.34 -29.23 -22.49
CA TYR D 347 -24.73 -30.63 -22.53
C TYR D 347 -26.25 -30.74 -22.54
N ASP D 348 -26.93 -29.73 -21.99
CA ASP D 348 -28.37 -29.74 -21.91
C ASP D 348 -29.00 -29.67 -23.30
N GLN D 349 -28.43 -28.87 -24.19
CA GLN D 349 -28.96 -28.70 -25.55
C GLN D 349 -28.41 -29.82 -26.42
N GLU D 350 -29.22 -30.85 -26.61
CA GLU D 350 -28.86 -31.99 -27.42
C GLU D 350 -29.30 -31.73 -28.86
N ASN D 351 -28.64 -32.41 -29.78
CA ASN D 351 -28.96 -32.29 -31.20
C ASN D 351 -28.84 -30.84 -31.67
N THR D 352 -27.80 -30.16 -31.18
CA THR D 352 -27.48 -28.78 -31.58
C THR D 352 -26.08 -28.75 -32.21
N VAL D 353 -26.01 -28.46 -33.50
CA VAL D 353 -24.76 -28.45 -34.24
C VAL D 353 -24.27 -27.02 -34.38
N ARG D 354 -22.95 -26.84 -34.49
CA ARG D 354 -22.32 -25.54 -34.71
C ARG D 354 -21.62 -25.55 -36.06
N VAL D 355 -21.91 -24.55 -36.86
CA VAL D 355 -21.35 -24.43 -38.20
C VAL D 355 -20.22 -23.40 -38.18
N LEU D 356 -19.05 -23.80 -38.69
CA LEU D 356 -17.92 -22.88 -38.84
C LEU D 356 -17.63 -22.77 -40.34
N TYR D 357 -18.12 -21.70 -40.98
CA TYR D 357 -18.08 -21.54 -42.44
C TYR D 357 -17.23 -20.33 -42.80
N ILE D 358 -16.06 -20.54 -43.40
CA ILE D 358 -15.19 -19.45 -43.85
C ILE D 358 -15.38 -19.23 -45.34
N HIS D 359 -15.56 -17.97 -45.77
CA HIS D 359 -15.87 -17.68 -47.17
C HIS D 359 -15.06 -16.50 -47.66
N ARG D 360 -15.18 -16.25 -48.96
CA ARG D 360 -14.66 -15.03 -49.55
C ARG D 360 -15.60 -13.89 -49.23
N ASN D 361 -15.04 -12.70 -48.96
CA ASN D 361 -15.86 -11.57 -48.51
C ASN D 361 -16.53 -10.91 -49.72
N VAL D 362 -17.53 -11.62 -50.24
CA VAL D 362 -18.26 -11.17 -51.43
C VAL D 362 -19.75 -11.21 -51.14
N PRO D 363 -20.55 -10.27 -51.65
CA PRO D 363 -21.99 -10.22 -51.30
C PRO D 363 -22.77 -11.47 -51.74
N GLY D 364 -23.88 -11.74 -51.04
CA GLY D 364 -24.78 -12.84 -51.35
C GLY D 364 -24.47 -14.17 -50.68
N VAL D 365 -23.30 -14.28 -50.00
CA VAL D 365 -22.89 -15.53 -49.36
C VAL D 365 -23.88 -15.93 -48.27
N LEU D 366 -24.36 -14.95 -47.52
CA LEU D 366 -25.31 -15.23 -46.47
C LEU D 366 -26.70 -15.56 -47.03
N LYS D 367 -27.06 -14.99 -48.18
CA LYS D 367 -28.29 -15.43 -48.85
C LYS D 367 -28.19 -16.91 -49.22
N THR D 368 -27.09 -17.30 -49.87
CA THR D 368 -26.87 -18.69 -50.20
C THR D 368 -26.84 -19.56 -48.94
N VAL D 369 -26.08 -19.13 -47.93
CA VAL D 369 -25.85 -19.94 -46.75
C VAL D 369 -27.13 -20.10 -45.93
N ASN D 370 -27.80 -18.98 -45.64
CA ASN D 370 -29.02 -19.06 -44.85
C ASN D 370 -30.14 -19.76 -45.58
N ASP D 371 -30.12 -19.76 -46.92
CA ASP D 371 -31.10 -20.58 -47.62
C ASP D 371 -30.89 -22.04 -47.26
N ILE D 372 -29.63 -22.50 -47.31
CA ILE D 372 -29.26 -23.88 -47.01
C ILE D 372 -29.75 -24.30 -45.63
N LEU D 373 -29.70 -23.39 -44.67
CA LEU D 373 -30.04 -23.71 -43.30
C LEU D 373 -31.52 -23.54 -43.00
N SER D 374 -32.33 -23.16 -44.01
CA SER D 374 -33.71 -22.76 -43.73
C SER D 374 -34.53 -23.89 -43.10
N ASP D 375 -34.08 -25.14 -43.26
CA ASP D 375 -34.83 -26.27 -42.76
C ASP D 375 -34.79 -26.31 -41.24
N HIS D 376 -33.74 -25.79 -40.63
CA HIS D 376 -33.62 -25.79 -39.18
C HIS D 376 -33.47 -24.37 -38.66
N ASN D 377 -33.79 -24.22 -37.37
CA ASN D 377 -33.76 -22.94 -36.69
C ASN D 377 -32.33 -22.60 -36.23
N ILE D 378 -31.92 -21.38 -36.53
CA ILE D 378 -30.62 -20.86 -36.13
C ILE D 378 -30.79 -20.07 -34.84
N GLU D 379 -30.26 -20.57 -33.72
CA GLU D 379 -30.45 -19.83 -32.48
C GLU D 379 -29.56 -18.58 -32.47
N LYS D 380 -28.28 -18.73 -32.81
CA LYS D 380 -27.33 -17.62 -32.83
C LYS D 380 -26.43 -17.72 -34.05
N GLN D 381 -26.02 -16.57 -34.57
CA GLN D 381 -25.18 -16.52 -35.77
C GLN D 381 -24.32 -15.26 -35.72
N PHE D 382 -23.07 -15.36 -36.18
CA PHE D 382 -22.16 -14.21 -36.11
C PHE D 382 -21.15 -14.36 -37.24
N SER D 383 -20.98 -13.30 -38.02
CA SER D 383 -20.02 -13.23 -39.11
C SER D 383 -19.37 -11.85 -39.15
N ASP D 384 -18.06 -11.80 -39.43
CA ASP D 384 -17.34 -10.55 -39.65
C ASP D 384 -16.27 -10.78 -40.69
N SER D 385 -15.80 -9.70 -41.31
CA SER D 385 -14.90 -9.77 -42.45
C SER D 385 -13.60 -9.06 -42.16
N HIS D 386 -12.48 -9.74 -42.39
CA HIS D 386 -11.16 -9.12 -42.20
C HIS D 386 -10.46 -8.94 -43.54
N GLY D 387 -11.19 -8.41 -44.52
CA GLY D 387 -10.60 -8.15 -45.82
C GLY D 387 -11.32 -8.91 -46.91
N GLU D 388 -10.56 -9.63 -47.74
CA GLU D 388 -11.21 -10.44 -48.75
C GLU D 388 -11.79 -11.73 -48.17
N ILE D 389 -11.38 -12.11 -46.96
CA ILE D 389 -11.86 -13.34 -46.32
C ILE D 389 -12.82 -12.95 -45.21
N ALA D 390 -13.75 -13.85 -44.92
CA ALA D 390 -14.76 -13.63 -43.89
C ALA D 390 -15.07 -14.96 -43.21
N TYR D 391 -15.64 -14.90 -42.00
CA TYR D 391 -15.85 -16.05 -41.13
C TYR D 391 -17.23 -16.05 -40.49
N LEU D 392 -17.94 -17.17 -40.59
CA LEU D 392 -19.30 -17.26 -40.07
C LEU D 392 -19.42 -18.36 -39.05
N MET D 393 -20.08 -18.08 -37.93
CA MET D 393 -20.40 -19.05 -36.91
C MET D 393 -21.90 -19.11 -36.70
N ALA D 394 -22.43 -20.33 -36.62
CA ALA D 394 -23.86 -20.51 -36.48
C ALA D 394 -24.13 -21.68 -35.55
N ASP D 395 -25.18 -21.56 -34.76
CA ASP D 395 -25.65 -22.64 -33.91
C ASP D 395 -27.03 -23.04 -34.37
N ILE D 396 -27.17 -24.29 -34.82
CA ILE D 396 -28.42 -24.81 -35.35
C ILE D 396 -29.04 -25.82 -34.39
N SER D 397 -30.37 -25.77 -34.31
CA SER D 397 -31.18 -26.55 -33.39
C SER D 397 -31.88 -27.63 -34.19
N SER D 398 -32.20 -28.74 -33.53
CA SER D 398 -32.96 -29.85 -34.13
C SER D 398 -32.27 -30.35 -35.41
N VAL D 399 -31.04 -30.82 -35.24
CA VAL D 399 -30.27 -31.41 -36.33
C VAL D 399 -29.89 -32.85 -35.99
N ASN D 400 -29.95 -33.74 -36.99
CA ASN D 400 -29.51 -35.11 -36.83
C ASN D 400 -28.39 -35.44 -37.80
N GLN D 401 -27.53 -36.38 -37.39
CA GLN D 401 -26.40 -36.81 -38.23
C GLN D 401 -26.84 -37.13 -39.65
N SER D 402 -28.08 -37.61 -39.81
CA SER D 402 -28.66 -37.74 -41.14
C SER D 402 -28.74 -36.38 -41.82
N GLU D 403 -29.12 -35.35 -41.07
CA GLU D 403 -29.24 -34.04 -41.69
C GLU D 403 -27.86 -33.42 -41.84
N ILE D 404 -26.95 -33.74 -40.91
CA ILE D 404 -25.63 -33.12 -40.87
C ILE D 404 -24.85 -33.39 -42.15
N LYS D 405 -24.95 -34.61 -42.67
CA LYS D 405 -24.20 -34.94 -43.89
C LYS D 405 -24.62 -34.05 -45.04
N ASP D 406 -25.94 -33.90 -45.23
CA ASP D 406 -26.44 -33.05 -46.31
C ASP D 406 -25.95 -31.62 -46.15
N ILE D 407 -26.02 -31.10 -44.92
CA ILE D 407 -25.66 -29.71 -44.62
C ILE D 407 -24.20 -29.47 -44.96
N TYR D 408 -23.32 -30.40 -44.59
CA TYR D 408 -21.92 -30.23 -44.94
C TYR D 408 -21.73 -30.34 -46.45
N GLU D 409 -22.42 -31.30 -47.07
CA GLU D 409 -22.33 -31.49 -48.52
C GLU D 409 -22.84 -30.26 -49.26
N LYS D 410 -24.00 -29.74 -48.85
CA LYS D 410 -24.50 -28.52 -49.47
C LYS D 410 -23.54 -27.35 -49.25
N LEU D 411 -23.08 -27.15 -48.00
CA LEU D 411 -22.18 -26.03 -47.71
C LEU D 411 -20.86 -26.16 -48.45
N ASN D 412 -20.28 -27.38 -48.50
CA ASN D 412 -19.00 -27.57 -49.17
C ASN D 412 -19.09 -27.25 -50.65
N GLN D 413 -20.29 -27.31 -51.22
CA GLN D 413 -20.54 -27.07 -52.62
C GLN D 413 -20.77 -25.59 -52.98
N THR D 414 -20.69 -24.66 -52.02
CA THR D 414 -21.05 -23.27 -52.30
C THR D 414 -19.99 -22.58 -53.17
N SER D 415 -20.41 -21.56 -53.90
CA SER D 415 -19.43 -20.75 -54.63
C SER D 415 -18.66 -19.90 -53.63
N ALA D 416 -17.36 -19.72 -53.87
CA ALA D 416 -16.53 -18.85 -53.02
C ALA D 416 -16.62 -19.23 -51.53
N LYS D 417 -16.98 -20.47 -51.21
CA LYS D 417 -16.80 -21.05 -49.87
C LYS D 417 -15.40 -21.65 -49.81
N VAL D 418 -14.65 -21.31 -48.76
CA VAL D 418 -13.28 -21.78 -48.60
C VAL D 418 -13.15 -22.92 -47.58
N SER D 419 -13.85 -22.88 -46.44
CA SER D 419 -13.77 -24.02 -45.54
C SER D 419 -15.06 -24.22 -44.76
N ILE D 420 -15.39 -25.48 -44.47
CA ILE D 420 -16.61 -25.83 -43.75
C ILE D 420 -16.23 -26.74 -42.58
N ARG D 421 -16.90 -26.56 -41.43
CA ARG D 421 -16.64 -27.38 -40.24
C ARG D 421 -17.91 -27.55 -39.41
N LEU D 422 -18.05 -28.71 -38.77
CA LEU D 422 -19.20 -29.00 -37.92
C LEU D 422 -18.74 -29.42 -36.53
N LEU D 423 -19.57 -29.17 -35.50
CA LEU D 423 -19.16 -29.53 -34.14
C LEU D 423 -19.84 -30.79 -33.61
N TYR D 424 -21.17 -30.82 -33.61
CA TYR D 424 -21.93 -31.91 -32.96
C TYR D 424 -21.58 -31.97 -31.48
N UNK E 1 -21.61 23.69 -0.10
CA UNK E 1 -21.04 22.37 -0.34
C UNK E 1 -22.07 21.25 -0.07
N UNK E 2 -21.62 20.07 0.41
CA UNK E 2 -22.47 18.88 0.65
C UNK E 2 -22.92 18.27 -0.66
N UNK E 3 -21.96 18.05 -1.57
CA UNK E 3 -22.24 17.56 -2.91
C UNK E 3 -22.01 16.05 -3.00
N UNK E 4 -22.66 15.42 -3.98
CA UNK E 4 -22.38 14.01 -4.21
C UNK E 4 -20.96 13.90 -4.78
N UNK E 5 -20.16 13.01 -4.21
CA UNK E 5 -18.78 12.85 -4.65
C UNK E 5 -18.71 12.59 -6.16
N UNK E 6 -17.61 12.99 -6.78
CA UNK E 6 -17.44 12.78 -8.21
C UNK E 6 -17.55 11.29 -8.58
N UNK E 7 -17.80 10.99 -9.86
CA UNK E 7 -17.99 9.62 -10.34
C UNK E 7 -16.64 8.97 -10.70
N UNK E 8 -16.65 7.64 -10.78
CA UNK E 8 -15.44 6.85 -11.08
C UNK E 8 -14.28 7.18 -10.13
N UNK F 1 14.98 -24.60 -6.94
CA UNK F 1 14.28 -23.51 -7.64
C UNK F 1 13.56 -23.99 -8.94
N UNK F 2 12.43 -23.36 -9.28
CA UNK F 2 11.65 -23.70 -10.46
C UNK F 2 10.81 -22.48 -10.87
N UNK F 3 9.94 -22.66 -11.88
CA UNK F 3 9.20 -21.55 -12.48
C UNK F 3 8.01 -21.11 -11.63
N UNK F 4 8.02 -19.86 -11.16
CA UNK F 4 6.91 -19.23 -10.45
C UNK F 4 5.63 -19.30 -11.30
N UNK F 5 4.47 -19.29 -10.65
CA UNK F 5 3.22 -19.31 -11.41
C UNK F 5 2.30 -18.16 -10.96
N UNK F 6 1.57 -17.59 -11.93
CA UNK F 6 0.63 -16.49 -11.69
C UNK F 6 -0.82 -16.93 -11.89
N UNK F 7 -1.74 -16.13 -11.36
CA UNK F 7 -3.17 -16.39 -11.44
C UNK F 7 -3.76 -15.73 -12.69
N UNK F 8 -4.96 -16.18 -13.06
CA UNK F 8 -5.70 -15.69 -14.23
C UNK F 8 -5.54 -14.20 -14.52
N UNK G 1 17.70 23.21 -20.83
CA UNK G 1 18.46 22.39 -21.79
C UNK G 1 19.56 21.58 -21.08
N UNK G 2 20.78 22.10 -21.08
CA UNK G 2 21.86 21.39 -20.42
C UNK G 2 21.61 21.40 -18.92
N UNK G 3 21.27 20.22 -18.36
CA UNK G 3 20.98 20.02 -16.94
C UNK G 3 22.09 19.18 -16.30
N UNK G 4 21.83 18.66 -15.10
CA UNK G 4 22.80 17.75 -14.48
C UNK G 4 22.08 16.85 -13.49
N UNK G 5 22.59 15.64 -13.32
CA UNK G 5 21.97 14.71 -12.40
C UNK G 5 22.55 14.92 -11.01
N UNK G 6 21.71 14.80 -9.98
CA UNK G 6 22.15 14.98 -8.60
C UNK G 6 21.15 14.32 -7.65
N UNK G 7 21.57 14.12 -6.40
CA UNK G 7 20.81 13.41 -5.37
C UNK G 7 19.83 14.31 -4.62
N UNK G 8 18.85 13.69 -3.94
CA UNK G 8 17.88 14.47 -3.12
C UNK G 8 17.83 14.04 -1.66
PA NAD H . -23.23 -10.70 -6.27
O1A NAD H . -23.94 -11.50 -7.25
O2A NAD H . -22.17 -9.75 -6.75
O5B NAD H . -22.60 -11.63 -5.12
C5B NAD H . -23.21 -12.79 -4.52
C4B NAD H . -22.13 -13.75 -4.10
O4B NAD H . -22.69 -14.76 -3.22
C3B NAD H . -21.46 -14.50 -5.27
O3B NAD H . -20.03 -14.50 -5.25
C2B NAD H . -21.92 -15.95 -5.07
O2B NAD H . -20.88 -16.85 -5.43
C1B NAD H . -22.09 -16.00 -3.57
N9A NAD H . -22.93 -17.08 -3.08
C8A NAD H . -24.05 -17.60 -3.69
N7A NAD H . -24.68 -18.49 -2.98
C5A NAD H . -23.93 -18.57 -1.82
C6A NAD H . -24.13 -19.28 -0.62
N6A NAD H . -25.11 -20.17 -0.42
N1A NAD H . -23.25 -19.07 0.39
C2A NAD H . -22.24 -18.22 0.18
N3A NAD H . -21.94 -17.52 -0.91
C4A NAD H . -22.84 -17.72 -1.87
O3 NAD H . -24.28 -9.76 -5.56
PN NAD H . -23.90 -8.46 -4.71
O1N NAD H . -23.83 -7.30 -5.62
O2N NAD H . -22.72 -8.85 -3.91
O5D NAD H . -25.14 -8.30 -3.71
C5D NAD H . -25.24 -9.26 -2.64
C4D NAD H . -26.65 -9.18 -2.10
O4D NAD H . -26.89 -7.90 -1.49
C3D NAD H . -27.76 -9.37 -3.12
O3D NAD H . -28.69 -10.25 -2.51
C2D NAD H . -28.29 -7.94 -3.33
O2D NAD H . -29.63 -7.81 -3.79
C1D NAD H . -28.13 -7.40 -1.91
N1N NAD H . -28.14 -5.91 -1.80
C2N NAD H . -28.72 -5.37 -0.72
C3N NAD H . -28.91 -4.00 -0.65
C7N NAD H . -29.55 -3.42 0.57
O7N NAD H . -30.48 -2.63 0.42
N7N NAD H . -29.14 -3.83 1.76
C4N NAD H . -28.48 -3.22 -1.70
C5N NAD H . -27.88 -3.80 -2.80
C6N NAD H . -27.70 -5.16 -2.83
P PI I . -33.90 -18.02 -36.71
O1 PI I . -34.43 -17.81 -38.15
O2 PI I . -33.32 -19.40 -36.56
O3 PI I . -33.18 -16.80 -36.07
O4 PI I . -35.34 -18.07 -35.66
PA NAD J . -2.27 15.78 21.38
O1A NAD J . -1.76 16.76 22.34
O2A NAD J . -1.36 14.66 20.74
O5B NAD J . -2.80 16.58 20.10
C5B NAD J . -3.48 17.83 20.26
C4B NAD J . -3.07 18.63 19.05
O4B NAD J . -3.93 19.78 18.93
C3B NAD J . -1.63 19.16 19.09
O3B NAD J . -0.88 18.75 17.96
C2B NAD J . -1.81 20.68 19.17
O2B NAD J . -0.90 21.33 18.31
C1B NAD J . -3.15 20.86 18.49
N9A NAD J . -3.85 22.08 18.87
C8A NAD J . -3.94 22.60 20.13
N7A NAD J . -4.73 23.64 20.23
C5A NAD J . -5.19 23.83 18.93
C6A NAD J . -6.01 24.80 18.35
N6A NAD J . -6.48 25.86 19.00
N1A NAD J . -6.24 24.72 17.02
C2A NAD J . -5.65 23.74 16.33
N3A NAD J . -4.83 22.78 16.75
C4A NAD J . -4.64 22.87 18.08
O3 NAD J . -3.48 15.06 22.15
PN NAD J . -4.33 13.76 21.83
O1N NAD J . -3.72 12.59 22.48
O2N NAD J . -4.56 13.74 20.37
O5D NAD J . -5.74 14.08 22.48
C5D NAD J . -6.49 15.08 21.79
C4D NAD J . -7.61 15.48 22.70
O4D NAD J . -8.53 14.38 22.85
C3D NAD J . -7.20 15.86 24.13
O3D NAD J . -7.93 17.01 24.49
C2D NAD J . -7.60 14.62 24.94
O2D NAD J . -7.99 14.90 26.28
C1D NAD J . -8.86 14.21 24.19
N1N NAD J . -9.22 12.77 24.42
C2N NAD J . -10.51 12.44 24.56
C3N NAD J . -10.87 11.13 24.75
C7N NAD J . -12.33 10.78 24.88
O7N NAD J . -12.68 9.99 25.74
N7N NAD J . -13.17 11.34 24.03
C4N NAD J . -9.88 10.17 24.82
C5N NAD J . -8.55 10.54 24.67
C6N NAD J . -8.23 11.85 24.46
P PI K . 21.30 22.37 43.60
O1 PI K . 20.70 20.95 42.68
O2 PI K . 21.89 23.23 42.51
O3 PI K . 19.92 22.77 44.10
O4 PI K . 22.37 21.97 44.64
PA NAD L . 22.91 -3.88 12.03
O1A NAD L . 23.68 -3.93 13.28
O2A NAD L . 21.76 -2.89 11.90
O5B NAD L . 22.19 -5.27 11.61
C5B NAD L . 22.88 -6.50 11.83
C4B NAD L . 21.82 -7.52 12.14
O4B NAD L . 22.39 -8.84 12.17
C3B NAD L . 21.10 -7.31 13.48
O3B NAD L . 19.71 -7.48 13.19
C2B NAD L . 21.62 -8.47 14.32
O2B NAD L . 20.64 -8.90 15.26
C1B NAD L . 21.83 -9.54 13.27
N9A NAD L . 22.77 -10.59 13.61
C8A NAD L . 23.99 -10.42 14.23
N7A NAD L . 24.71 -11.50 14.28
C5A NAD L . 23.92 -12.47 13.66
C6A NAD L . 24.13 -13.83 13.38
N6A NAD L . 25.23 -14.51 13.73
N1A NAD L . 23.15 -14.49 12.73
C2A NAD L . 22.03 -13.83 12.41
N3A NAD L . 21.72 -12.55 12.63
C4A NAD L . 22.72 -11.91 13.26
O3 NAD L . 23.96 -3.53 10.90
PN NAD L . 23.63 -3.04 9.41
O1N NAD L . 23.66 -1.56 9.30
O2N NAD L . 22.40 -3.76 9.01
O5D NAD L . 24.88 -3.61 8.62
C5D NAD L . 24.97 -5.03 8.39
C4D NAD L . 26.36 -5.39 7.95
O4D NAD L . 26.66 -4.85 6.64
C3D NAD L . 27.48 -4.88 8.88
O3D NAD L . 28.38 -5.95 9.14
C2D NAD L . 28.11 -3.74 8.06
O2D NAD L . 29.50 -3.57 8.31
C1D NAD L . 27.94 -4.29 6.64
N1N NAD L . 28.02 -3.24 5.61
C2N NAD L . 28.62 -3.45 4.41
C3N NAD L . 28.82 -2.45 3.51
C7N NAD L . 29.44 -2.72 2.17
O7N NAD L . 30.28 -1.93 1.71
N7N NAD L . 29.03 -3.79 1.51
C4N NAD L . 28.40 -1.16 3.85
C5N NAD L . 27.78 -0.93 5.07
C6N NAD L . 27.59 -1.98 5.91
P PI M . 33.81 11.36 40.69
O1 PI M . 32.97 12.06 39.29
O2 PI M . 34.70 10.46 39.81
O3 PI M . 34.44 12.55 41.40
O4 PI M . 32.84 10.66 41.61
PA NAD N . 2.40 -1.81 -26.48
O1A NAD N . 1.77 -1.89 -27.79
O2A NAD N . 1.53 -2.39 -25.33
O5B NAD N . 2.83 -0.30 -25.99
C5B NAD N . 3.47 0.63 -26.89
C4B NAD N . 3.10 2.04 -26.50
O4B NAD N . 3.93 2.98 -27.22
C3B NAD N . 1.65 2.44 -26.79
O3B NAD N . 1.01 2.86 -25.60
C2B NAD N . 1.78 3.53 -27.88
O2B NAD N . 0.78 4.55 -27.73
C1B NAD N . 3.16 4.10 -27.57
N9A NAD N . 3.82 4.77 -28.70
C8A NAD N . 3.72 4.40 -30.01
N7A NAD N . 4.43 5.14 -30.82
C5A NAD N . 5.05 6.06 -29.98
C6A NAD N . 5.96 7.10 -30.22
N6A NAD N . 6.39 7.45 -31.43
N1A NAD N . 6.40 7.80 -29.15
C2A NAD N . 5.94 7.48 -27.94
N3A NAD N . 5.07 6.54 -27.60
C4A NAD N . 4.65 5.84 -28.66
O3 NAD N . 3.66 -2.78 -26.58
PN NAD N . 4.41 -3.54 -25.38
O1N NAD N . 3.83 -4.89 -25.23
O2N NAD N . 4.40 -2.60 -24.22
O5D NAD N . 5.88 -3.65 -25.96
C5D NAD N . 6.72 -2.49 -26.12
C4D NAD N . 7.83 -2.86 -27.06
O4D NAD N . 8.77 -3.76 -26.43
C3D NAD N . 7.33 -3.59 -28.31
O3D NAD N . 7.90 -3.07 -29.50
C2D NAD N . 7.74 -5.04 -28.06
O2D NAD N . 7.89 -5.84 -29.23
C1D NAD N . 9.05 -4.83 -27.30
N1N NAD N . 9.43 -6.05 -26.50
C2N NAD N . 10.72 -6.41 -26.46
C3N NAD N . 11.09 -7.61 -25.87
C7N NAD N . 12.53 -8.02 -25.82
O7N NAD N . 12.82 -9.20 -26.00
N7N NAD N . 13.43 -7.09 -25.51
C4N NAD N . 10.09 -8.42 -25.34
C5N NAD N . 8.77 -8.01 -25.38
C6N NAD N . 8.45 -6.80 -25.96
P PI O . -21.17 -10.99 -47.26
O1 PI O . -21.50 -12.28 -48.42
O2 PI O . -20.23 -10.11 -48.08
O3 PI O . -22.63 -10.51 -47.16
O4 PI O . -20.47 -11.61 -46.01
#